data_2MF4
#
_entry.id   2MF4
#
_entity_poly.entity_id   1
_entity_poly.type   'polypeptide(L)'
_entity_poly.pdbx_seq_one_letter_code
;GPGSAGRQEEIAEEVARLLAGVLYLEPDRLDPEETFLTLGVDSILGVEFVAAVNAAYPVGVKATALYDHPTPAAFARHIA
ESLGA
;
_entity_poly.pdbx_strand_id   A
#
# COMPACT_ATOMS: atom_id res chain seq x y z
N GLY A 1 13.89 5.12 12.93
CA GLY A 1 15.20 5.43 12.32
C GLY A 1 15.86 4.20 11.71
N PRO A 2 17.20 4.22 11.52
CA PRO A 2 17.94 3.14 10.85
C PRO A 2 17.84 1.76 11.53
N GLY A 3 17.61 1.71 12.84
CA GLY A 3 17.39 0.45 13.58
C GLY A 3 16.07 -0.28 13.27
N SER A 4 15.15 0.37 12.54
CA SER A 4 13.85 -0.17 12.13
C SER A 4 13.84 -0.73 10.70
N ALA A 5 14.99 -0.76 10.02
CA ALA A 5 15.14 -1.25 8.65
C ALA A 5 14.90 -2.76 8.53
N GLY A 6 14.25 -3.18 7.43
CA GLY A 6 13.89 -4.57 7.15
C GLY A 6 12.80 -4.70 6.09
N ARG A 7 12.10 -5.84 6.09
CA ARG A 7 11.08 -6.19 5.08
C ARG A 7 9.84 -5.29 5.08
N GLN A 8 9.61 -4.49 6.13
CA GLN A 8 8.60 -3.43 6.13
C GLN A 8 8.80 -2.44 4.96
N GLU A 9 10.05 -2.11 4.63
CA GLU A 9 10.41 -1.22 3.51
C GLU A 9 10.21 -1.91 2.15
N GLU A 10 10.51 -3.21 2.04
CA GLU A 10 10.35 -3.96 0.78
C GLU A 10 8.87 -4.18 0.44
N ILE A 11 8.04 -4.45 1.46
CA ILE A 11 6.58 -4.54 1.32
C ILE A 11 5.99 -3.17 0.93
N ALA A 12 6.49 -2.07 1.51
CA ALA A 12 6.07 -0.71 1.15
C ALA A 12 6.47 -0.31 -0.27
N GLU A 13 7.66 -0.69 -0.74
CA GLU A 13 8.08 -0.46 -2.14
C GLU A 13 7.26 -1.30 -3.14
N GLU A 14 6.89 -2.54 -2.81
CA GLU A 14 6.05 -3.37 -3.69
C GLU A 14 4.61 -2.84 -3.76
N VAL A 15 4.04 -2.38 -2.63
CA VAL A 15 2.76 -1.65 -2.59
C VAL A 15 2.82 -0.39 -3.46
N ALA A 16 3.88 0.41 -3.34
CA ALA A 16 4.06 1.64 -4.12
C ALA A 16 4.19 1.37 -5.63
N ARG A 17 4.77 0.22 -6.01
CA ARG A 17 4.85 -0.24 -7.41
C ARG A 17 3.49 -0.69 -7.93
N LEU A 18 2.77 -1.53 -7.18
CA LEU A 18 1.52 -2.15 -7.64
C LEU A 18 0.34 -1.17 -7.62
N LEU A 19 0.30 -0.21 -6.69
CA LEU A 19 -0.75 0.80 -6.59
C LEU A 19 -0.75 1.75 -7.79
N ALA A 20 0.42 2.21 -8.23
CA ALA A 20 0.52 3.21 -9.28
C ALA A 20 -0.16 2.73 -10.58
N GLY A 21 -0.17 1.42 -10.83
CA GLY A 21 -0.85 0.79 -11.98
C GLY A 21 -2.39 0.76 -11.88
N VAL A 22 -2.95 0.83 -10.66
CA VAL A 22 -4.41 0.95 -10.43
C VAL A 22 -4.88 2.39 -10.60
N LEU A 23 -4.03 3.36 -10.24
CA LEU A 23 -4.28 4.80 -10.38
C LEU A 23 -3.95 5.34 -11.79
N TYR A 24 -3.55 4.47 -12.72
CA TYR A 24 -3.10 4.81 -14.08
C TYR A 24 -1.97 5.86 -14.10
N LEU A 25 -1.07 5.75 -13.11
CA LEU A 25 0.12 6.56 -12.87
C LEU A 25 1.39 5.72 -13.08
N GLU A 26 2.55 6.24 -12.68
CA GLU A 26 3.83 5.51 -12.65
C GLU A 26 4.50 5.65 -11.26
N PRO A 27 5.28 4.66 -10.78
CA PRO A 27 5.95 4.72 -9.48
C PRO A 27 7.04 5.81 -9.38
N ASP A 28 7.47 6.39 -10.52
CA ASP A 28 8.31 7.59 -10.58
C ASP A 28 7.56 8.89 -10.25
N ARG A 29 6.23 8.90 -10.36
CA ARG A 29 5.34 10.04 -10.04
C ARG A 29 4.76 9.96 -8.64
N LEU A 30 4.54 8.76 -8.12
CA LEU A 30 4.07 8.47 -6.75
C LEU A 30 5.21 8.63 -5.73
N ASP A 31 4.87 9.07 -4.52
CA ASP A 31 5.72 9.03 -3.33
C ASP A 31 5.05 8.25 -2.18
N PRO A 32 5.76 7.38 -1.45
CA PRO A 32 5.15 6.51 -0.43
C PRO A 32 4.77 7.23 0.88
N GLU A 33 5.33 8.41 1.14
CA GLU A 33 5.02 9.24 2.32
C GLU A 33 3.80 10.15 2.13
N GLU A 34 3.33 10.33 0.90
CA GLU A 34 2.16 11.13 0.54
C GLU A 34 0.85 10.31 0.63
N THR A 35 -0.27 10.98 0.87
CA THR A 35 -1.56 10.33 1.17
C THR A 35 -2.25 9.74 -0.05
N PHE A 36 -3.11 8.74 0.14
CA PHE A 36 -3.96 8.18 -0.89
C PHE A 36 -4.82 9.25 -1.59
N LEU A 37 -5.23 10.30 -0.89
CA LEU A 37 -6.01 11.42 -1.42
C LEU A 37 -5.24 12.23 -2.46
N THR A 38 -3.96 12.57 -2.20
CA THR A 38 -3.13 13.33 -3.16
C THR A 38 -2.53 12.45 -4.26
N LEU A 39 -2.38 11.14 -4.01
CA LEU A 39 -2.05 10.13 -5.02
C LEU A 39 -3.19 9.90 -6.04
N GLY A 40 -4.44 10.27 -5.69
CA GLY A 40 -5.61 10.19 -6.58
C GLY A 40 -6.53 8.98 -6.38
N VAL A 41 -6.45 8.32 -5.22
CA VAL A 41 -7.34 7.20 -4.82
C VAL A 41 -8.76 7.71 -4.54
N ASP A 42 -9.74 6.90 -4.95
CA ASP A 42 -11.14 6.95 -4.48
C ASP A 42 -11.58 5.50 -4.19
N SER A 43 -12.74 5.29 -3.57
CA SER A 43 -13.17 3.99 -3.01
C SER A 43 -13.09 2.83 -4.00
N ILE A 44 -13.43 3.03 -5.28
CA ILE A 44 -13.37 2.01 -6.33
C ILE A 44 -11.91 1.62 -6.62
N LEU A 45 -11.00 2.60 -6.74
CA LEU A 45 -9.57 2.36 -6.96
C LEU A 45 -8.91 1.72 -5.72
N GLY A 46 -9.41 2.04 -4.51
CA GLY A 46 -9.06 1.36 -3.26
C GLY A 46 -9.39 -0.14 -3.33
N VAL A 47 -10.64 -0.51 -3.61
CA VAL A 47 -11.07 -1.92 -3.73
C VAL A 47 -10.27 -2.69 -4.79
N GLU A 48 -10.01 -2.08 -5.95
CA GLU A 48 -9.21 -2.66 -7.03
C GLU A 48 -7.74 -2.94 -6.63
N PHE A 49 -7.10 -2.00 -5.94
CA PHE A 49 -5.74 -2.17 -5.40
C PHE A 49 -5.70 -3.26 -4.32
N VAL A 50 -6.70 -3.31 -3.44
CA VAL A 50 -6.78 -4.29 -2.35
C VAL A 50 -7.00 -5.71 -2.88
N ALA A 51 -7.77 -5.88 -3.95
CA ALA A 51 -7.90 -7.16 -4.66
C ALA A 51 -6.55 -7.64 -5.25
N ALA A 52 -5.72 -6.72 -5.78
CA ALA A 52 -4.39 -7.02 -6.29
C ALA A 52 -3.36 -7.31 -5.16
N VAL A 53 -3.46 -6.62 -4.02
CA VAL A 53 -2.65 -6.88 -2.82
C VAL A 53 -2.91 -8.27 -2.26
N ASN A 54 -4.17 -8.72 -2.15
CA ASN A 54 -4.50 -10.04 -1.63
C ASN A 54 -4.05 -11.20 -2.54
N ALA A 55 -3.71 -10.95 -3.80
CA ALA A 55 -3.05 -11.90 -4.70
C ALA A 55 -1.51 -11.96 -4.50
N ALA A 56 -0.89 -10.87 -4.01
CA ALA A 56 0.56 -10.77 -3.76
C ALA A 56 0.95 -11.10 -2.30
N TYR A 57 0.03 -10.90 -1.35
CA TYR A 57 0.21 -11.06 0.10
C TYR A 57 -1.04 -11.70 0.71
N PRO A 58 -0.95 -12.88 1.36
CA PRO A 58 -2.09 -13.64 1.87
C PRO A 58 -2.65 -13.12 3.22
N VAL A 59 -2.82 -11.80 3.34
CA VAL A 59 -3.28 -11.11 4.57
C VAL A 59 -4.79 -11.19 4.81
N GLY A 60 -5.59 -11.30 3.75
CA GLY A 60 -7.06 -11.28 3.81
C GLY A 60 -7.65 -9.89 4.08
N VAL A 61 -6.92 -8.82 3.75
CA VAL A 61 -7.24 -7.43 4.13
C VAL A 61 -8.40 -6.87 3.30
N LYS A 62 -9.30 -6.14 3.97
CA LYS A 62 -10.51 -5.53 3.38
C LYS A 62 -10.26 -4.07 2.95
N ALA A 63 -11.14 -3.55 2.09
CA ALA A 63 -11.06 -2.18 1.58
C ALA A 63 -11.26 -1.09 2.66
N THR A 64 -11.65 -1.46 3.89
CA THR A 64 -11.63 -0.56 5.06
C THR A 64 -10.22 -0.14 5.48
N ALA A 65 -9.17 -0.90 5.15
CA ALA A 65 -7.79 -0.52 5.43
C ALA A 65 -7.32 0.70 4.60
N LEU A 66 -7.93 0.94 3.43
CA LEU A 66 -7.72 2.12 2.57
C LEU A 66 -8.43 3.38 3.11
N TYR A 67 -9.36 3.21 4.04
CA TYR A 67 -10.00 4.28 4.82
C TYR A 67 -9.28 4.49 6.17
N ASP A 68 -8.80 3.41 6.81
CA ASP A 68 -8.17 3.44 8.13
C ASP A 68 -6.70 3.92 8.11
N HIS A 69 -5.96 3.61 7.04
CA HIS A 69 -4.60 4.10 6.79
C HIS A 69 -4.60 5.27 5.79
N PRO A 70 -3.86 6.36 6.06
CA PRO A 70 -3.79 7.53 5.18
C PRO A 70 -2.83 7.39 3.98
N THR A 71 -1.79 6.55 4.10
CA THR A 71 -0.69 6.43 3.12
C THR A 71 -0.43 4.97 2.71
N PRO A 72 0.19 4.73 1.53
CA PRO A 72 0.63 3.39 1.14
C PRO A 72 1.67 2.81 2.11
N ALA A 73 2.50 3.64 2.75
CA ALA A 73 3.45 3.19 3.77
C ALA A 73 2.78 2.70 5.06
N ALA A 74 1.74 3.40 5.55
CA ALA A 74 0.98 2.98 6.73
C ALA A 74 0.19 1.69 6.45
N PHE A 75 -0.41 1.58 5.26
CA PHE A 75 -1.08 0.36 4.81
C PHE A 75 -0.10 -0.83 4.66
N ALA A 76 1.11 -0.60 4.12
CA ALA A 76 2.14 -1.61 4.00
C ALA A 76 2.70 -2.08 5.36
N ARG A 77 2.76 -1.20 6.37
CA ARG A 77 3.11 -1.57 7.76
C ARG A 77 2.09 -2.52 8.38
N HIS A 78 0.80 -2.37 8.08
CA HIS A 78 -0.24 -3.36 8.45
C HIS A 78 0.05 -4.74 7.81
N ILE A 79 0.28 -4.79 6.49
CA ILE A 79 0.67 -6.03 5.79
C ILE A 79 1.92 -6.65 6.43
N ALA A 80 2.96 -5.86 6.68
CA ALA A 80 4.22 -6.32 7.24
C ALA A 80 4.07 -6.84 8.68
N GLU A 81 3.20 -6.25 9.51
CA GLU A 81 2.87 -6.78 10.84
C GLU A 81 2.00 -8.05 10.77
N SER A 82 1.20 -8.23 9.71
CA SER A 82 0.40 -9.45 9.47
C SER A 82 1.28 -10.63 9.03
N LEU A 83 2.33 -10.37 8.24
CA LEU A 83 3.35 -11.36 7.84
C LEU A 83 4.47 -11.56 8.90
N GLY A 84 4.66 -10.58 9.79
CA GLY A 84 5.69 -10.59 10.84
C GLY A 84 7.07 -10.07 10.42
N ALA A 85 7.15 -9.34 9.30
CA ALA A 85 8.35 -8.71 8.70
C ALA A 85 9.61 -9.61 8.72
N GLY A 1 15.33 3.24 17.32
CA GLY A 1 16.48 3.74 16.56
C GLY A 1 16.09 4.69 15.42
N PRO A 2 17.00 4.98 14.47
CA PRO A 2 16.78 5.95 13.39
C PRO A 2 15.68 5.58 12.37
N GLY A 3 15.33 4.29 12.27
CA GLY A 3 14.29 3.77 11.36
C GLY A 3 13.88 2.32 11.66
N SER A 4 12.80 1.85 11.02
CA SER A 4 12.17 0.54 11.25
C SER A 4 12.67 -0.49 10.24
N ALA A 5 13.99 -0.74 10.21
CA ALA A 5 14.63 -1.64 9.25
C ALA A 5 14.15 -3.10 9.38
N GLY A 6 13.85 -3.72 8.24
CA GLY A 6 13.19 -5.02 8.12
C GLY A 6 12.37 -5.10 6.83
N ARG A 7 11.62 -6.19 6.64
CA ARG A 7 10.85 -6.47 5.39
C ARG A 7 9.79 -5.41 5.03
N GLN A 8 9.43 -4.55 5.99
CA GLN A 8 8.63 -3.34 5.78
C GLN A 8 9.11 -2.52 4.57
N GLU A 9 10.43 -2.41 4.35
CA GLU A 9 11.01 -1.58 3.29
C GLU A 9 10.79 -2.15 1.87
N GLU A 10 10.70 -3.48 1.71
CA GLU A 10 10.39 -4.10 0.41
C GLU A 10 8.87 -4.26 0.20
N ILE A 11 8.10 -4.49 1.27
CA ILE A 11 6.63 -4.56 1.24
C ILE A 11 6.06 -3.19 0.85
N ALA A 12 6.56 -2.09 1.42
CA ALA A 12 6.14 -0.72 1.08
C ALA A 12 6.53 -0.29 -0.34
N GLU A 13 7.72 -0.68 -0.82
CA GLU A 13 8.13 -0.42 -2.22
C GLU A 13 7.29 -1.21 -3.23
N GLU A 14 6.93 -2.47 -2.94
CA GLU A 14 6.11 -3.27 -3.84
C GLU A 14 4.65 -2.80 -3.87
N VAL A 15 4.10 -2.39 -2.72
CA VAL A 15 2.81 -1.67 -2.64
C VAL A 15 2.83 -0.38 -3.47
N ALA A 16 3.88 0.45 -3.34
CA ALA A 16 4.02 1.68 -4.10
C ALA A 16 4.12 1.44 -5.63
N ARG A 17 4.70 0.30 -6.04
CA ARG A 17 4.76 -0.13 -7.45
C ARG A 17 3.42 -0.64 -7.97
N LEU A 18 2.73 -1.51 -7.21
CA LEU A 18 1.49 -2.15 -7.66
C LEU A 18 0.31 -1.18 -7.60
N LEU A 19 0.28 -0.24 -6.64
CA LEU A 19 -0.76 0.80 -6.54
C LEU A 19 -0.73 1.73 -7.75
N ALA A 20 0.45 2.20 -8.15
CA ALA A 20 0.57 3.15 -9.26
C ALA A 20 -0.08 2.59 -10.56
N GLY A 21 -0.03 1.28 -10.76
CA GLY A 21 -0.68 0.59 -11.89
C GLY A 21 -2.21 0.58 -11.83
N VAL A 22 -2.82 0.69 -10.63
CA VAL A 22 -4.27 0.85 -10.43
C VAL A 22 -4.70 2.30 -10.65
N LEU A 23 -3.85 3.26 -10.27
CA LEU A 23 -4.06 4.70 -10.50
C LEU A 23 -3.70 5.15 -11.93
N TYR A 24 -3.31 4.21 -12.80
CA TYR A 24 -2.87 4.45 -14.19
C TYR A 24 -1.70 5.44 -14.30
N LEU A 25 -0.81 5.38 -13.30
CA LEU A 25 0.33 6.26 -13.05
C LEU A 25 1.65 5.49 -13.11
N GLU A 26 2.78 6.20 -13.15
CA GLU A 26 4.12 5.62 -12.94
C GLU A 26 4.55 5.77 -11.46
N PRO A 27 5.24 4.79 -10.86
CA PRO A 27 5.72 4.87 -9.47
C PRO A 27 6.78 5.97 -9.24
N ASP A 28 7.39 6.49 -10.32
CA ASP A 28 8.26 7.68 -10.32
C ASP A 28 7.50 8.98 -9.95
N ARG A 29 6.20 9.05 -10.24
CA ARG A 29 5.32 10.21 -9.95
C ARG A 29 4.67 10.15 -8.56
N LEU A 30 4.67 8.97 -7.94
CA LEU A 30 4.15 8.69 -6.59
C LEU A 30 5.26 8.88 -5.52
N ASP A 31 4.85 9.27 -4.31
CA ASP A 31 5.68 9.28 -3.09
C ASP A 31 5.00 8.46 -1.98
N PRO A 32 5.74 7.60 -1.24
CA PRO A 32 5.13 6.71 -0.23
C PRO A 32 4.71 7.43 1.05
N GLU A 33 5.25 8.62 1.31
CA GLU A 33 4.92 9.47 2.47
C GLU A 33 3.65 10.32 2.28
N GLU A 34 3.18 10.47 1.04
CA GLU A 34 1.98 11.24 0.68
C GLU A 34 0.69 10.38 0.75
N THR A 35 -0.45 11.03 0.96
CA THR A 35 -1.73 10.36 1.21
C THR A 35 -2.34 9.74 -0.04
N PHE A 36 -3.16 8.69 0.13
CA PHE A 36 -3.95 8.09 -0.94
C PHE A 36 -4.80 9.12 -1.69
N LEU A 37 -5.32 10.14 -1.00
CA LEU A 37 -6.13 11.21 -1.58
C LEU A 37 -5.36 12.08 -2.59
N THR A 38 -4.12 12.47 -2.28
CA THR A 38 -3.27 13.28 -3.20
C THR A 38 -2.59 12.42 -4.29
N LEU A 39 -2.42 11.12 -4.05
CA LEU A 39 -1.99 10.12 -5.05
C LEU A 39 -3.09 9.89 -6.12
N GLY A 40 -4.36 10.12 -5.79
CA GLY A 40 -5.51 10.05 -6.73
C GLY A 40 -6.49 8.89 -6.49
N VAL A 41 -6.44 8.25 -5.32
CA VAL A 41 -7.35 7.16 -4.90
C VAL A 41 -8.75 7.72 -4.58
N ASP A 42 -9.79 6.96 -4.93
CA ASP A 42 -11.10 7.01 -4.26
C ASP A 42 -11.60 5.56 -4.00
N SER A 43 -12.81 5.40 -3.47
CA SER A 43 -13.39 4.10 -3.07
C SER A 43 -13.31 3.00 -4.14
N ILE A 44 -13.38 3.32 -5.43
CA ILE A 44 -13.29 2.34 -6.52
C ILE A 44 -11.85 1.84 -6.69
N LEU A 45 -10.89 2.77 -6.80
CA LEU A 45 -9.47 2.45 -6.98
C LEU A 45 -8.88 1.79 -5.71
N GLY A 46 -9.41 2.12 -4.53
CA GLY A 46 -9.08 1.44 -3.28
C GLY A 46 -9.41 -0.06 -3.34
N VAL A 47 -10.67 -0.42 -3.63
CA VAL A 47 -11.10 -1.84 -3.75
C VAL A 47 -10.30 -2.61 -4.80
N GLU A 48 -10.02 -1.99 -5.95
CA GLU A 48 -9.21 -2.59 -7.02
C GLU A 48 -7.77 -2.90 -6.60
N PHE A 49 -7.11 -1.97 -5.90
CA PHE A 49 -5.77 -2.16 -5.35
C PHE A 49 -5.74 -3.24 -4.26
N VAL A 50 -6.74 -3.27 -3.38
CA VAL A 50 -6.83 -4.24 -2.28
C VAL A 50 -7.07 -5.66 -2.81
N ALA A 51 -7.82 -5.80 -3.91
CA ALA A 51 -7.98 -7.07 -4.61
C ALA A 51 -6.65 -7.57 -5.23
N ALA A 52 -5.81 -6.67 -5.75
CA ALA A 52 -4.48 -7.00 -6.27
C ALA A 52 -3.47 -7.33 -5.15
N VAL A 53 -3.55 -6.63 -4.02
CA VAL A 53 -2.74 -6.88 -2.80
C VAL A 53 -3.00 -8.28 -2.25
N ASN A 54 -4.26 -8.69 -2.11
CA ASN A 54 -4.61 -10.01 -1.57
C ASN A 54 -4.19 -11.19 -2.48
N ALA A 55 -3.84 -10.93 -3.75
CA ALA A 55 -3.20 -11.91 -4.64
C ALA A 55 -1.67 -12.01 -4.45
N ALA A 56 -1.02 -10.96 -3.94
CA ALA A 56 0.43 -10.89 -3.69
C ALA A 56 0.81 -11.14 -2.21
N TYR A 57 -0.11 -10.91 -1.28
CA TYR A 57 0.05 -10.96 0.18
C TYR A 57 -1.18 -11.66 0.81
N PRO A 58 -1.03 -12.82 1.46
CA PRO A 58 -2.14 -13.65 1.96
C PRO A 58 -2.74 -13.14 3.30
N VAL A 59 -2.82 -11.81 3.48
CA VAL A 59 -3.25 -11.14 4.72
C VAL A 59 -4.76 -11.17 4.96
N GLY A 60 -5.57 -11.34 3.91
CA GLY A 60 -7.04 -11.36 3.97
C GLY A 60 -7.66 -9.99 4.28
N VAL A 61 -6.99 -8.90 3.88
CA VAL A 61 -7.33 -7.53 4.27
C VAL A 61 -8.48 -6.96 3.42
N LYS A 62 -9.43 -6.29 4.09
CA LYS A 62 -10.62 -5.67 3.46
C LYS A 62 -10.35 -4.22 3.03
N ALA A 63 -11.22 -3.68 2.18
CA ALA A 63 -11.10 -2.33 1.63
C ALA A 63 -11.25 -1.20 2.69
N THR A 64 -11.72 -1.53 3.90
CA THR A 64 -11.70 -0.60 5.06
C THR A 64 -10.29 -0.18 5.48
N ALA A 65 -9.24 -0.94 5.13
CA ALA A 65 -7.85 -0.54 5.41
C ALA A 65 -7.40 0.69 4.59
N LEU A 66 -7.98 0.93 3.41
CA LEU A 66 -7.74 2.12 2.58
C LEU A 66 -8.48 3.36 3.12
N TYR A 67 -9.44 3.17 4.02
CA TYR A 67 -10.11 4.21 4.79
C TYR A 67 -9.42 4.46 6.16
N ASP A 68 -8.89 3.41 6.79
CA ASP A 68 -8.24 3.48 8.11
C ASP A 68 -6.78 3.99 8.05
N HIS A 69 -6.02 3.59 7.02
CA HIS A 69 -4.65 4.04 6.76
C HIS A 69 -4.66 5.22 5.77
N PRO A 70 -3.95 6.33 6.05
CA PRO A 70 -3.89 7.51 5.18
C PRO A 70 -2.91 7.36 4.00
N THR A 71 -1.87 6.54 4.13
CA THR A 71 -0.73 6.44 3.19
C THR A 71 -0.44 4.98 2.77
N PRO A 72 0.18 4.76 1.60
CA PRO A 72 0.68 3.43 1.21
C PRO A 72 1.71 2.88 2.20
N ALA A 73 2.51 3.73 2.85
CA ALA A 73 3.49 3.31 3.85
C ALA A 73 2.84 2.82 5.16
N ALA A 74 1.76 3.47 5.63
CA ALA A 74 1.01 3.01 6.80
C ALA A 74 0.29 1.68 6.54
N PHE A 75 -0.35 1.55 5.36
CA PHE A 75 -1.00 0.31 4.93
C PHE A 75 -0.02 -0.86 4.71
N ALA A 76 1.14 -0.59 4.10
CA ALA A 76 2.19 -1.60 3.91
C ALA A 76 2.78 -2.09 5.24
N ARG A 77 2.85 -1.23 6.27
CA ARG A 77 3.27 -1.63 7.63
C ARG A 77 2.22 -2.50 8.33
N HIS A 78 0.92 -2.32 8.07
CA HIS A 78 -0.11 -3.29 8.47
C HIS A 78 0.13 -4.67 7.82
N ILE A 79 0.30 -4.72 6.50
CA ILE A 79 0.67 -5.97 5.78
C ILE A 79 1.93 -6.61 6.37
N ALA A 80 2.99 -5.83 6.61
CA ALA A 80 4.25 -6.32 7.16
C ALA A 80 4.11 -6.85 8.60
N GLU A 81 3.26 -6.27 9.44
CA GLU A 81 2.93 -6.82 10.77
C GLU A 81 2.08 -8.09 10.68
N SER A 82 1.23 -8.23 9.66
CA SER A 82 0.46 -9.45 9.37
C SER A 82 1.35 -10.62 8.88
N LEU A 83 2.36 -10.32 8.05
CA LEU A 83 3.40 -11.27 7.61
C LEU A 83 4.46 -11.57 8.70
N GLY A 84 4.67 -10.66 9.64
CA GLY A 84 5.67 -10.78 10.71
C GLY A 84 7.10 -10.39 10.28
N ALA A 85 7.23 -9.23 9.62
CA ALA A 85 8.49 -8.63 9.18
C ALA A 85 9.51 -8.39 10.32
N GLY A 1 11.98 5.54 9.80
CA GLY A 1 11.75 4.25 10.51
C GLY A 1 12.62 4.09 11.76
N PRO A 2 12.86 2.86 12.24
CA PRO A 2 13.59 2.57 13.49
C PRO A 2 15.11 2.85 13.48
N GLY A 3 15.68 3.26 12.33
CA GLY A 3 17.14 3.41 12.11
C GLY A 3 17.80 2.22 11.40
N SER A 4 17.03 1.19 11.03
CA SER A 4 17.46 0.04 10.20
C SER A 4 16.29 -0.51 9.39
N ALA A 5 16.59 -1.11 8.23
CA ALA A 5 15.60 -1.68 7.31
C ALA A 5 15.04 -3.03 7.77
N GLY A 6 13.92 -3.44 7.16
CA GLY A 6 13.22 -4.70 7.43
C GLY A 6 12.07 -4.94 6.44
N ARG A 7 11.20 -5.91 6.73
CA ARG A 7 10.11 -6.36 5.86
C ARG A 7 9.09 -5.28 5.51
N GLN A 8 8.92 -4.28 6.39
CA GLN A 8 8.11 -3.08 6.15
C GLN A 8 8.59 -2.29 4.92
N GLU A 9 9.90 -2.20 4.69
CA GLU A 9 10.49 -1.51 3.53
C GLU A 9 10.30 -2.34 2.25
N GLU A 10 10.49 -3.66 2.33
CA GLU A 10 10.36 -4.59 1.19
C GLU A 10 8.92 -4.63 0.67
N ILE A 11 7.94 -4.57 1.58
CA ILE A 11 6.49 -4.58 1.25
C ILE A 11 6.06 -3.19 0.76
N ALA A 12 6.54 -2.09 1.36
CA ALA A 12 6.21 -0.73 0.92
C ALA A 12 6.71 -0.42 -0.50
N GLU A 13 7.91 -0.89 -0.87
CA GLU A 13 8.43 -0.75 -2.24
C GLU A 13 7.67 -1.60 -3.28
N GLU A 14 6.99 -2.67 -2.87
CA GLU A 14 6.11 -3.42 -3.78
C GLU A 14 4.72 -2.78 -3.91
N VAL A 15 4.13 -2.36 -2.78
CA VAL A 15 2.85 -1.62 -2.71
C VAL A 15 2.90 -0.34 -3.56
N ALA A 16 3.95 0.47 -3.41
CA ALA A 16 4.11 1.73 -4.16
C ALA A 16 4.21 1.52 -5.68
N ARG A 17 4.74 0.38 -6.13
CA ARG A 17 4.82 0.03 -7.56
C ARG A 17 3.51 -0.55 -8.10
N LEU A 18 2.84 -1.41 -7.34
CA LEU A 18 1.60 -2.06 -7.77
C LEU A 18 0.40 -1.10 -7.72
N LEU A 19 0.36 -0.15 -6.76
CA LEU A 19 -0.71 0.84 -6.65
C LEU A 19 -0.73 1.81 -7.83
N ALA A 20 0.44 2.29 -8.28
CA ALA A 20 0.51 3.31 -9.32
C ALA A 20 -0.19 2.85 -10.61
N GLY A 21 -0.16 1.54 -10.90
CA GLY A 21 -0.83 0.92 -12.06
C GLY A 21 -2.36 0.86 -11.94
N VAL A 22 -2.91 0.88 -10.72
CA VAL A 22 -4.37 0.97 -10.45
C VAL A 22 -4.85 2.41 -10.58
N LEU A 23 -4.00 3.37 -10.21
CA LEU A 23 -4.24 4.82 -10.34
C LEU A 23 -3.91 5.37 -11.74
N TYR A 24 -3.54 4.49 -12.67
CA TYR A 24 -3.14 4.80 -14.06
C TYR A 24 -1.98 5.82 -14.16
N LEU A 25 -1.09 5.80 -13.16
CA LEU A 25 0.06 6.68 -12.97
C LEU A 25 1.39 5.91 -13.14
N GLU A 26 2.50 6.65 -13.28
CA GLU A 26 3.85 6.09 -13.18
C GLU A 26 4.32 6.06 -11.71
N PRO A 27 5.06 5.03 -11.26
CA PRO A 27 5.59 4.96 -9.89
C PRO A 27 6.64 6.05 -9.61
N ASP A 28 7.23 6.64 -10.65
CA ASP A 28 8.11 7.82 -10.57
C ASP A 28 7.37 9.11 -10.16
N ARG A 29 6.04 9.17 -10.36
CA ARG A 29 5.16 10.31 -10.00
C ARG A 29 4.45 10.13 -8.65
N LEU A 30 4.54 8.94 -8.04
CA LEU A 30 4.06 8.62 -6.70
C LEU A 30 5.19 8.78 -5.65
N ASP A 31 4.83 9.20 -4.43
CA ASP A 31 5.69 9.20 -3.25
C ASP A 31 5.04 8.40 -2.09
N PRO A 32 5.80 7.54 -1.37
CA PRO A 32 5.23 6.67 -0.33
C PRO A 32 4.81 7.40 0.96
N GLU A 33 5.36 8.60 1.19
CA GLU A 33 5.06 9.45 2.35
C GLU A 33 3.78 10.30 2.16
N GLU A 34 3.30 10.43 0.92
CA GLU A 34 2.08 11.19 0.57
C GLU A 34 0.81 10.33 0.65
N THR A 35 -0.33 10.98 0.92
CA THR A 35 -1.60 10.29 1.22
C THR A 35 -2.29 9.72 -0.01
N PHE A 36 -3.13 8.70 0.18
CA PHE A 36 -3.99 8.14 -0.86
C PHE A 36 -4.87 9.22 -1.54
N LEU A 37 -5.29 10.24 -0.80
CA LEU A 37 -6.11 11.35 -1.32
C LEU A 37 -5.37 12.20 -2.37
N THR A 38 -4.10 12.55 -2.14
CA THR A 38 -3.27 13.32 -3.10
C THR A 38 -2.65 12.45 -4.21
N LEU A 39 -2.49 11.15 -3.96
CA LEU A 39 -2.14 10.13 -4.98
C LEU A 39 -3.28 9.90 -6.00
N GLY A 40 -4.53 10.24 -5.65
CA GLY A 40 -5.69 10.16 -6.54
C GLY A 40 -6.59 8.93 -6.33
N VAL A 41 -6.52 8.28 -5.18
CA VAL A 41 -7.38 7.15 -4.79
C VAL A 41 -8.82 7.63 -4.51
N ASP A 42 -9.78 6.83 -4.94
CA ASP A 42 -11.19 6.86 -4.49
C ASP A 42 -11.62 5.41 -4.22
N SER A 43 -12.78 5.17 -3.60
CA SER A 43 -13.18 3.86 -3.05
C SER A 43 -13.07 2.70 -4.05
N ILE A 44 -13.42 2.91 -5.33
CA ILE A 44 -13.33 1.90 -6.39
C ILE A 44 -11.86 1.52 -6.68
N LEU A 45 -10.97 2.52 -6.77
CA LEU A 45 -9.52 2.31 -6.97
C LEU A 45 -8.88 1.67 -5.73
N GLY A 46 -9.39 1.99 -4.53
CA GLY A 46 -9.02 1.32 -3.29
C GLY A 46 -9.31 -0.19 -3.35
N VAL A 47 -10.57 -0.57 -3.63
CA VAL A 47 -10.97 -1.99 -3.74
C VAL A 47 -10.16 -2.74 -4.80
N GLU A 48 -9.91 -2.13 -5.96
CA GLU A 48 -9.12 -2.72 -7.04
C GLU A 48 -7.65 -2.99 -6.66
N PHE A 49 -7.00 -2.06 -5.95
CA PHE A 49 -5.64 -2.24 -5.44
C PHE A 49 -5.60 -3.31 -4.35
N VAL A 50 -6.58 -3.34 -3.46
CA VAL A 50 -6.66 -4.31 -2.36
C VAL A 50 -6.91 -5.74 -2.86
N ALA A 51 -7.68 -5.90 -3.94
CA ALA A 51 -7.85 -7.19 -4.61
C ALA A 51 -6.52 -7.71 -5.22
N ALA A 52 -5.69 -6.83 -5.78
CA ALA A 52 -4.36 -7.17 -6.29
C ALA A 52 -3.33 -7.48 -5.18
N VAL A 53 -3.42 -6.76 -4.05
CA VAL A 53 -2.61 -6.98 -2.84
C VAL A 53 -2.87 -8.35 -2.23
N ASN A 54 -4.14 -8.77 -2.10
CA ASN A 54 -4.49 -10.08 -1.52
C ASN A 54 -4.00 -11.28 -2.36
N ALA A 55 -3.71 -11.07 -3.66
CA ALA A 55 -3.07 -12.08 -4.52
C ALA A 55 -1.53 -12.17 -4.31
N ALA A 56 -0.90 -11.09 -3.86
CA ALA A 56 0.55 -11.02 -3.57
C ALA A 56 0.91 -11.34 -2.11
N TYR A 57 0.01 -11.01 -1.17
CA TYR A 57 0.18 -11.13 0.28
C TYR A 57 -1.10 -11.70 0.92
N PRO A 58 -1.08 -12.88 1.56
CA PRO A 58 -2.27 -13.60 2.02
C PRO A 58 -2.82 -13.09 3.37
N VAL A 59 -2.96 -11.77 3.51
CA VAL A 59 -3.44 -11.09 4.74
C VAL A 59 -4.96 -11.17 4.95
N GLY A 60 -5.74 -11.29 3.87
CA GLY A 60 -7.21 -11.28 3.91
C GLY A 60 -7.80 -9.89 4.19
N VAL A 61 -7.09 -8.82 3.81
CA VAL A 61 -7.43 -7.42 4.15
C VAL A 61 -8.52 -6.86 3.23
N LYS A 62 -9.44 -6.07 3.80
CA LYS A 62 -10.57 -5.43 3.10
C LYS A 62 -10.29 -3.96 2.80
N ALA A 63 -11.10 -3.35 1.93
CA ALA A 63 -10.93 -1.97 1.47
C ALA A 63 -11.14 -0.89 2.56
N THR A 64 -11.60 -1.27 3.77
CA THR A 64 -11.58 -0.42 4.97
C THR A 64 -10.16 -0.03 5.41
N ALA A 65 -9.12 -0.82 5.09
CA ALA A 65 -7.73 -0.46 5.39
C ALA A 65 -7.23 0.74 4.57
N LEU A 66 -7.80 0.98 3.38
CA LEU A 66 -7.53 2.16 2.53
C LEU A 66 -8.22 3.44 3.04
N TYR A 67 -9.19 3.29 3.94
CA TYR A 67 -9.82 4.36 4.71
C TYR A 67 -9.11 4.56 6.08
N ASP A 68 -8.69 3.48 6.73
CA ASP A 68 -8.11 3.50 8.08
C ASP A 68 -6.62 3.92 8.11
N HIS A 69 -5.84 3.59 7.06
CA HIS A 69 -4.48 4.05 6.84
C HIS A 69 -4.46 5.22 5.84
N PRO A 70 -3.73 6.32 6.11
CA PRO A 70 -3.67 7.49 5.24
C PRO A 70 -2.73 7.34 4.02
N THR A 71 -1.69 6.50 4.12
CA THR A 71 -0.58 6.40 3.14
C THR A 71 -0.33 4.95 2.70
N PRO A 72 0.28 4.72 1.52
CA PRO A 72 0.74 3.39 1.11
C PRO A 72 1.78 2.80 2.08
N ALA A 73 2.61 3.63 2.72
CA ALA A 73 3.56 3.19 3.73
C ALA A 73 2.89 2.69 5.02
N ALA A 74 1.85 3.37 5.51
CA ALA A 74 1.09 2.93 6.69
C ALA A 74 0.30 1.64 6.42
N PHE A 75 -0.28 1.51 5.22
CA PHE A 75 -0.93 0.28 4.77
C PHE A 75 0.05 -0.89 4.60
N ALA A 76 1.25 -0.63 4.05
CA ALA A 76 2.32 -1.63 3.95
C ALA A 76 2.83 -2.11 5.32
N ARG A 77 2.86 -1.23 6.34
CA ARG A 77 3.20 -1.61 7.72
C ARG A 77 2.18 -2.57 8.33
N HIS A 78 0.88 -2.37 8.06
CA HIS A 78 -0.17 -3.33 8.46
C HIS A 78 0.08 -4.72 7.86
N ILE A 79 0.28 -4.80 6.54
CA ILE A 79 0.63 -6.06 5.85
C ILE A 79 1.90 -6.71 6.44
N ALA A 80 2.97 -5.94 6.63
CA ALA A 80 4.23 -6.42 7.18
C ALA A 80 4.09 -7.00 8.59
N GLU A 81 3.34 -6.33 9.47
CA GLU A 81 3.05 -6.80 10.83
C GLU A 81 2.12 -8.02 10.84
N SER A 82 1.26 -8.16 9.82
CA SER A 82 0.43 -9.36 9.61
C SER A 82 1.27 -10.57 9.15
N LEU A 83 2.31 -10.34 8.35
CA LEU A 83 3.18 -11.38 7.79
C LEU A 83 4.32 -11.83 8.73
N GLY A 84 4.93 -10.92 9.50
CA GLY A 84 5.97 -11.29 10.48
C GLY A 84 6.95 -10.19 10.97
N ALA A 85 6.76 -8.93 10.59
CA ALA A 85 7.63 -7.81 10.98
C ALA A 85 7.59 -7.52 12.51
N GLY A 1 19.53 -7.53 11.43
CA GLY A 1 20.58 -6.49 11.65
C GLY A 1 20.16 -5.46 12.70
N PRO A 2 21.12 -4.64 13.19
CA PRO A 2 20.88 -3.65 14.26
C PRO A 2 20.17 -2.37 13.78
N GLY A 3 20.13 -2.10 12.47
CA GLY A 3 19.42 -0.97 11.86
C GLY A 3 17.90 -1.15 11.74
N SER A 4 17.26 -0.31 10.92
CA SER A 4 15.80 -0.31 10.67
C SER A 4 15.38 -1.15 9.46
N ALA A 5 16.33 -1.84 8.82
CA ALA A 5 16.12 -2.65 7.63
C ALA A 5 15.39 -3.98 7.93
N GLY A 6 14.61 -4.47 6.96
CA GLY A 6 13.79 -5.68 7.05
C GLY A 6 12.73 -5.72 5.94
N ARG A 7 11.88 -6.74 5.95
CA ARG A 7 10.86 -6.97 4.90
C ARG A 7 9.82 -5.85 4.77
N GLN A 8 9.70 -5.00 5.78
CA GLN A 8 8.91 -3.76 5.76
C GLN A 8 9.25 -2.88 4.55
N GLU A 9 10.54 -2.82 4.17
CA GLU A 9 11.00 -2.05 3.01
C GLU A 9 10.47 -2.60 1.68
N GLU A 10 10.55 -3.91 1.44
CA GLU A 10 10.11 -4.50 0.17
C GLU A 10 8.58 -4.55 0.04
N ILE A 11 7.86 -4.71 1.16
CA ILE A 11 6.39 -4.63 1.20
C ILE A 11 5.93 -3.21 0.86
N ALA A 12 6.55 -2.18 1.44
CA ALA A 12 6.24 -0.78 1.13
C ALA A 12 6.58 -0.38 -0.31
N GLU A 13 7.73 -0.82 -0.84
CA GLU A 13 8.10 -0.57 -2.23
C GLU A 13 7.21 -1.32 -3.24
N GLU A 14 6.79 -2.55 -2.96
CA GLU A 14 5.91 -3.31 -3.85
C GLU A 14 4.48 -2.76 -3.86
N VAL A 15 3.96 -2.35 -2.69
CA VAL A 15 2.70 -1.58 -2.59
C VAL A 15 2.77 -0.30 -3.43
N ALA A 16 3.85 0.49 -3.31
CA ALA A 16 4.02 1.73 -4.07
C ALA A 16 4.11 1.48 -5.59
N ARG A 17 4.68 0.35 -6.02
CA ARG A 17 4.73 -0.07 -7.43
C ARG A 17 3.36 -0.53 -7.95
N LEU A 18 2.68 -1.42 -7.23
CA LEU A 18 1.43 -2.03 -7.67
C LEU A 18 0.25 -1.04 -7.60
N LEU A 19 0.24 -0.12 -6.62
CA LEU A 19 -0.79 0.92 -6.52
C LEU A 19 -0.74 1.88 -7.70
N ALA A 20 0.44 2.34 -8.10
CA ALA A 20 0.58 3.28 -9.20
C ALA A 20 -0.06 2.74 -10.49
N GLY A 21 0.00 1.41 -10.70
CA GLY A 21 -0.65 0.71 -11.83
C GLY A 21 -2.18 0.67 -11.77
N VAL A 22 -2.78 0.77 -10.57
CA VAL A 22 -4.24 0.88 -10.38
C VAL A 22 -4.72 2.31 -10.59
N LEU A 23 -3.89 3.29 -10.20
CA LEU A 23 -4.13 4.73 -10.43
C LEU A 23 -3.72 5.19 -11.84
N TYR A 24 -3.32 4.26 -12.71
CA TYR A 24 -2.88 4.50 -14.09
C TYR A 24 -1.71 5.50 -14.22
N LEU A 25 -0.85 5.52 -13.20
CA LEU A 25 0.31 6.40 -13.01
C LEU A 25 1.63 5.60 -13.08
N GLU A 26 2.77 6.28 -13.14
CA GLU A 26 4.09 5.67 -12.94
C GLU A 26 4.53 5.79 -11.46
N PRO A 27 5.20 4.79 -10.87
CA PRO A 27 5.67 4.85 -9.48
C PRO A 27 6.79 5.88 -9.26
N ASP A 28 7.40 6.40 -10.34
CA ASP A 28 8.30 7.57 -10.32
C ASP A 28 7.58 8.88 -9.95
N ARG A 29 6.28 9.01 -10.25
CA ARG A 29 5.44 10.19 -9.98
C ARG A 29 4.82 10.16 -8.58
N LEU A 30 4.60 8.96 -8.04
CA LEU A 30 4.10 8.70 -6.68
C LEU A 30 5.21 8.89 -5.63
N ASP A 31 4.83 9.31 -4.42
CA ASP A 31 5.65 9.32 -3.20
C ASP A 31 4.95 8.51 -2.08
N PRO A 32 5.65 7.62 -1.35
CA PRO A 32 5.02 6.72 -0.38
C PRO A 32 4.61 7.41 0.95
N GLU A 33 5.16 8.59 1.22
CA GLU A 33 4.84 9.39 2.42
C GLU A 33 3.62 10.32 2.22
N GLU A 34 3.13 10.45 0.98
CA GLU A 34 1.95 11.25 0.63
C GLU A 34 0.66 10.42 0.70
N THR A 35 -0.47 11.08 0.93
CA THR A 35 -1.76 10.44 1.19
C THR A 35 -2.39 9.81 -0.06
N PHE A 36 -3.23 8.80 0.14
CA PHE A 36 -4.07 8.21 -0.91
C PHE A 36 -4.93 9.27 -1.63
N LEU A 37 -5.38 10.31 -0.92
CA LEU A 37 -6.18 11.41 -1.46
C LEU A 37 -5.40 12.26 -2.49
N THR A 38 -4.12 12.59 -2.23
CA THR A 38 -3.29 13.37 -3.17
C THR A 38 -2.62 12.51 -4.25
N LEU A 39 -2.49 11.20 -4.03
CA LEU A 39 -2.09 10.19 -5.03
C LEU A 39 -3.19 9.94 -6.08
N GLY A 40 -4.46 10.21 -5.76
CA GLY A 40 -5.61 10.14 -6.68
C GLY A 40 -6.52 8.92 -6.47
N VAL A 41 -6.49 8.30 -5.29
CA VAL A 41 -7.38 7.18 -4.90
C VAL A 41 -8.80 7.69 -4.63
N ASP A 42 -9.78 6.98 -5.19
CA ASP A 42 -11.18 6.93 -4.73
C ASP A 42 -11.56 5.49 -4.36
N SER A 43 -12.72 5.28 -3.74
CA SER A 43 -13.15 3.98 -3.17
C SER A 43 -13.06 2.79 -4.14
N ILE A 44 -13.40 2.98 -5.42
CA ILE A 44 -13.30 1.95 -6.47
C ILE A 44 -11.84 1.57 -6.73
N LEU A 45 -10.94 2.55 -6.82
CA LEU A 45 -9.51 2.33 -7.02
C LEU A 45 -8.86 1.71 -5.77
N GLY A 46 -9.35 2.04 -4.58
CA GLY A 46 -9.02 1.37 -3.33
C GLY A 46 -9.34 -0.14 -3.38
N VAL A 47 -10.60 -0.50 -3.65
CA VAL A 47 -11.02 -1.92 -3.77
C VAL A 47 -10.22 -2.70 -4.81
N GLU A 48 -9.94 -2.10 -5.96
CA GLU A 48 -9.11 -2.70 -7.03
C GLU A 48 -7.65 -2.96 -6.60
N PHE A 49 -7.03 -2.00 -5.89
CA PHE A 49 -5.69 -2.16 -5.34
C PHE A 49 -5.66 -3.24 -4.24
N VAL A 50 -6.68 -3.29 -3.38
CA VAL A 50 -6.78 -4.26 -2.29
C VAL A 50 -6.99 -5.67 -2.82
N ALA A 51 -7.76 -5.84 -3.91
CA ALA A 51 -7.88 -7.13 -4.59
C ALA A 51 -6.54 -7.62 -5.18
N ALA A 52 -5.69 -6.71 -5.69
CA ALA A 52 -4.35 -7.05 -6.20
C ALA A 52 -3.35 -7.34 -5.05
N VAL A 53 -3.46 -6.64 -3.93
CA VAL A 53 -2.67 -6.87 -2.71
C VAL A 53 -2.93 -8.26 -2.13
N ASN A 54 -4.19 -8.70 -2.05
CA ASN A 54 -4.55 -10.03 -1.52
C ASN A 54 -4.08 -11.19 -2.42
N ALA A 55 -3.74 -10.92 -3.69
CA ALA A 55 -3.08 -11.89 -4.58
C ALA A 55 -1.55 -11.93 -4.39
N ALA A 56 -0.94 -10.82 -3.97
CA ALA A 56 0.51 -10.69 -3.73
C ALA A 56 0.94 -11.06 -2.28
N TYR A 57 0.03 -10.87 -1.30
CA TYR A 57 0.24 -11.07 0.13
C TYR A 57 -1.02 -11.71 0.75
N PRO A 58 -0.93 -12.88 1.40
CA PRO A 58 -2.07 -13.64 1.94
C PRO A 58 -2.60 -13.10 3.29
N VAL A 59 -2.79 -11.78 3.39
CA VAL A 59 -3.23 -11.08 4.62
C VAL A 59 -4.74 -11.18 4.88
N GLY A 60 -5.54 -11.32 3.83
CA GLY A 60 -7.02 -11.31 3.91
C GLY A 60 -7.58 -9.92 4.24
N VAL A 61 -6.91 -8.85 3.83
CA VAL A 61 -7.23 -7.46 4.21
C VAL A 61 -8.42 -6.92 3.43
N LYS A 62 -9.35 -6.26 4.15
CA LYS A 62 -10.57 -5.63 3.58
C LYS A 62 -10.30 -4.21 3.10
N ALA A 63 -11.18 -3.70 2.22
CA ALA A 63 -11.07 -2.35 1.66
C ALA A 63 -11.25 -1.21 2.69
N THR A 64 -11.68 -1.52 3.92
CA THR A 64 -11.68 -0.58 5.06
C THR A 64 -10.26 -0.14 5.47
N ALA A 65 -9.21 -0.91 5.15
CA ALA A 65 -7.82 -0.50 5.41
C ALA A 65 -7.39 0.74 4.58
N LEU A 66 -8.00 0.98 3.41
CA LEU A 66 -7.77 2.16 2.56
C LEU A 66 -8.49 3.43 3.09
N TYR A 67 -9.44 3.25 4.02
CA TYR A 67 -10.07 4.32 4.81
C TYR A 67 -9.35 4.53 6.15
N ASP A 68 -8.88 3.45 6.79
CA ASP A 68 -8.23 3.49 8.11
C ASP A 68 -6.77 3.96 8.07
N HIS A 69 -6.01 3.63 7.02
CA HIS A 69 -4.66 4.11 6.77
C HIS A 69 -4.68 5.29 5.78
N PRO A 70 -3.97 6.40 6.06
CA PRO A 70 -3.92 7.58 5.19
C PRO A 70 -2.95 7.44 4.00
N THR A 71 -1.90 6.62 4.12
CA THR A 71 -0.77 6.54 3.17
C THR A 71 -0.47 5.07 2.78
N PRO A 72 0.17 4.82 1.62
CA PRO A 72 0.66 3.49 1.26
C PRO A 72 1.72 2.98 2.26
N ALA A 73 2.51 3.86 2.88
CA ALA A 73 3.48 3.48 3.92
C ALA A 73 2.83 3.03 5.24
N ALA A 74 1.70 3.63 5.64
CA ALA A 74 0.91 3.16 6.79
C ALA A 74 0.21 1.82 6.49
N PHE A 75 -0.38 1.68 5.30
CA PHE A 75 -1.01 0.44 4.85
C PHE A 75 -0.01 -0.74 4.70
N ALA A 76 1.19 -0.47 4.17
CA ALA A 76 2.26 -1.48 4.05
C ALA A 76 2.77 -1.98 5.41
N ARG A 77 2.74 -1.15 6.46
CA ARG A 77 3.08 -1.56 7.83
C ARG A 77 2.04 -2.51 8.44
N HIS A 78 0.75 -2.36 8.13
CA HIS A 78 -0.28 -3.36 8.49
C HIS A 78 0.03 -4.73 7.84
N ILE A 79 0.28 -4.77 6.52
CA ILE A 79 0.69 -6.00 5.82
C ILE A 79 1.96 -6.60 6.45
N ALA A 80 2.98 -5.79 6.71
CA ALA A 80 4.25 -6.26 7.27
C ALA A 80 4.12 -6.81 8.71
N GLU A 81 3.23 -6.24 9.53
CA GLU A 81 2.90 -6.79 10.85
C GLU A 81 2.05 -8.08 10.77
N SER A 82 1.21 -8.21 9.73
CA SER A 82 0.41 -9.42 9.47
C SER A 82 1.27 -10.61 9.01
N LEU A 83 2.31 -10.34 8.21
CA LEU A 83 3.33 -11.34 7.82
C LEU A 83 4.42 -11.54 8.89
N GLY A 84 4.61 -10.57 9.80
CA GLY A 84 5.66 -10.55 10.82
C GLY A 84 7.06 -10.17 10.32
N ALA A 85 7.16 -9.63 9.08
CA ALA A 85 8.37 -9.21 8.38
C ALA A 85 9.55 -10.22 8.47
N GLY A 1 22.71 7.73 7.24
CA GLY A 1 21.33 7.29 7.53
C GLY A 1 21.23 6.49 8.82
N PRO A 2 20.01 6.26 9.34
CA PRO A 2 19.76 5.61 10.63
C PRO A 2 19.97 4.08 10.62
N GLY A 3 19.93 3.43 9.45
CA GLY A 3 20.09 1.97 9.32
C GLY A 3 18.92 1.16 9.90
N SER A 4 17.72 1.75 9.95
CA SER A 4 16.50 1.20 10.57
C SER A 4 15.60 0.40 9.61
N ALA A 5 16.05 0.20 8.37
CA ALA A 5 15.31 -0.48 7.32
C ALA A 5 15.13 -2.00 7.58
N GLY A 6 14.12 -2.60 6.95
CA GLY A 6 13.76 -4.03 7.07
C GLY A 6 12.62 -4.41 6.13
N ARG A 7 11.95 -5.55 6.38
CA ARG A 7 10.88 -6.07 5.51
C ARG A 7 9.65 -5.15 5.41
N GLN A 8 9.41 -4.29 6.40
CA GLN A 8 8.41 -3.20 6.32
C GLN A 8 8.64 -2.29 5.10
N GLU A 9 9.90 -2.00 4.76
CA GLU A 9 10.27 -1.18 3.60
C GLU A 9 10.19 -1.96 2.28
N GLU A 10 10.59 -3.24 2.29
CA GLU A 10 10.53 -4.14 1.12
C GLU A 10 9.09 -4.47 0.67
N ILE A 11 8.15 -4.45 1.62
CA ILE A 11 6.71 -4.57 1.37
C ILE A 11 6.13 -3.22 0.90
N ALA A 12 6.62 -2.09 1.43
CA ALA A 12 6.12 -0.75 1.08
C ALA A 12 6.49 -0.31 -0.34
N GLU A 13 7.70 -0.65 -0.81
CA GLU A 13 8.11 -0.36 -2.19
C GLU A 13 7.26 -1.09 -3.23
N GLU A 14 6.86 -2.33 -2.94
CA GLU A 14 6.07 -3.17 -3.84
C GLU A 14 4.58 -2.77 -3.86
N VAL A 15 4.04 -2.37 -2.70
CA VAL A 15 2.75 -1.68 -2.58
C VAL A 15 2.74 -0.38 -3.41
N ALA A 16 3.76 0.46 -3.28
CA ALA A 16 3.88 1.72 -4.03
C ALA A 16 3.98 1.49 -5.55
N ARG A 17 4.61 0.38 -5.98
CA ARG A 17 4.68 -0.01 -7.40
C ARG A 17 3.34 -0.53 -7.93
N LEU A 18 2.67 -1.43 -7.21
CA LEU A 18 1.42 -2.05 -7.67
C LEU A 18 0.24 -1.06 -7.62
N LEU A 19 0.21 -0.14 -6.65
CA LEU A 19 -0.81 0.91 -6.56
C LEU A 19 -0.74 1.88 -7.74
N ALA A 20 0.46 2.32 -8.15
CA ALA A 20 0.59 3.31 -9.22
C ALA A 20 -0.11 2.82 -10.52
N GLY A 21 -0.08 1.50 -10.78
CA GLY A 21 -0.75 0.87 -11.92
C GLY A 21 -2.28 0.82 -11.81
N VAL A 22 -2.85 0.85 -10.59
CA VAL A 22 -4.30 0.97 -10.35
C VAL A 22 -4.76 2.42 -10.56
N LEU A 23 -3.94 3.39 -10.17
CA LEU A 23 -4.17 4.82 -10.36
C LEU A 23 -3.78 5.32 -11.76
N TYR A 24 -3.39 4.41 -12.67
CA TYR A 24 -2.96 4.66 -14.06
C TYR A 24 -1.80 5.67 -14.18
N LEU A 25 -0.92 5.67 -13.18
CA LEU A 25 0.25 6.55 -13.02
C LEU A 25 1.55 5.73 -13.12
N GLU A 26 2.69 6.41 -13.26
CA GLU A 26 4.02 5.79 -13.12
C GLU A 26 4.47 5.77 -11.64
N PRO A 27 5.15 4.72 -11.16
CA PRO A 27 5.63 4.65 -9.78
C PRO A 27 6.75 5.65 -9.46
N ASP A 28 7.37 6.23 -10.49
CA ASP A 28 8.31 7.36 -10.37
C ASP A 28 7.62 8.69 -10.01
N ARG A 29 6.34 8.87 -10.38
CA ARG A 29 5.54 10.08 -10.12
C ARG A 29 4.82 10.04 -8.77
N LEU A 30 4.50 8.85 -8.27
CA LEU A 30 4.00 8.60 -6.91
C LEU A 30 5.13 8.75 -5.87
N ASP A 31 4.78 9.18 -4.65
CA ASP A 31 5.64 9.17 -3.46
C ASP A 31 4.99 8.36 -2.33
N PRO A 32 5.72 7.47 -1.62
CA PRO A 32 5.15 6.58 -0.60
C PRO A 32 4.79 7.28 0.73
N GLU A 33 5.36 8.47 0.96
CA GLU A 33 5.11 9.29 2.16
C GLU A 33 3.85 10.17 2.05
N GLU A 34 3.30 10.32 0.83
CA GLU A 34 2.12 11.13 0.54
C GLU A 34 0.81 10.31 0.64
N THR A 35 -0.31 10.99 0.91
CA THR A 35 -1.60 10.35 1.20
C THR A 35 -2.29 9.77 -0.04
N PHE A 36 -3.15 8.77 0.16
CA PHE A 36 -4.02 8.22 -0.89
C PHE A 36 -4.89 9.30 -1.57
N LEU A 37 -5.28 10.34 -0.82
CA LEU A 37 -6.08 11.46 -1.34
C LEU A 37 -5.32 12.29 -2.38
N THR A 38 -4.05 12.61 -2.15
CA THR A 38 -3.22 13.39 -3.09
C THR A 38 -2.62 12.52 -4.21
N LEU A 39 -2.47 11.21 -3.99
CA LEU A 39 -2.12 10.21 -5.00
C LEU A 39 -3.23 9.99 -6.05
N GLY A 40 -4.48 10.32 -5.72
CA GLY A 40 -5.64 10.26 -6.64
C GLY A 40 -6.55 9.03 -6.43
N VAL A 41 -6.49 8.40 -5.26
CA VAL A 41 -7.39 7.28 -4.87
C VAL A 41 -8.82 7.79 -4.64
N ASP A 42 -9.79 6.99 -5.04
CA ASP A 42 -11.20 7.05 -4.64
C ASP A 42 -11.66 5.60 -4.34
N SER A 43 -12.84 5.41 -3.73
CA SER A 43 -13.27 4.11 -3.18
C SER A 43 -13.14 2.92 -4.15
N ILE A 44 -13.46 3.12 -5.44
CA ILE A 44 -13.35 2.08 -6.47
C ILE A 44 -11.88 1.68 -6.70
N LEU A 45 -10.97 2.66 -6.80
CA LEU A 45 -9.53 2.43 -6.97
C LEU A 45 -8.91 1.81 -5.71
N GLY A 46 -9.43 2.13 -4.52
CA GLY A 46 -9.10 1.46 -3.27
C GLY A 46 -9.41 -0.03 -3.32
N VAL A 47 -10.66 -0.42 -3.61
CA VAL A 47 -11.09 -1.82 -3.70
C VAL A 47 -10.28 -2.60 -4.76
N GLU A 48 -10.02 -2.00 -5.91
CA GLU A 48 -9.21 -2.60 -7.00
C GLU A 48 -7.76 -2.90 -6.56
N PHE A 49 -7.10 -1.96 -5.88
CA PHE A 49 -5.76 -2.15 -5.33
C PHE A 49 -5.74 -3.25 -4.26
N VAL A 50 -6.73 -3.26 -3.36
CA VAL A 50 -6.81 -4.25 -2.27
C VAL A 50 -7.06 -5.67 -2.81
N ALA A 51 -7.82 -5.82 -3.89
CA ALA A 51 -7.98 -7.09 -4.58
C ALA A 51 -6.67 -7.59 -5.23
N ALA A 52 -5.83 -6.67 -5.75
CA ALA A 52 -4.52 -6.99 -6.30
C ALA A 52 -3.48 -7.33 -5.21
N VAL A 53 -3.56 -6.65 -4.05
CA VAL A 53 -2.72 -6.93 -2.87
C VAL A 53 -2.96 -8.32 -2.33
N ASN A 54 -4.22 -8.75 -2.17
CA ASN A 54 -4.56 -10.07 -1.63
C ASN A 54 -4.11 -11.25 -2.53
N ALA A 55 -3.78 -10.99 -3.80
CA ALA A 55 -3.18 -11.96 -4.71
C ALA A 55 -1.65 -12.08 -4.56
N ALA A 56 -0.98 -11.07 -3.98
CA ALA A 56 0.47 -11.01 -3.76
C ALA A 56 0.87 -11.22 -2.27
N TYR A 57 -0.04 -10.93 -1.34
CA TYR A 57 0.13 -10.95 0.10
C TYR A 57 -1.08 -11.66 0.76
N PRO A 58 -0.91 -12.84 1.39
CA PRO A 58 -2.01 -13.69 1.89
C PRO A 58 -2.60 -13.21 3.23
N VAL A 59 -2.80 -11.90 3.39
CA VAL A 59 -3.23 -11.25 4.64
C VAL A 59 -4.75 -11.29 4.89
N GLY A 60 -5.55 -11.41 3.82
CA GLY A 60 -7.03 -11.42 3.90
C GLY A 60 -7.63 -10.05 4.22
N VAL A 61 -6.97 -8.96 3.80
CA VAL A 61 -7.29 -7.57 4.19
C VAL A 61 -8.45 -7.00 3.36
N LYS A 62 -9.38 -6.31 4.03
CA LYS A 62 -10.57 -5.66 3.43
C LYS A 62 -10.29 -4.19 3.05
N ALA A 63 -11.13 -3.64 2.19
CA ALA A 63 -10.99 -2.27 1.67
C ALA A 63 -11.12 -1.16 2.74
N THR A 64 -11.61 -1.49 3.94
CA THR A 64 -11.59 -0.60 5.12
C THR A 64 -10.18 -0.23 5.57
N ALA A 65 -9.15 -1.03 5.30
CA ALA A 65 -7.75 -0.67 5.58
C ALA A 65 -7.26 0.51 4.71
N LEU A 66 -7.78 0.65 3.49
CA LEU A 66 -7.51 1.79 2.57
C LEU A 66 -8.25 3.07 2.98
N TYR A 67 -9.23 2.97 3.89
CA TYR A 67 -9.88 4.08 4.60
C TYR A 67 -9.18 4.40 5.94
N ASP A 68 -8.76 3.37 6.70
CA ASP A 68 -8.16 3.51 8.03
C ASP A 68 -6.69 4.00 8.01
N HIS A 69 -5.90 3.57 7.03
CA HIS A 69 -4.53 4.04 6.79
C HIS A 69 -4.52 5.22 5.82
N PRO A 70 -3.75 6.29 6.09
CA PRO A 70 -3.69 7.48 5.24
C PRO A 70 -2.76 7.35 4.02
N THR A 71 -1.72 6.50 4.10
CA THR A 71 -0.62 6.40 3.12
C THR A 71 -0.37 4.94 2.70
N PRO A 72 0.25 4.70 1.51
CA PRO A 72 0.69 3.36 1.11
C PRO A 72 1.74 2.78 2.08
N ALA A 73 2.59 3.63 2.69
CA ALA A 73 3.56 3.21 3.70
C ALA A 73 2.87 2.71 4.99
N ALA A 74 1.84 3.41 5.50
CA ALA A 74 1.08 2.97 6.68
C ALA A 74 0.29 1.68 6.42
N PHE A 75 -0.33 1.55 5.23
CA PHE A 75 -1.00 0.33 4.81
C PHE A 75 -0.02 -0.86 4.66
N ALA A 76 1.17 -0.63 4.11
CA ALA A 76 2.22 -1.64 4.01
C ALA A 76 2.74 -2.11 5.39
N ARG A 77 2.78 -1.23 6.40
CA ARG A 77 3.12 -1.60 7.79
C ARG A 77 2.09 -2.54 8.42
N HIS A 78 0.80 -2.41 8.09
CA HIS A 78 -0.22 -3.40 8.46
C HIS A 78 0.07 -4.77 7.84
N ILE A 79 0.31 -4.84 6.52
CA ILE A 79 0.69 -6.09 5.83
C ILE A 79 1.95 -6.70 6.46
N ALA A 80 2.97 -5.89 6.73
CA ALA A 80 4.23 -6.32 7.32
C ALA A 80 4.07 -6.88 8.75
N GLU A 81 3.16 -6.33 9.56
CA GLU A 81 2.80 -6.87 10.88
C GLU A 81 1.97 -8.16 10.79
N SER A 82 1.20 -8.33 9.71
CA SER A 82 0.44 -9.56 9.41
C SER A 82 1.36 -10.71 8.94
N LEU A 83 2.37 -10.40 8.13
CA LEU A 83 3.42 -11.33 7.68
C LEU A 83 4.48 -11.63 8.77
N GLY A 84 4.66 -10.74 9.74
CA GLY A 84 5.67 -10.86 10.80
C GLY A 84 7.08 -10.44 10.36
N ALA A 85 7.18 -9.26 9.71
CA ALA A 85 8.42 -8.63 9.22
C ALA A 85 9.57 -8.60 10.24
N GLY A 1 7.27 6.61 15.62
CA GLY A 1 8.37 6.50 14.63
C GLY A 1 7.82 6.20 13.23
N PRO A 2 8.44 6.74 12.16
CA PRO A 2 7.96 6.60 10.78
C PRO A 2 8.11 5.17 10.22
N GLY A 3 9.10 4.42 10.71
CA GLY A 3 9.34 3.01 10.33
C GLY A 3 10.71 2.51 10.81
N SER A 4 11.08 1.30 10.39
CA SER A 4 12.41 0.70 10.61
C SER A 4 12.78 -0.25 9.45
N ALA A 5 14.07 -0.44 9.23
CA ALA A 5 14.59 -1.27 8.15
C ALA A 5 14.27 -2.76 8.33
N GLY A 6 13.80 -3.42 7.27
CA GLY A 6 13.34 -4.81 7.25
C GLY A 6 12.26 -5.02 6.20
N ARG A 7 11.40 -6.02 6.40
CA ARG A 7 10.31 -6.41 5.48
C ARG A 7 9.30 -5.28 5.20
N GLN A 8 9.16 -4.31 6.11
CA GLN A 8 8.36 -3.09 5.90
C GLN A 8 8.76 -2.34 4.62
N GLU A 9 10.04 -2.29 4.30
CA GLU A 9 10.58 -1.61 3.11
C GLU A 9 10.34 -2.43 1.83
N GLU A 10 10.52 -3.76 1.93
CA GLU A 10 10.27 -4.69 0.81
C GLU A 10 8.79 -4.68 0.39
N ILE A 11 7.88 -4.63 1.37
CA ILE A 11 6.44 -4.58 1.16
C ILE A 11 5.99 -3.19 0.68
N ALA A 12 6.54 -2.10 1.25
CA ALA A 12 6.22 -0.73 0.82
C ALA A 12 6.63 -0.45 -0.64
N GLU A 13 7.77 -0.95 -1.10
CA GLU A 13 8.18 -0.80 -2.51
C GLU A 13 7.32 -1.64 -3.48
N GLU A 14 6.79 -2.79 -3.07
CA GLU A 14 5.83 -3.56 -3.86
C GLU A 14 4.46 -2.88 -3.92
N VAL A 15 3.96 -2.40 -2.78
CA VAL A 15 2.70 -1.63 -2.66
C VAL A 15 2.74 -0.38 -3.52
N ALA A 16 3.80 0.42 -3.44
CA ALA A 16 3.95 1.66 -4.20
C ALA A 16 3.96 1.42 -5.73
N ARG A 17 4.54 0.30 -6.18
CA ARG A 17 4.59 -0.08 -7.60
C ARG A 17 3.25 -0.65 -8.10
N LEU A 18 2.59 -1.51 -7.32
CA LEU A 18 1.32 -2.12 -7.71
C LEU A 18 0.16 -1.10 -7.65
N LEU A 19 0.17 -0.17 -6.69
CA LEU A 19 -0.82 0.91 -6.61
C LEU A 19 -0.71 1.87 -7.79
N ALA A 20 0.51 2.24 -8.19
CA ALA A 20 0.69 3.18 -9.30
C ALA A 20 0.06 2.64 -10.59
N GLY A 21 0.05 1.32 -10.79
CA GLY A 21 -0.61 0.64 -11.90
C GLY A 21 -2.15 0.65 -11.84
N VAL A 22 -2.74 0.74 -10.63
CA VAL A 22 -4.19 0.88 -10.42
C VAL A 22 -4.64 2.33 -10.66
N LEU A 23 -3.83 3.31 -10.26
CA LEU A 23 -4.09 4.74 -10.44
C LEU A 23 -3.65 5.28 -11.83
N TYR A 24 -3.19 4.40 -12.72
CA TYR A 24 -2.69 4.70 -14.07
C TYR A 24 -1.54 5.74 -14.07
N LEU A 25 -0.70 5.68 -13.04
CA LEU A 25 0.42 6.58 -12.72
C LEU A 25 1.77 5.84 -12.79
N GLU A 26 2.87 6.58 -12.65
CA GLU A 26 4.22 6.02 -12.52
C GLU A 26 4.67 5.99 -11.05
N PRO A 27 5.44 4.97 -10.61
CA PRO A 27 5.93 4.89 -9.22
C PRO A 27 6.95 5.98 -8.87
N ASP A 28 7.50 6.70 -9.87
CA ASP A 28 8.33 7.91 -9.70
C ASP A 28 7.51 9.21 -9.58
N ARG A 29 6.24 9.22 -10.01
CA ARG A 29 5.27 10.33 -9.85
C ARG A 29 4.47 10.22 -8.56
N LEU A 30 4.19 8.99 -8.12
CA LEU A 30 3.75 8.67 -6.76
C LEU A 30 4.89 8.92 -5.74
N ASP A 31 4.54 9.27 -4.50
CA ASP A 31 5.44 9.29 -3.34
C ASP A 31 4.84 8.46 -2.18
N PRO A 32 5.65 7.64 -1.46
CA PRO A 32 5.14 6.72 -0.44
C PRO A 32 4.70 7.42 0.86
N GLU A 33 5.19 8.64 1.12
CA GLU A 33 4.87 9.43 2.32
C GLU A 33 3.63 10.34 2.14
N GLU A 34 3.11 10.48 0.91
CA GLU A 34 1.91 11.25 0.60
C GLU A 34 0.62 10.40 0.68
N THR A 35 -0.52 11.06 0.90
CA THR A 35 -1.80 10.39 1.16
C THR A 35 -2.41 9.76 -0.09
N PHE A 36 -3.23 8.73 0.10
CA PHE A 36 -4.03 8.12 -0.98
C PHE A 36 -4.89 9.17 -1.73
N LEU A 37 -5.41 10.18 -1.02
CA LEU A 37 -6.21 11.26 -1.60
C LEU A 37 -5.43 12.12 -2.62
N THR A 38 -4.18 12.51 -2.30
CA THR A 38 -3.35 13.32 -3.21
C THR A 38 -2.65 12.48 -4.29
N LEU A 39 -2.49 11.17 -4.07
CA LEU A 39 -2.08 10.18 -5.09
C LEU A 39 -3.18 9.92 -6.15
N GLY A 40 -4.44 10.29 -5.86
CA GLY A 40 -5.57 10.20 -6.80
C GLY A 40 -6.50 8.99 -6.60
N VAL A 41 -6.47 8.36 -5.42
CA VAL A 41 -7.36 7.26 -5.03
C VAL A 41 -8.78 7.77 -4.77
N ASP A 42 -9.77 7.07 -5.32
CA ASP A 42 -11.16 7.03 -4.84
C ASP A 42 -11.51 5.59 -4.39
N SER A 43 -12.62 5.39 -3.69
CA SER A 43 -12.98 4.11 -3.05
C SER A 43 -12.98 2.90 -4.00
N ILE A 44 -13.34 3.09 -5.27
CA ILE A 44 -13.33 2.04 -6.30
C ILE A 44 -11.89 1.61 -6.63
N LEU A 45 -10.97 2.57 -6.79
CA LEU A 45 -9.54 2.30 -7.02
C LEU A 45 -8.89 1.69 -5.77
N GLY A 46 -9.36 2.08 -4.58
CA GLY A 46 -9.02 1.41 -3.32
C GLY A 46 -9.35 -0.08 -3.35
N VAL A 47 -10.61 -0.45 -3.63
CA VAL A 47 -11.05 -1.86 -3.73
C VAL A 47 -10.25 -2.65 -4.77
N GLU A 48 -9.98 -2.06 -5.93
CA GLU A 48 -9.17 -2.68 -6.99
C GLU A 48 -7.72 -2.96 -6.56
N PHE A 49 -7.06 -2.02 -5.89
CA PHE A 49 -5.72 -2.21 -5.34
C PHE A 49 -5.71 -3.28 -4.24
N VAL A 50 -6.71 -3.29 -3.36
CA VAL A 50 -6.82 -4.27 -2.26
C VAL A 50 -7.06 -5.69 -2.76
N ALA A 51 -7.84 -5.85 -3.83
CA ALA A 51 -8.01 -7.13 -4.52
C ALA A 51 -6.69 -7.66 -5.14
N ALA A 52 -5.84 -6.75 -5.67
CA ALA A 52 -4.51 -7.09 -6.19
C ALA A 52 -3.50 -7.41 -5.07
N VAL A 53 -3.56 -6.70 -3.94
CA VAL A 53 -2.74 -6.97 -2.74
C VAL A 53 -3.02 -8.36 -2.18
N ASN A 54 -4.30 -8.76 -2.05
CA ASN A 54 -4.66 -10.08 -1.51
C ASN A 54 -4.25 -11.26 -2.42
N ALA A 55 -3.92 -11.00 -3.70
CA ALA A 55 -3.31 -11.98 -4.60
C ALA A 55 -1.77 -12.06 -4.45
N ALA A 56 -1.12 -10.99 -3.97
CA ALA A 56 0.33 -10.91 -3.76
C ALA A 56 0.77 -11.24 -2.31
N TYR A 57 -0.11 -11.02 -1.34
CA TYR A 57 0.11 -11.17 0.10
C TYR A 57 -1.14 -11.81 0.75
N PRO A 58 -1.02 -12.96 1.44
CA PRO A 58 -2.14 -13.73 1.99
C PRO A 58 -2.68 -13.17 3.33
N VAL A 59 -2.85 -11.85 3.42
CA VAL A 59 -3.27 -11.14 4.65
C VAL A 59 -4.78 -11.20 4.91
N GLY A 60 -5.60 -11.34 3.86
CA GLY A 60 -7.06 -11.32 3.95
C GLY A 60 -7.62 -9.92 4.28
N VAL A 61 -6.92 -8.85 3.87
CA VAL A 61 -7.22 -7.46 4.25
C VAL A 61 -8.41 -6.89 3.47
N LYS A 62 -9.33 -6.24 4.20
CA LYS A 62 -10.53 -5.59 3.65
C LYS A 62 -10.26 -4.17 3.14
N ALA A 63 -11.14 -3.67 2.28
CA ALA A 63 -11.03 -2.31 1.71
C ALA A 63 -11.14 -1.18 2.76
N THR A 64 -11.59 -1.49 3.98
CA THR A 64 -11.55 -0.57 5.14
C THR A 64 -10.13 -0.19 5.57
N ALA A 65 -9.09 -0.98 5.26
CA ALA A 65 -7.69 -0.61 5.52
C ALA A 65 -7.23 0.57 4.65
N LEU A 66 -7.80 0.74 3.44
CA LEU A 66 -7.58 1.88 2.55
C LEU A 66 -8.28 3.17 3.01
N TYR A 67 -9.19 3.06 3.99
CA TYR A 67 -9.81 4.17 4.72
C TYR A 67 -9.11 4.43 6.07
N ASP A 68 -8.71 3.38 6.79
CA ASP A 68 -8.09 3.45 8.12
C ASP A 68 -6.61 3.91 8.08
N HIS A 69 -5.86 3.55 7.03
CA HIS A 69 -4.50 4.02 6.77
C HIS A 69 -4.51 5.21 5.79
N PRO A 70 -3.79 6.30 6.06
CA PRO A 70 -3.75 7.50 5.21
C PRO A 70 -2.83 7.36 3.99
N THR A 71 -1.78 6.54 4.08
CA THR A 71 -0.69 6.46 3.09
C THR A 71 -0.39 5.00 2.68
N PRO A 72 0.21 4.77 1.49
CA PRO A 72 0.70 3.44 1.10
C PRO A 72 1.76 2.89 2.06
N ALA A 73 2.57 3.74 2.70
CA ALA A 73 3.53 3.31 3.72
C ALA A 73 2.88 2.82 5.02
N ALA A 74 1.82 3.49 5.50
CA ALA A 74 1.06 3.06 6.67
C ALA A 74 0.30 1.75 6.40
N PHE A 75 -0.28 1.61 5.21
CA PHE A 75 -0.91 0.36 4.75
C PHE A 75 0.11 -0.79 4.59
N ALA A 76 1.31 -0.53 4.07
CA ALA A 76 2.39 -1.51 3.99
C ALA A 76 2.88 -1.97 5.37
N ARG A 77 2.90 -1.08 6.39
CA ARG A 77 3.19 -1.45 7.78
C ARG A 77 2.16 -2.43 8.37
N HIS A 78 0.87 -2.31 8.02
CA HIS A 78 -0.15 -3.29 8.41
C HIS A 78 0.15 -4.68 7.82
N ILE A 79 0.40 -4.77 6.49
CA ILE A 79 0.81 -6.03 5.84
C ILE A 79 2.09 -6.61 6.48
N ALA A 80 3.10 -5.77 6.74
CA ALA A 80 4.36 -6.18 7.36
C ALA A 80 4.19 -6.74 8.78
N GLU A 81 3.25 -6.21 9.57
CA GLU A 81 2.90 -6.76 10.89
C GLU A 81 2.05 -8.04 10.79
N SER A 82 1.28 -8.22 9.71
CA SER A 82 0.48 -9.41 9.43
C SER A 82 1.34 -10.60 8.98
N LEU A 83 2.38 -10.35 8.17
CA LEU A 83 3.38 -11.35 7.76
C LEU A 83 4.48 -11.58 8.83
N GLY A 84 4.74 -10.58 9.68
CA GLY A 84 5.72 -10.62 10.76
C GLY A 84 7.14 -10.33 10.29
N ALA A 85 7.39 -9.06 9.96
CA ALA A 85 8.71 -8.50 9.61
C ALA A 85 9.82 -8.80 10.64
N GLY A 1 13.37 4.21 18.84
CA GLY A 1 14.71 4.66 18.42
C GLY A 1 14.80 4.84 16.90
N PRO A 2 16.03 4.97 16.35
CA PRO A 2 16.26 5.25 14.92
C PRO A 2 15.80 4.15 13.95
N GLY A 3 15.73 2.89 14.41
CA GLY A 3 15.34 1.73 13.61
C GLY A 3 16.43 1.25 12.63
N SER A 4 16.07 0.30 11.76
CA SER A 4 16.91 -0.28 10.70
C SER A 4 16.02 -0.83 9.57
N ALA A 5 16.59 -0.99 8.37
CA ALA A 5 15.90 -1.52 7.20
C ALA A 5 15.60 -3.03 7.32
N GLY A 6 14.56 -3.47 6.61
CA GLY A 6 14.09 -4.87 6.59
C GLY A 6 12.88 -5.07 5.67
N ARG A 7 12.16 -6.18 5.84
CA ARG A 7 11.05 -6.59 4.97
C ARG A 7 9.90 -5.58 4.88
N GLN A 8 9.69 -4.77 5.92
CA GLN A 8 8.70 -3.67 5.87
C GLN A 8 8.98 -2.68 4.73
N GLU A 9 10.25 -2.42 4.42
CA GLU A 9 10.66 -1.50 3.34
C GLU A 9 10.44 -2.13 1.94
N GLU A 10 10.66 -3.44 1.82
CA GLU A 10 10.42 -4.18 0.57
C GLU A 10 8.93 -4.32 0.27
N ILE A 11 8.10 -4.54 1.31
CA ILE A 11 6.64 -4.59 1.21
C ILE A 11 6.09 -3.19 0.87
N ALA A 12 6.60 -2.12 1.48
CA ALA A 12 6.23 -0.74 1.15
C ALA A 12 6.63 -0.31 -0.27
N GLU A 13 7.82 -0.70 -0.74
CA GLU A 13 8.24 -0.50 -2.13
C GLU A 13 7.31 -1.20 -3.13
N GLU A 14 6.95 -2.46 -2.88
CA GLU A 14 6.14 -3.25 -3.81
C GLU A 14 4.67 -2.79 -3.84
N VAL A 15 4.11 -2.43 -2.68
CA VAL A 15 2.81 -1.75 -2.59
C VAL A 15 2.81 -0.42 -3.38
N ALA A 16 3.83 0.41 -3.22
CA ALA A 16 3.97 1.66 -3.96
C ALA A 16 4.10 1.46 -5.48
N ARG A 17 4.69 0.34 -5.92
CA ARG A 17 4.77 -0.05 -7.34
C ARG A 17 3.44 -0.57 -7.89
N LEU A 18 2.74 -1.44 -7.15
CA LEU A 18 1.51 -2.07 -7.61
C LEU A 18 0.31 -1.09 -7.57
N LEU A 19 0.27 -0.16 -6.61
CA LEU A 19 -0.78 0.86 -6.53
C LEU A 19 -0.75 1.80 -7.73
N ALA A 20 0.43 2.26 -8.14
CA ALA A 20 0.54 3.24 -9.23
C ALA A 20 -0.11 2.71 -10.53
N GLY A 21 -0.07 1.39 -10.75
CA GLY A 21 -0.72 0.72 -11.88
C GLY A 21 -2.25 0.70 -11.82
N VAL A 22 -2.84 0.77 -10.62
CA VAL A 22 -4.31 0.90 -10.42
C VAL A 22 -4.76 2.35 -10.61
N LEU A 23 -3.92 3.31 -10.23
CA LEU A 23 -4.15 4.76 -10.42
C LEU A 23 -3.76 5.27 -11.82
N TYR A 24 -3.38 4.36 -12.72
CA TYR A 24 -2.93 4.62 -14.11
C TYR A 24 -1.77 5.61 -14.20
N LEU A 25 -0.89 5.57 -13.20
CA LEU A 25 0.26 6.45 -12.96
C LEU A 25 1.59 5.68 -13.08
N GLU A 26 2.71 6.39 -13.13
CA GLU A 26 4.05 5.79 -12.96
C GLU A 26 4.47 5.84 -11.48
N PRO A 27 5.15 4.81 -10.94
CA PRO A 27 5.63 4.83 -9.55
C PRO A 27 6.72 5.89 -9.30
N ASP A 28 7.29 6.48 -10.36
CA ASP A 28 8.21 7.63 -10.30
C ASP A 28 7.50 8.96 -9.98
N ARG A 29 6.18 9.06 -10.19
CA ARG A 29 5.35 10.24 -9.86
C ARG A 29 4.78 10.18 -8.44
N LEU A 30 4.49 8.96 -7.96
CA LEU A 30 4.04 8.65 -6.60
C LEU A 30 5.18 8.82 -5.57
N ASP A 31 4.83 9.23 -4.36
CA ASP A 31 5.68 9.17 -3.16
C ASP A 31 4.98 8.35 -2.04
N PRO A 32 5.69 7.43 -1.35
CA PRO A 32 5.05 6.52 -0.40
C PRO A 32 4.63 7.19 0.93
N GLU A 33 5.18 8.37 1.23
CA GLU A 33 4.85 9.15 2.44
C GLU A 33 3.66 10.11 2.25
N GLU A 34 3.19 10.29 1.01
CA GLU A 34 2.03 11.13 0.67
C GLU A 34 0.71 10.33 0.71
N THR A 35 -0.40 11.03 0.93
CA THR A 35 -1.70 10.39 1.21
C THR A 35 -2.37 9.80 -0.05
N PHE A 36 -3.21 8.78 0.15
CA PHE A 36 -4.05 8.20 -0.90
C PHE A 36 -4.90 9.28 -1.63
N LEU A 37 -5.32 10.32 -0.92
CA LEU A 37 -6.11 11.44 -1.47
C LEU A 37 -5.32 12.27 -2.50
N THR A 38 -4.04 12.59 -2.22
CA THR A 38 -3.18 13.36 -3.16
C THR A 38 -2.55 12.48 -4.25
N LEU A 39 -2.41 11.17 -4.01
CA LEU A 39 -2.02 10.16 -5.01
C LEU A 39 -3.11 9.91 -6.07
N GLY A 40 -4.38 10.25 -5.77
CA GLY A 40 -5.51 10.15 -6.70
C GLY A 40 -6.43 8.93 -6.50
N VAL A 41 -6.40 8.31 -5.32
CA VAL A 41 -7.28 7.20 -4.94
C VAL A 41 -8.72 7.70 -4.70
N ASP A 42 -9.69 6.89 -5.08
CA ASP A 42 -11.11 6.99 -4.68
C ASP A 42 -11.62 5.57 -4.36
N SER A 43 -12.84 5.41 -3.84
CA SER A 43 -13.38 4.15 -3.33
C SER A 43 -13.29 2.97 -4.32
N ILE A 44 -13.53 3.21 -5.61
CA ILE A 44 -13.42 2.22 -6.70
C ILE A 44 -11.96 1.75 -6.86
N LEU A 45 -11.00 2.70 -6.90
CA LEU A 45 -9.58 2.41 -7.08
C LEU A 45 -8.96 1.75 -5.84
N GLY A 46 -9.46 2.08 -4.64
CA GLY A 46 -9.08 1.41 -3.39
C GLY A 46 -9.40 -0.08 -3.42
N VAL A 47 -10.65 -0.45 -3.70
CA VAL A 47 -11.10 -1.86 -3.77
C VAL A 47 -10.30 -2.67 -4.82
N GLU A 48 -10.02 -2.09 -5.98
CA GLU A 48 -9.22 -2.72 -7.05
C GLU A 48 -7.76 -3.01 -6.63
N PHE A 49 -7.12 -2.07 -5.94
CA PHE A 49 -5.76 -2.23 -5.40
C PHE A 49 -5.73 -3.27 -4.28
N VAL A 50 -6.74 -3.30 -3.40
CA VAL A 50 -6.82 -4.26 -2.29
C VAL A 50 -7.04 -5.70 -2.79
N ALA A 51 -7.79 -5.88 -3.88
CA ALA A 51 -7.93 -7.16 -4.56
C ALA A 51 -6.59 -7.68 -5.13
N ALA A 52 -5.76 -6.80 -5.69
CA ALA A 52 -4.41 -7.14 -6.18
C ALA A 52 -3.41 -7.41 -5.03
N VAL A 53 -3.51 -6.66 -3.93
CA VAL A 53 -2.71 -6.86 -2.70
C VAL A 53 -2.97 -8.24 -2.09
N ASN A 54 -4.22 -8.69 -2.01
CA ASN A 54 -4.56 -10.01 -1.45
C ASN A 54 -4.12 -11.18 -2.35
N ALA A 55 -3.76 -10.94 -3.62
CA ALA A 55 -3.10 -11.91 -4.49
C ALA A 55 -1.57 -11.95 -4.30
N ALA A 56 -0.95 -10.83 -3.89
CA ALA A 56 0.48 -10.69 -3.63
C ALA A 56 0.89 -11.07 -2.18
N TYR A 57 -0.01 -10.87 -1.21
CA TYR A 57 0.20 -11.03 0.23
C TYR A 57 -1.06 -11.68 0.86
N PRO A 58 -0.94 -12.83 1.54
CA PRO A 58 -2.07 -13.62 2.06
C PRO A 58 -2.64 -13.08 3.40
N VAL A 59 -2.83 -11.76 3.49
CA VAL A 59 -3.31 -11.06 4.70
C VAL A 59 -4.83 -11.19 4.93
N GLY A 60 -5.61 -11.33 3.85
CA GLY A 60 -7.08 -11.36 3.89
C GLY A 60 -7.71 -9.99 4.18
N VAL A 61 -7.00 -8.89 3.91
CA VAL A 61 -7.36 -7.53 4.34
C VAL A 61 -8.50 -6.95 3.50
N LYS A 62 -9.42 -6.23 4.15
CA LYS A 62 -10.61 -5.61 3.54
C LYS A 62 -10.33 -4.19 3.07
N ALA A 63 -11.19 -3.66 2.19
CA ALA A 63 -11.09 -2.30 1.67
C ALA A 63 -11.29 -1.19 2.73
N THR A 64 -11.70 -1.54 3.95
CA THR A 64 -11.67 -0.62 5.11
C THR A 64 -10.27 -0.17 5.50
N ALA A 65 -9.21 -0.92 5.15
CA ALA A 65 -7.81 -0.50 5.39
C ALA A 65 -7.39 0.73 4.56
N LEU A 66 -8.02 0.97 3.40
CA LEU A 66 -7.82 2.17 2.56
C LEU A 66 -8.54 3.41 3.10
N TYR A 67 -9.50 3.20 4.00
CA TYR A 67 -10.18 4.23 4.79
C TYR A 67 -9.48 4.48 6.15
N ASP A 68 -8.93 3.44 6.77
CA ASP A 68 -8.26 3.50 8.08
C ASP A 68 -6.80 4.00 8.03
N HIS A 69 -6.03 3.63 6.99
CA HIS A 69 -4.67 4.12 6.76
C HIS A 69 -4.66 5.31 5.78
N PRO A 70 -3.88 6.36 6.05
CA PRO A 70 -3.80 7.55 5.18
C PRO A 70 -2.85 7.38 3.98
N THR A 71 -1.81 6.54 4.09
CA THR A 71 -0.70 6.43 3.11
C THR A 71 -0.44 4.97 2.71
N PRO A 72 0.17 4.72 1.53
CA PRO A 72 0.58 3.37 1.14
C PRO A 72 1.65 2.80 2.07
N ALA A 73 2.51 3.64 2.67
CA ALA A 73 3.49 3.19 3.67
C ALA A 73 2.83 2.70 4.98
N ALA A 74 1.82 3.40 5.49
CA ALA A 74 1.10 2.99 6.70
C ALA A 74 0.34 1.65 6.48
N PHE A 75 -0.32 1.52 5.32
CA PHE A 75 -1.00 0.29 4.91
C PHE A 75 -0.01 -0.88 4.68
N ALA A 76 1.15 -0.62 4.08
CA ALA A 76 2.19 -1.63 3.87
C ALA A 76 2.81 -2.12 5.18
N ARG A 77 2.94 -1.27 6.20
CA ARG A 77 3.41 -1.67 7.54
C ARG A 77 2.37 -2.51 8.29
N HIS A 78 1.06 -2.29 8.07
CA HIS A 78 0.00 -3.22 8.51
C HIS A 78 0.18 -4.62 7.87
N ILE A 79 0.31 -4.70 6.54
CA ILE A 79 0.62 -5.96 5.83
C ILE A 79 1.89 -6.63 6.38
N ALA A 80 2.95 -5.86 6.60
CA ALA A 80 4.23 -6.40 7.07
C ALA A 80 4.18 -6.90 8.52
N GLU A 81 3.39 -6.27 9.40
CA GLU A 81 3.11 -6.79 10.75
C GLU A 81 2.20 -8.03 10.71
N SER A 82 1.33 -8.15 9.70
CA SER A 82 0.47 -9.33 9.48
C SER A 82 1.27 -10.54 8.96
N LEU A 83 2.28 -10.32 8.11
CA LEU A 83 3.24 -11.35 7.66
C LEU A 83 4.35 -11.64 8.70
N GLY A 84 4.64 -10.69 9.59
CA GLY A 84 5.66 -10.82 10.65
C GLY A 84 7.09 -10.48 10.20
N ALA A 85 7.25 -9.33 9.52
CA ALA A 85 8.54 -8.74 9.13
C ALA A 85 9.49 -8.54 10.34
N GLY A 1 14.99 0.78 14.07
CA GLY A 1 14.68 -0.64 14.37
C GLY A 1 13.70 -1.23 13.36
N PRO A 2 13.60 -2.57 13.25
CA PRO A 2 12.80 -3.26 12.25
C PRO A 2 11.27 -3.09 12.41
N GLY A 3 10.81 -2.60 13.56
CA GLY A 3 9.43 -2.15 13.77
C GLY A 3 9.04 -0.90 12.97
N SER A 4 10.02 -0.20 12.37
CA SER A 4 9.84 1.00 11.54
C SER A 4 10.64 0.99 10.22
N ALA A 5 11.29 -0.12 9.86
CA ALA A 5 12.30 -0.19 8.79
C ALA A 5 12.49 -1.60 8.18
N GLY A 6 13.35 -1.71 7.16
CA GLY A 6 13.85 -2.96 6.59
C GLY A 6 12.84 -3.65 5.68
N ARG A 7 12.30 -4.77 6.15
CA ARG A 7 11.28 -5.57 5.43
C ARG A 7 10.01 -4.77 5.17
N GLN A 8 9.66 -3.88 6.09
CA GLN A 8 8.53 -2.95 5.93
C GLN A 8 8.71 -2.02 4.71
N GLU A 9 9.95 -1.63 4.40
CA GLU A 9 10.27 -0.77 3.25
C GLU A 9 10.23 -1.53 1.92
N GLU A 10 10.60 -2.82 1.91
CA GLU A 10 10.41 -3.70 0.74
C GLU A 10 8.93 -3.92 0.43
N ILE A 11 8.12 -4.16 1.46
CA ILE A 11 6.66 -4.33 1.35
C ILE A 11 5.99 -3.01 0.91
N ALA A 12 6.43 -1.85 1.44
CA ALA A 12 5.96 -0.54 1.03
C ALA A 12 6.35 -0.18 -0.42
N GLU A 13 7.54 -0.57 -0.89
CA GLU A 13 7.94 -0.39 -2.29
C GLU A 13 7.10 -1.25 -3.25
N GLU A 14 6.75 -2.48 -2.89
CA GLU A 14 5.91 -3.34 -3.72
C GLU A 14 4.46 -2.85 -3.78
N VAL A 15 3.92 -2.37 -2.65
CA VAL A 15 2.65 -1.64 -2.59
C VAL A 15 2.69 -0.41 -3.50
N ALA A 16 3.73 0.42 -3.41
CA ALA A 16 3.90 1.62 -4.24
C ALA A 16 3.98 1.29 -5.75
N ARG A 17 4.59 0.15 -6.11
CA ARG A 17 4.67 -0.35 -7.50
C ARG A 17 3.32 -0.83 -8.02
N LEU A 18 2.61 -1.65 -7.24
CA LEU A 18 1.35 -2.26 -7.69
C LEU A 18 0.18 -1.26 -7.67
N LEU A 19 0.16 -0.31 -6.72
CA LEU A 19 -0.85 0.76 -6.65
C LEU A 19 -0.80 1.68 -7.86
N ALA A 20 0.40 2.08 -8.31
CA ALA A 20 0.52 3.00 -9.42
C ALA A 20 -0.14 2.44 -10.71
N GLY A 21 -0.15 1.11 -10.87
CA GLY A 21 -0.84 0.42 -11.97
C GLY A 21 -2.37 0.42 -11.88
N VAL A 22 -2.94 0.60 -10.67
CA VAL A 22 -4.40 0.74 -10.44
C VAL A 22 -4.85 2.19 -10.65
N LEU A 23 -3.99 3.16 -10.30
CA LEU A 23 -4.22 4.60 -10.49
C LEU A 23 -3.83 5.09 -11.91
N TYR A 24 -3.32 4.18 -12.76
CA TYR A 24 -2.81 4.45 -14.12
C TYR A 24 -1.76 5.58 -14.15
N LEU A 25 -0.86 5.53 -13.17
CA LEU A 25 0.25 6.46 -12.91
C LEU A 25 1.60 5.72 -13.00
N GLU A 26 2.71 6.46 -13.06
CA GLU A 26 4.06 5.89 -12.84
C GLU A 26 4.37 5.81 -11.34
N PRO A 27 5.07 4.77 -10.85
CA PRO A 27 5.59 4.72 -9.48
C PRO A 27 6.68 5.79 -9.22
N ASP A 28 7.22 6.41 -10.28
CA ASP A 28 8.16 7.54 -10.21
C ASP A 28 7.46 8.91 -9.96
N ARG A 29 6.16 9.04 -10.29
CA ARG A 29 5.33 10.23 -9.98
C ARG A 29 4.73 10.14 -8.57
N LEU A 30 4.42 8.92 -8.13
CA LEU A 30 4.00 8.59 -6.76
C LEU A 30 5.14 8.81 -5.75
N ASP A 31 4.80 9.22 -4.52
CA ASP A 31 5.65 9.19 -3.34
C ASP A 31 5.00 8.36 -2.21
N PRO A 32 5.74 7.43 -1.56
CA PRO A 32 5.16 6.57 -0.51
C PRO A 32 4.90 7.32 0.81
N GLU A 33 5.49 8.50 1.00
CA GLU A 33 5.31 9.35 2.18
C GLU A 33 4.04 10.24 2.10
N GLU A 34 3.43 10.37 0.92
CA GLU A 34 2.18 11.13 0.72
C GLU A 34 0.92 10.29 0.99
N THR A 35 -0.22 10.98 1.11
CA THR A 35 -1.53 10.34 1.30
C THR A 35 -2.07 9.73 0.01
N PHE A 36 -2.94 8.72 0.14
CA PHE A 36 -3.71 8.15 -0.96
C PHE A 36 -4.52 9.21 -1.74
N LEU A 37 -4.93 10.29 -1.05
CA LEU A 37 -5.71 11.39 -1.63
C LEU A 37 -4.94 12.17 -2.71
N THR A 38 -3.66 12.54 -2.49
CA THR A 38 -2.86 13.28 -3.48
C THR A 38 -2.26 12.36 -4.56
N LEU A 39 -2.11 11.06 -4.25
CA LEU A 39 -1.80 10.00 -5.22
C LEU A 39 -2.94 9.75 -6.24
N GLY A 40 -4.18 10.14 -5.90
CA GLY A 40 -5.35 10.07 -6.80
C GLY A 40 -6.30 8.90 -6.54
N VAL A 41 -6.26 8.30 -5.34
CA VAL A 41 -7.19 7.23 -4.92
C VAL A 41 -8.58 7.82 -4.60
N ASP A 42 -9.61 7.16 -5.12
CA ASP A 42 -10.98 7.17 -4.58
C ASP A 42 -11.38 5.73 -4.19
N SER A 43 -12.48 5.56 -3.46
CA SER A 43 -12.84 4.27 -2.83
C SER A 43 -12.90 3.08 -3.79
N ILE A 44 -13.31 3.29 -5.05
CA ILE A 44 -13.37 2.24 -6.09
C ILE A 44 -11.96 1.78 -6.48
N LEU A 45 -11.02 2.72 -6.66
CA LEU A 45 -9.61 2.42 -6.93
C LEU A 45 -8.94 1.79 -5.71
N GLY A 46 -9.38 2.15 -4.49
CA GLY A 46 -9.00 1.46 -3.26
C GLY A 46 -9.38 -0.03 -3.28
N VAL A 47 -10.64 -0.37 -3.53
CA VAL A 47 -11.14 -1.76 -3.62
C VAL A 47 -10.37 -2.57 -4.67
N GLU A 48 -10.10 -1.98 -5.85
CA GLU A 48 -9.33 -2.64 -6.92
C GLU A 48 -7.87 -2.91 -6.54
N PHE A 49 -7.20 -1.98 -5.87
CA PHE A 49 -5.85 -2.17 -5.34
C PHE A 49 -5.81 -3.24 -4.26
N VAL A 50 -6.80 -3.28 -3.37
CA VAL A 50 -6.89 -4.27 -2.28
C VAL A 50 -7.10 -5.70 -2.82
N ALA A 51 -7.87 -5.86 -3.89
CA ALA A 51 -7.98 -7.14 -4.60
C ALA A 51 -6.65 -7.61 -5.22
N ALA A 52 -5.83 -6.68 -5.72
CA ALA A 52 -4.49 -6.98 -6.25
C ALA A 52 -3.46 -7.28 -5.13
N VAL A 53 -3.54 -6.57 -4.00
CA VAL A 53 -2.70 -6.82 -2.80
C VAL A 53 -2.93 -8.21 -2.24
N ASN A 54 -4.17 -8.67 -2.12
CA ASN A 54 -4.49 -10.02 -1.61
C ASN A 54 -3.98 -11.17 -2.52
N ALA A 55 -3.62 -10.89 -3.78
CA ALA A 55 -2.89 -11.83 -4.65
C ALA A 55 -1.36 -11.81 -4.44
N ALA A 56 -0.79 -10.66 -4.04
CA ALA A 56 0.63 -10.47 -3.77
C ALA A 56 1.07 -10.83 -2.32
N TYR A 57 0.16 -10.67 -1.36
CA TYR A 57 0.34 -10.89 0.07
C TYR A 57 -0.93 -11.55 0.66
N PRO A 58 -0.86 -12.78 1.22
CA PRO A 58 -2.02 -13.56 1.66
C PRO A 58 -2.56 -13.13 3.04
N VAL A 59 -2.77 -11.83 3.24
CA VAL A 59 -3.21 -11.21 4.51
C VAL A 59 -4.72 -11.31 4.78
N GLY A 60 -5.53 -11.42 3.72
CA GLY A 60 -7.01 -11.43 3.79
C GLY A 60 -7.60 -10.05 4.14
N VAL A 61 -6.93 -8.95 3.75
CA VAL A 61 -7.24 -7.58 4.15
C VAL A 61 -8.44 -7.02 3.36
N LYS A 62 -9.38 -6.36 4.06
CA LYS A 62 -10.58 -5.74 3.50
C LYS A 62 -10.35 -4.28 3.11
N ALA A 63 -11.22 -3.74 2.25
CA ALA A 63 -11.12 -2.37 1.74
C ALA A 63 -11.30 -1.26 2.80
N THR A 64 -11.73 -1.60 4.02
CA THR A 64 -11.69 -0.70 5.20
C THR A 64 -10.27 -0.27 5.57
N ALA A 65 -9.23 -1.02 5.20
CA ALA A 65 -7.83 -0.62 5.44
C ALA A 65 -7.41 0.62 4.61
N LEU A 66 -8.02 0.86 3.46
CA LEU A 66 -7.81 2.06 2.62
C LEU A 66 -8.53 3.31 3.19
N TYR A 67 -9.49 3.10 4.08
CA TYR A 67 -10.14 4.14 4.89
C TYR A 67 -9.40 4.37 6.22
N ASP A 68 -8.87 3.32 6.85
CA ASP A 68 -8.20 3.38 8.16
C ASP A 68 -6.74 3.87 8.09
N HIS A 69 -6.00 3.53 7.02
CA HIS A 69 -4.64 3.98 6.74
C HIS A 69 -4.63 5.15 5.73
N PRO A 70 -3.98 6.29 6.04
CA PRO A 70 -3.93 7.45 5.15
C PRO A 70 -2.89 7.36 4.02
N THR A 71 -1.84 6.54 4.19
CA THR A 71 -0.69 6.44 3.26
C THR A 71 -0.42 4.99 2.85
N PRO A 72 0.21 4.72 1.69
CA PRO A 72 0.69 3.38 1.32
C PRO A 72 1.72 2.84 2.31
N ALA A 73 2.54 3.69 2.95
CA ALA A 73 3.51 3.28 3.96
C ALA A 73 2.87 2.81 5.28
N ALA A 74 1.75 3.40 5.69
CA ALA A 74 0.96 2.94 6.85
C ALA A 74 0.23 1.63 6.54
N PHE A 75 -0.39 1.51 5.36
CA PHE A 75 -1.04 0.29 4.89
C PHE A 75 -0.07 -0.89 4.71
N ALA A 76 1.13 -0.63 4.18
CA ALA A 76 2.18 -1.64 4.04
C ALA A 76 2.71 -2.18 5.38
N ARG A 77 2.72 -1.35 6.43
CA ARG A 77 3.09 -1.77 7.80
C ARG A 77 2.03 -2.67 8.45
N HIS A 78 0.74 -2.48 8.14
CA HIS A 78 -0.30 -3.46 8.49
C HIS A 78 -0.01 -4.83 7.85
N ILE A 79 0.25 -4.86 6.52
CA ILE A 79 0.65 -6.09 5.80
C ILE A 79 1.88 -6.74 6.43
N ALA A 80 2.93 -5.96 6.71
CA ALA A 80 4.15 -6.46 7.35
C ALA A 80 3.89 -7.07 8.74
N GLU A 81 3.03 -6.46 9.56
CA GLU A 81 2.63 -7.03 10.87
C GLU A 81 1.77 -8.30 10.72
N SER A 82 0.98 -8.41 9.65
CA SER A 82 0.17 -9.61 9.34
C SER A 82 1.03 -10.80 8.86
N LEU A 83 2.08 -10.53 8.07
CA LEU A 83 3.06 -11.54 7.62
C LEU A 83 4.11 -11.90 8.70
N GLY A 84 4.40 -11.00 9.64
CA GLY A 84 5.59 -11.07 10.49
C GLY A 84 6.89 -10.63 9.78
N ALA A 85 6.75 -9.73 8.79
CA ALA A 85 7.79 -9.05 8.00
C ALA A 85 8.80 -9.99 7.30
N GLY A 1 14.48 6.65 17.08
CA GLY A 1 13.05 6.82 17.45
C GLY A 1 12.25 5.56 17.22
N PRO A 2 10.91 5.67 17.08
CA PRO A 2 10.00 4.52 16.94
C PRO A 2 10.14 3.69 15.65
N GLY A 3 10.75 4.25 14.60
CA GLY A 3 10.98 3.58 13.31
C GLY A 3 12.00 2.43 13.36
N SER A 4 12.00 1.60 12.31
CA SER A 4 12.88 0.44 12.14
C SER A 4 13.15 0.17 10.65
N ALA A 5 14.06 -0.77 10.37
CA ALA A 5 14.41 -1.25 9.03
C ALA A 5 14.33 -2.79 8.95
N GLY A 6 13.90 -3.30 7.79
CA GLY A 6 13.63 -4.71 7.52
C GLY A 6 12.67 -4.88 6.34
N ARG A 7 11.94 -6.01 6.29
CA ARG A 7 11.03 -6.36 5.17
C ARG A 7 9.88 -5.35 4.94
N GLN A 8 9.60 -4.47 5.91
CA GLN A 8 8.69 -3.34 5.78
C GLN A 8 8.97 -2.48 4.53
N GLU A 9 10.25 -2.24 4.19
CA GLU A 9 10.60 -1.33 3.10
C GLU A 9 10.38 -1.96 1.70
N GLU A 10 10.57 -3.28 1.55
CA GLU A 10 10.27 -3.98 0.29
C GLU A 10 8.77 -4.23 0.10
N ILE A 11 8.02 -4.42 1.20
CA ILE A 11 6.54 -4.47 1.18
C ILE A 11 5.98 -3.09 0.79
N ALA A 12 6.54 -1.99 1.34
CA ALA A 12 6.15 -0.62 0.99
C ALA A 12 6.48 -0.24 -0.46
N GLU A 13 7.64 -0.66 -0.98
CA GLU A 13 7.99 -0.51 -2.39
C GLU A 13 7.05 -1.29 -3.31
N GLU A 14 6.68 -2.53 -2.96
CA GLU A 14 5.83 -3.36 -3.81
C GLU A 14 4.38 -2.86 -3.84
N VAL A 15 3.86 -2.40 -2.71
CA VAL A 15 2.62 -1.62 -2.62
C VAL A 15 2.68 -0.38 -3.52
N ALA A 16 3.74 0.42 -3.44
CA ALA A 16 3.91 1.62 -4.25
C ALA A 16 3.97 1.31 -5.76
N ARG A 17 4.57 0.17 -6.14
CA ARG A 17 4.61 -0.31 -7.53
C ARG A 17 3.26 -0.80 -8.02
N LEU A 18 2.57 -1.64 -7.26
CA LEU A 18 1.30 -2.26 -7.68
C LEU A 18 0.13 -1.26 -7.62
N LEU A 19 0.14 -0.32 -6.67
CA LEU A 19 -0.85 0.77 -6.57
C LEU A 19 -0.78 1.70 -7.77
N ALA A 20 0.42 2.12 -8.18
CA ALA A 20 0.58 3.06 -9.27
C ALA A 20 -0.07 2.52 -10.57
N GLY A 21 -0.05 1.19 -10.78
CA GLY A 21 -0.73 0.51 -11.88
C GLY A 21 -2.26 0.53 -11.81
N VAL A 22 -2.85 0.66 -10.60
CA VAL A 22 -4.30 0.82 -10.39
C VAL A 22 -4.73 2.28 -10.59
N LEU A 23 -3.87 3.23 -10.23
CA LEU A 23 -4.07 4.68 -10.42
C LEU A 23 -3.65 5.17 -11.82
N TYR A 24 -3.23 4.26 -12.72
CA TYR A 24 -2.73 4.53 -14.08
C TYR A 24 -1.59 5.58 -14.11
N LEU A 25 -0.72 5.50 -13.11
CA LEU A 25 0.44 6.37 -12.86
C LEU A 25 1.75 5.56 -12.95
N GLU A 26 2.88 6.25 -13.00
CA GLU A 26 4.21 5.64 -12.79
C GLU A 26 4.61 5.70 -11.31
N PRO A 27 5.28 4.65 -10.76
CA PRO A 27 5.70 4.64 -9.35
C PRO A 27 6.78 5.70 -9.04
N ASP A 28 7.50 6.19 -10.05
CA ASP A 28 8.43 7.32 -9.94
C ASP A 28 7.74 8.69 -9.71
N ARG A 29 6.45 8.80 -10.08
CA ARG A 29 5.60 9.99 -9.88
C ARG A 29 4.81 9.95 -8.55
N LEU A 30 4.91 8.85 -7.81
CA LEU A 30 4.29 8.60 -6.49
C LEU A 30 5.33 8.70 -5.37
N ASP A 31 4.90 9.10 -4.17
CA ASP A 31 5.71 9.14 -2.94
C ASP A 31 5.06 8.35 -1.79
N PRO A 32 5.83 7.65 -0.94
CA PRO A 32 5.29 6.76 0.10
C PRO A 32 4.69 7.51 1.30
N GLU A 33 5.13 8.75 1.55
CA GLU A 33 4.70 9.59 2.68
C GLU A 33 3.47 10.47 2.37
N GLU A 34 3.09 10.58 1.09
CA GLU A 34 1.91 11.34 0.65
C GLU A 34 0.63 10.50 0.73
N THR A 35 -0.51 11.16 0.96
CA THR A 35 -1.80 10.49 1.22
C THR A 35 -2.40 9.85 -0.04
N PHE A 36 -3.23 8.81 0.15
CA PHE A 36 -4.00 8.18 -0.91
C PHE A 36 -4.85 9.20 -1.70
N LEU A 37 -5.37 10.23 -1.02
CA LEU A 37 -6.16 11.30 -1.64
C LEU A 37 -5.37 12.15 -2.66
N THR A 38 -4.13 12.54 -2.33
CA THR A 38 -3.28 13.33 -3.25
C THR A 38 -2.59 12.44 -4.32
N LEU A 39 -2.41 11.14 -4.06
CA LEU A 39 -2.01 10.13 -5.04
C LEU A 39 -3.09 9.87 -6.13
N GLY A 40 -4.36 10.18 -5.85
CA GLY A 40 -5.47 10.07 -6.79
C GLY A 40 -6.41 8.86 -6.56
N VAL A 41 -6.36 8.23 -5.37
CA VAL A 41 -7.27 7.15 -4.96
C VAL A 41 -8.69 7.69 -4.74
N ASP A 42 -9.69 6.89 -5.14
CA ASP A 42 -11.10 7.01 -4.76
C ASP A 42 -11.64 5.58 -4.46
N SER A 43 -12.86 5.44 -3.95
CA SER A 43 -13.39 4.17 -3.40
C SER A 43 -13.24 2.95 -4.32
N ILE A 44 -13.49 3.12 -5.63
CA ILE A 44 -13.34 2.05 -6.63
C ILE A 44 -11.87 1.64 -6.80
N LEU A 45 -10.96 2.62 -6.90
CA LEU A 45 -9.52 2.38 -7.05
C LEU A 45 -8.93 1.77 -5.78
N GLY A 46 -9.46 2.12 -4.61
CA GLY A 46 -9.14 1.47 -3.34
C GLY A 46 -9.47 -0.02 -3.35
N VAL A 47 -10.72 -0.39 -3.66
CA VAL A 47 -11.14 -1.81 -3.72
C VAL A 47 -10.34 -2.60 -4.76
N GLU A 48 -10.06 -2.02 -5.93
CA GLU A 48 -9.26 -2.63 -6.99
C GLU A 48 -7.80 -2.91 -6.56
N PHE A 49 -7.17 -1.97 -5.87
CA PHE A 49 -5.82 -2.14 -5.32
C PHE A 49 -5.80 -3.21 -4.22
N VAL A 50 -6.79 -3.23 -3.35
CA VAL A 50 -6.91 -4.21 -2.25
C VAL A 50 -7.11 -5.63 -2.78
N ALA A 51 -7.88 -5.81 -3.85
CA ALA A 51 -8.01 -7.09 -4.55
C ALA A 51 -6.67 -7.57 -5.17
N ALA A 52 -5.86 -6.64 -5.69
CA ALA A 52 -4.52 -6.93 -6.22
C ALA A 52 -3.48 -7.23 -5.13
N VAL A 53 -3.56 -6.57 -3.97
CA VAL A 53 -2.75 -6.84 -2.77
C VAL A 53 -2.98 -8.26 -2.25
N ASN A 54 -4.23 -8.70 -2.13
CA ASN A 54 -4.56 -10.03 -1.61
C ASN A 54 -4.11 -11.18 -2.55
N ALA A 55 -3.79 -10.89 -3.82
CA ALA A 55 -3.15 -11.83 -4.74
C ALA A 55 -1.61 -11.90 -4.60
N ALA A 56 -0.98 -10.86 -4.05
CA ALA A 56 0.46 -10.75 -3.82
C ALA A 56 0.88 -11.07 -2.37
N TYR A 57 -0.03 -10.89 -1.40
CA TYR A 57 0.17 -11.03 0.04
C TYR A 57 -1.05 -11.70 0.69
N PRO A 58 -0.91 -12.87 1.35
CA PRO A 58 -2.01 -13.68 1.88
C PRO A 58 -2.58 -13.16 3.23
N VAL A 59 -2.76 -11.84 3.34
CA VAL A 59 -3.20 -11.14 4.57
C VAL A 59 -4.71 -11.23 4.83
N GLY A 60 -5.52 -11.36 3.78
CA GLY A 60 -6.99 -11.33 3.88
C GLY A 60 -7.55 -9.94 4.23
N VAL A 61 -6.85 -8.87 3.81
CA VAL A 61 -7.18 -7.48 4.19
C VAL A 61 -8.37 -6.95 3.39
N LYS A 62 -9.33 -6.32 4.06
CA LYS A 62 -10.55 -5.71 3.48
C LYS A 62 -10.34 -4.23 3.16
N ALA A 63 -11.19 -3.68 2.31
CA ALA A 63 -11.09 -2.30 1.80
C ALA A 63 -11.23 -1.20 2.87
N THR A 64 -11.67 -1.53 4.09
CA THR A 64 -11.60 -0.65 5.27
C THR A 64 -10.17 -0.17 5.58
N ALA A 65 -9.13 -0.94 5.25
CA ALA A 65 -7.72 -0.56 5.45
C ALA A 65 -7.31 0.69 4.62
N LEU A 66 -7.98 0.97 3.50
CA LEU A 66 -7.78 2.18 2.68
C LEU A 66 -8.47 3.43 3.25
N TYR A 67 -9.38 3.26 4.22
CA TYR A 67 -9.95 4.35 5.04
C TYR A 67 -9.17 4.49 6.37
N ASP A 68 -8.73 3.38 6.96
CA ASP A 68 -8.06 3.34 8.27
C ASP A 68 -6.58 3.81 8.21
N HIS A 69 -5.89 3.56 7.10
CA HIS A 69 -4.54 4.05 6.82
C HIS A 69 -4.58 5.22 5.82
N PRO A 70 -3.89 6.35 6.09
CA PRO A 70 -3.87 7.52 5.21
C PRO A 70 -2.92 7.42 4.01
N THR A 71 -1.87 6.58 4.11
CA THR A 71 -0.75 6.51 3.16
C THR A 71 -0.44 5.07 2.74
N PRO A 72 0.20 4.85 1.57
CA PRO A 72 0.68 3.52 1.16
C PRO A 72 1.71 2.95 2.14
N ALA A 73 2.53 3.77 2.81
CA ALA A 73 3.48 3.33 3.81
C ALA A 73 2.80 2.80 5.09
N ALA A 74 1.75 3.48 5.58
CA ALA A 74 0.99 3.02 6.74
C ALA A 74 0.23 1.72 6.45
N PHE A 75 -0.37 1.60 5.26
CA PHE A 75 -1.00 0.37 4.78
C PHE A 75 0.01 -0.78 4.61
N ALA A 76 1.22 -0.50 4.10
CA ALA A 76 2.30 -1.49 3.99
C ALA A 76 2.80 -1.99 5.35
N ARG A 77 2.87 -1.12 6.36
CA ARG A 77 3.20 -1.52 7.75
C ARG A 77 2.14 -2.43 8.39
N HIS A 78 0.86 -2.30 8.02
CA HIS A 78 -0.16 -3.30 8.38
C HIS A 78 0.16 -4.68 7.76
N ILE A 79 0.36 -4.75 6.44
CA ILE A 79 0.75 -6.02 5.75
C ILE A 79 2.01 -6.62 6.39
N ALA A 80 3.02 -5.81 6.66
CA ALA A 80 4.28 -6.23 7.28
C ALA A 80 4.11 -6.79 8.71
N GLU A 81 3.18 -6.25 9.50
CA GLU A 81 2.83 -6.80 10.83
C GLU A 81 2.02 -8.10 10.73
N SER A 82 1.17 -8.25 9.71
CA SER A 82 0.45 -9.50 9.42
C SER A 82 1.36 -10.64 8.93
N LEU A 83 2.40 -10.32 8.16
CA LEU A 83 3.43 -11.28 7.71
C LEU A 83 4.53 -11.53 8.76
N GLY A 84 4.73 -10.62 9.70
CA GLY A 84 5.80 -10.67 10.71
C GLY A 84 7.18 -10.34 10.14
N ALA A 85 7.28 -9.20 9.43
CA ALA A 85 8.48 -8.68 8.76
C ALA A 85 9.75 -8.71 9.62
N GLY A 1 17.32 6.29 14.69
CA GLY A 1 16.06 6.75 14.09
C GLY A 1 14.88 5.85 14.45
N PRO A 2 13.65 6.18 13.98
CA PRO A 2 12.43 5.45 14.37
C PRO A 2 12.34 4.00 13.85
N GLY A 3 12.91 3.72 12.67
CA GLY A 3 12.86 2.41 11.99
C GLY A 3 14.24 1.80 11.70
N SER A 4 14.23 0.57 11.19
CA SER A 4 15.38 -0.25 10.81
C SER A 4 15.05 -1.09 9.58
N ALA A 5 16.05 -1.49 8.81
CA ALA A 5 15.88 -2.24 7.57
C ALA A 5 15.35 -3.68 7.81
N GLY A 6 14.57 -4.19 6.85
CA GLY A 6 13.96 -5.53 6.90
C GLY A 6 12.90 -5.72 5.81
N ARG A 7 11.97 -6.64 6.02
CA ARG A 7 10.85 -6.94 5.08
C ARG A 7 9.84 -5.79 4.98
N GLN A 8 9.76 -4.92 5.98
CA GLN A 8 8.84 -3.77 6.01
C GLN A 8 9.02 -2.84 4.80
N GLU A 9 10.26 -2.53 4.41
CA GLU A 9 10.53 -1.64 3.27
C GLU A 9 10.35 -2.36 1.91
N GLU A 10 10.56 -3.68 1.85
CA GLU A 10 10.29 -4.47 0.63
C GLU A 10 8.78 -4.54 0.33
N ILE A 11 7.96 -4.70 1.37
CA ILE A 11 6.50 -4.67 1.29
C ILE A 11 6.00 -3.26 0.90
N ALA A 12 6.55 -2.20 1.50
CA ALA A 12 6.19 -0.82 1.17
C ALA A 12 6.57 -0.41 -0.26
N GLU A 13 7.75 -0.82 -0.75
CA GLU A 13 8.17 -0.60 -2.14
C GLU A 13 7.28 -1.35 -3.15
N GLU A 14 6.87 -2.59 -2.83
CA GLU A 14 5.98 -3.36 -3.73
C GLU A 14 4.54 -2.79 -3.76
N VAL A 15 4.02 -2.34 -2.62
CA VAL A 15 2.76 -1.58 -2.54
C VAL A 15 2.84 -0.30 -3.39
N ALA A 16 3.91 0.48 -3.27
CA ALA A 16 4.11 1.69 -4.05
C ALA A 16 4.22 1.44 -5.56
N ARG A 17 4.76 0.28 -5.97
CA ARG A 17 4.81 -0.17 -7.37
C ARG A 17 3.44 -0.61 -7.89
N LEU A 18 2.72 -1.44 -7.12
CA LEU A 18 1.46 -2.05 -7.57
C LEU A 18 0.28 -1.06 -7.52
N LEU A 19 0.27 -0.10 -6.58
CA LEU A 19 -0.77 0.93 -6.48
C LEU A 19 -0.76 1.85 -7.70
N ALA A 20 0.42 2.30 -8.13
CA ALA A 20 0.53 3.23 -9.25
C ALA A 20 -0.13 2.67 -10.53
N GLY A 21 -0.06 1.34 -10.72
CA GLY A 21 -0.70 0.64 -11.84
C GLY A 21 -2.24 0.63 -11.77
N VAL A 22 -2.83 0.75 -10.58
CA VAL A 22 -4.29 0.87 -10.38
C VAL A 22 -4.78 2.31 -10.60
N LEU A 23 -3.94 3.30 -10.24
CA LEU A 23 -4.18 4.73 -10.45
C LEU A 23 -3.81 5.21 -11.88
N TYR A 24 -3.45 4.27 -12.77
CA TYR A 24 -3.00 4.52 -14.16
C TYR A 24 -1.82 5.50 -14.26
N LEU A 25 -0.95 5.45 -13.25
CA LEU A 25 0.22 6.30 -13.02
C LEU A 25 1.52 5.48 -13.15
N GLU A 26 2.68 6.15 -13.16
CA GLU A 26 4.00 5.51 -13.01
C GLU A 26 4.46 5.62 -11.54
N PRO A 27 5.13 4.61 -10.97
CA PRO A 27 5.64 4.67 -9.60
C PRO A 27 6.74 5.73 -9.40
N ASP A 28 7.32 6.25 -10.48
CA ASP A 28 8.24 7.40 -10.48
C ASP A 28 7.54 8.73 -10.12
N ARG A 29 6.22 8.83 -10.32
CA ARG A 29 5.42 10.03 -9.99
C ARG A 29 4.96 10.04 -8.51
N LEU A 30 4.76 8.85 -7.95
CA LEU A 30 4.26 8.61 -6.58
C LEU A 30 5.36 8.78 -5.52
N ASP A 31 4.95 9.25 -4.34
CA ASP A 31 5.74 9.23 -3.10
C ASP A 31 5.01 8.43 -2.00
N PRO A 32 5.68 7.54 -1.24
CA PRO A 32 5.02 6.68 -0.25
C PRO A 32 4.61 7.43 1.03
N GLU A 33 5.16 8.61 1.29
CA GLU A 33 4.85 9.45 2.46
C GLU A 33 3.60 10.34 2.24
N GLU A 34 3.15 10.48 0.99
CA GLU A 34 1.96 11.26 0.61
C GLU A 34 0.66 10.43 0.68
N THR A 35 -0.47 11.10 0.90
CA THR A 35 -1.76 10.43 1.17
C THR A 35 -2.39 9.82 -0.07
N PHE A 36 -3.23 8.80 0.11
CA PHE A 36 -4.06 8.22 -0.94
C PHE A 36 -4.91 9.27 -1.67
N LEU A 37 -5.37 10.32 -0.97
CA LEU A 37 -6.15 11.42 -1.52
C LEU A 37 -5.37 12.26 -2.55
N THR A 38 -4.11 12.60 -2.27
CA THR A 38 -3.27 13.38 -3.21
C THR A 38 -2.63 12.50 -4.31
N LEU A 39 -2.46 11.20 -4.06
CA LEU A 39 -2.07 10.19 -5.05
C LEU A 39 -3.17 9.94 -6.11
N GLY A 40 -4.45 10.22 -5.78
CA GLY A 40 -5.59 10.14 -6.70
C GLY A 40 -6.52 8.94 -6.51
N VAL A 41 -6.49 8.30 -5.33
CA VAL A 41 -7.37 7.20 -4.94
C VAL A 41 -8.81 7.69 -4.72
N ASP A 42 -9.77 6.89 -5.15
CA ASP A 42 -11.19 6.95 -4.75
C ASP A 42 -11.67 5.51 -4.47
N SER A 43 -12.86 5.31 -3.90
CA SER A 43 -13.32 4.02 -3.35
C SER A 43 -13.19 2.83 -4.32
N ILE A 44 -13.47 3.03 -5.61
CA ILE A 44 -13.34 1.98 -6.64
C ILE A 44 -11.87 1.58 -6.82
N LEU A 45 -10.96 2.56 -6.91
CA LEU A 45 -9.53 2.34 -7.06
C LEU A 45 -8.91 1.74 -5.79
N GLY A 46 -9.45 2.08 -4.61
CA GLY A 46 -9.12 1.45 -3.34
C GLY A 46 -9.41 -0.05 -3.35
N VAL A 47 -10.65 -0.45 -3.65
CA VAL A 47 -11.06 -1.88 -3.72
C VAL A 47 -10.23 -2.67 -4.75
N GLU A 48 -9.97 -2.09 -5.92
CA GLU A 48 -9.15 -2.70 -6.97
C GLU A 48 -7.69 -2.93 -6.54
N PHE A 49 -7.06 -1.97 -5.86
CA PHE A 49 -5.72 -2.11 -5.30
C PHE A 49 -5.69 -3.17 -4.19
N VAL A 50 -6.70 -3.21 -3.33
CA VAL A 50 -6.80 -4.19 -2.23
C VAL A 50 -7.00 -5.61 -2.76
N ALA A 51 -7.75 -5.79 -3.84
CA ALA A 51 -7.85 -7.07 -4.55
C ALA A 51 -6.50 -7.54 -5.14
N ALA A 52 -5.69 -6.62 -5.67
CA ALA A 52 -4.34 -6.92 -6.18
C ALA A 52 -3.33 -7.21 -5.05
N VAL A 53 -3.46 -6.53 -3.90
CA VAL A 53 -2.66 -6.80 -2.69
C VAL A 53 -2.93 -8.20 -2.14
N ASN A 54 -4.19 -8.63 -2.05
CA ASN A 54 -4.53 -9.97 -1.57
C ASN A 54 -4.09 -11.10 -2.53
N ALA A 55 -3.81 -10.79 -3.81
CA ALA A 55 -3.18 -11.72 -4.75
C ALA A 55 -1.64 -11.78 -4.59
N ALA A 56 -1.00 -10.69 -4.14
CA ALA A 56 0.44 -10.61 -3.90
C ALA A 56 0.87 -11.07 -2.49
N TYR A 57 0.01 -10.89 -1.48
CA TYR A 57 0.26 -11.13 -0.05
C TYR A 57 -1.00 -11.74 0.61
N PRO A 58 -0.90 -12.91 1.27
CA PRO A 58 -2.03 -13.66 1.83
C PRO A 58 -2.55 -13.10 3.18
N VAL A 59 -2.71 -11.77 3.28
CA VAL A 59 -3.14 -11.08 4.51
C VAL A 59 -4.64 -11.18 4.80
N GLY A 60 -5.48 -11.30 3.77
CA GLY A 60 -6.94 -11.31 3.89
C GLY A 60 -7.52 -9.93 4.25
N VAL A 61 -6.84 -8.84 3.85
CA VAL A 61 -7.21 -7.47 4.23
C VAL A 61 -8.40 -6.93 3.42
N LYS A 62 -9.36 -6.31 4.09
CA LYS A 62 -10.57 -5.70 3.50
C LYS A 62 -10.36 -4.23 3.18
N ALA A 63 -11.21 -3.68 2.30
CA ALA A 63 -11.07 -2.31 1.76
C ALA A 63 -11.23 -1.19 2.81
N THR A 64 -11.71 -1.49 4.02
CA THR A 64 -11.67 -0.57 5.18
C THR A 64 -10.25 -0.07 5.50
N ALA A 65 -9.20 -0.86 5.22
CA ALA A 65 -7.81 -0.46 5.45
C ALA A 65 -7.37 0.77 4.62
N LEU A 66 -8.03 1.03 3.48
CA LEU A 66 -7.79 2.21 2.62
C LEU A 66 -8.47 3.49 3.16
N TYR A 67 -9.41 3.33 4.10
CA TYR A 67 -10.00 4.43 4.89
C TYR A 67 -9.29 4.60 6.26
N ASP A 68 -8.84 3.50 6.87
CA ASP A 68 -8.20 3.51 8.20
C ASP A 68 -6.74 3.98 8.17
N HIS A 69 -6.00 3.69 7.09
CA HIS A 69 -4.64 4.18 6.83
C HIS A 69 -4.68 5.34 5.82
N PRO A 70 -3.98 6.46 6.08
CA PRO A 70 -3.94 7.63 5.19
C PRO A 70 -2.97 7.49 4.01
N THR A 71 -1.93 6.66 4.12
CA THR A 71 -0.80 6.55 3.18
C THR A 71 -0.52 5.10 2.78
N PRO A 72 0.10 4.85 1.61
CA PRO A 72 0.57 3.51 1.23
C PRO A 72 1.61 2.95 2.21
N ALA A 73 2.43 3.80 2.83
CA ALA A 73 3.41 3.39 3.84
C ALA A 73 2.72 2.88 5.13
N ALA A 74 1.70 3.58 5.63
CA ALA A 74 0.95 3.15 6.82
C ALA A 74 0.18 1.84 6.56
N PHE A 75 -0.43 1.71 5.37
CA PHE A 75 -1.07 0.48 4.92
C PHE A 75 -0.09 -0.70 4.77
N ALA A 76 1.11 -0.44 4.24
CA ALA A 76 2.16 -1.46 4.11
C ALA A 76 2.70 -1.95 5.47
N ARG A 77 2.72 -1.10 6.51
CA ARG A 77 3.07 -1.51 7.89
C ARG A 77 2.07 -2.50 8.48
N HIS A 78 0.77 -2.35 8.19
CA HIS A 78 -0.24 -3.35 8.55
C HIS A 78 0.06 -4.71 7.88
N ILE A 79 0.27 -4.75 6.56
CA ILE A 79 0.69 -5.97 5.84
C ILE A 79 1.96 -6.58 6.45
N ALA A 80 2.99 -5.76 6.74
CA ALA A 80 4.25 -6.22 7.30
C ALA A 80 4.10 -6.85 8.70
N GLU A 81 3.18 -6.36 9.54
CA GLU A 81 2.86 -6.99 10.83
C GLU A 81 2.10 -8.31 10.67
N SER A 82 1.21 -8.43 9.66
CA SER A 82 0.54 -9.69 9.32
C SER A 82 1.49 -10.76 8.76
N LEU A 83 2.53 -10.34 8.03
CA LEU A 83 3.61 -11.17 7.48
C LEU A 83 4.78 -11.41 8.46
N GLY A 84 4.77 -10.71 9.59
CA GLY A 84 5.70 -10.86 10.71
C GLY A 84 7.08 -10.18 10.56
N ALA A 85 7.27 -9.41 9.47
CA ALA A 85 8.48 -8.67 9.10
C ALA A 85 9.81 -9.42 9.36
N GLY A 1 12.88 -2.27 17.35
CA GLY A 1 14.22 -1.70 17.63
C GLY A 1 14.38 -0.30 17.05
N PRO A 2 15.62 0.16 16.78
CA PRO A 2 15.92 1.53 16.32
C PRO A 2 15.40 1.89 14.92
N GLY A 3 15.05 0.90 14.09
CA GLY A 3 14.48 1.08 12.75
C GLY A 3 13.78 -0.18 12.20
N SER A 4 13.22 -0.05 10.99
CA SER A 4 12.40 -1.06 10.30
C SER A 4 13.16 -1.87 9.23
N ALA A 5 14.50 -1.80 9.21
CA ALA A 5 15.34 -2.42 8.18
C ALA A 5 15.10 -3.93 8.04
N GLY A 6 14.78 -4.39 6.82
CA GLY A 6 14.40 -5.76 6.50
C GLY A 6 13.23 -5.82 5.49
N ARG A 7 12.41 -6.87 5.60
CA ARG A 7 11.28 -7.16 4.69
C ARG A 7 10.19 -6.09 4.69
N GLN A 8 10.06 -5.31 5.77
CA GLN A 8 9.11 -4.19 5.86
C GLN A 8 9.34 -3.15 4.75
N GLU A 9 10.61 -2.87 4.39
CA GLU A 9 10.98 -1.93 3.33
C GLU A 9 10.60 -2.46 1.93
N GLU A 10 10.78 -3.77 1.71
CA GLU A 10 10.44 -4.43 0.44
C GLU A 10 8.92 -4.47 0.22
N ILE A 11 8.15 -4.74 1.27
CA ILE A 11 6.68 -4.71 1.24
C ILE A 11 6.16 -3.28 0.97
N ALA A 12 6.76 -2.26 1.61
CA ALA A 12 6.40 -0.85 1.39
C ALA A 12 6.72 -0.36 -0.03
N GLU A 13 7.88 -0.73 -0.58
CA GLU A 13 8.22 -0.46 -1.98
C GLU A 13 7.26 -1.14 -2.96
N GLU A 14 6.93 -2.42 -2.74
CA GLU A 14 6.14 -3.20 -3.68
C GLU A 14 4.67 -2.76 -3.71
N VAL A 15 4.11 -2.39 -2.55
CA VAL A 15 2.81 -1.69 -2.44
C VAL A 15 2.82 -0.39 -3.24
N ALA A 16 3.86 0.45 -3.09
CA ALA A 16 3.98 1.70 -3.84
C ALA A 16 4.13 1.49 -5.35
N ARG A 17 4.73 0.37 -5.79
CA ARG A 17 4.83 -0.03 -7.21
C ARG A 17 3.50 -0.56 -7.77
N LEU A 18 2.80 -1.42 -7.02
CA LEU A 18 1.57 -2.06 -7.48
C LEU A 18 0.37 -1.08 -7.45
N LEU A 19 0.32 -0.15 -6.49
CA LEU A 19 -0.73 0.88 -6.44
C LEU A 19 -0.69 1.81 -7.65
N ALA A 20 0.50 2.26 -8.06
CA ALA A 20 0.61 3.21 -9.17
C ALA A 20 -0.04 2.64 -10.45
N GLY A 21 0.04 1.32 -10.65
CA GLY A 21 -0.59 0.61 -11.78
C GLY A 21 -2.12 0.56 -11.72
N VAL A 22 -2.73 0.67 -10.53
CA VAL A 22 -4.19 0.79 -10.34
C VAL A 22 -4.67 2.22 -10.56
N LEU A 23 -3.86 3.21 -10.20
CA LEU A 23 -4.11 4.64 -10.42
C LEU A 23 -3.73 5.12 -11.85
N TYR A 24 -3.29 4.19 -12.72
CA TYR A 24 -2.80 4.44 -14.09
C TYR A 24 -1.69 5.52 -14.14
N LEU A 25 -0.83 5.48 -13.13
CA LEU A 25 0.26 6.42 -12.84
C LEU A 25 1.63 5.71 -12.89
N GLU A 26 2.71 6.47 -12.88
CA GLU A 26 4.08 5.93 -12.75
C GLU A 26 4.52 5.92 -11.27
N PRO A 27 5.30 4.90 -10.82
CA PRO A 27 5.82 4.86 -9.45
C PRO A 27 6.87 5.96 -9.16
N ASP A 28 7.38 6.63 -10.20
CA ASP A 28 8.22 7.84 -10.09
C ASP A 28 7.41 9.14 -9.90
N ARG A 29 6.11 9.13 -10.25
CA ARG A 29 5.17 10.25 -10.02
C ARG A 29 4.46 10.16 -8.67
N LEU A 30 4.21 8.94 -8.19
CA LEU A 30 3.79 8.65 -6.82
C LEU A 30 4.95 8.90 -5.82
N ASP A 31 4.60 9.33 -4.59
CA ASP A 31 5.48 9.30 -3.42
C ASP A 31 4.84 8.49 -2.28
N PRO A 32 5.58 7.62 -1.57
CA PRO A 32 5.02 6.74 -0.55
C PRO A 32 4.65 7.45 0.77
N GLU A 33 5.20 8.66 1.00
CA GLU A 33 4.93 9.48 2.19
C GLU A 33 3.65 10.34 2.04
N GLU A 34 3.11 10.46 0.82
CA GLU A 34 1.91 11.24 0.51
C GLU A 34 0.63 10.41 0.60
N THR A 35 -0.51 11.07 0.85
CA THR A 35 -1.79 10.40 1.13
C THR A 35 -2.44 9.78 -0.11
N PHE A 36 -3.27 8.75 0.09
CA PHE A 36 -4.10 8.16 -0.96
C PHE A 36 -4.97 9.20 -1.70
N LEU A 37 -5.43 10.24 -1.00
CA LEU A 37 -6.23 11.33 -1.56
C LEU A 37 -5.46 12.16 -2.61
N THR A 38 -4.20 12.51 -2.35
CA THR A 38 -3.37 13.31 -3.29
C THR A 38 -2.71 12.45 -4.38
N LEU A 39 -2.52 11.15 -4.12
CA LEU A 39 -2.14 10.14 -5.12
C LEU A 39 -3.23 9.88 -6.17
N GLY A 40 -4.49 10.20 -5.87
CA GLY A 40 -5.62 10.09 -6.80
C GLY A 40 -6.52 8.86 -6.60
N VAL A 41 -6.48 8.23 -5.42
CA VAL A 41 -7.35 7.12 -5.01
C VAL A 41 -8.79 7.62 -4.80
N ASP A 42 -9.76 6.81 -5.22
CA ASP A 42 -11.18 6.92 -4.88
C ASP A 42 -11.72 5.50 -4.59
N SER A 43 -12.96 5.36 -4.12
CA SER A 43 -13.52 4.10 -3.59
C SER A 43 -13.35 2.88 -4.50
N ILE A 44 -13.54 3.04 -5.82
CA ILE A 44 -13.35 1.97 -6.81
C ILE A 44 -11.87 1.57 -6.94
N LEU A 45 -10.96 2.56 -7.02
CA LEU A 45 -9.52 2.32 -7.15
C LEU A 45 -8.92 1.72 -5.86
N GLY A 46 -9.47 2.08 -4.70
CA GLY A 46 -9.14 1.45 -3.42
C GLY A 46 -9.43 -0.05 -3.43
N VAL A 47 -10.68 -0.44 -3.74
CA VAL A 47 -11.09 -1.86 -3.79
C VAL A 47 -10.27 -2.66 -4.82
N GLU A 48 -10.00 -2.08 -6.00
CA GLU A 48 -9.17 -2.71 -7.04
C GLU A 48 -7.72 -2.97 -6.58
N PHE A 49 -7.09 -2.00 -5.88
CA PHE A 49 -5.74 -2.16 -5.33
C PHE A 49 -5.72 -3.20 -4.20
N VAL A 50 -6.75 -3.22 -3.35
CA VAL A 50 -6.84 -4.19 -2.24
C VAL A 50 -7.06 -5.62 -2.75
N ALA A 51 -7.81 -5.79 -3.84
CA ALA A 51 -7.92 -7.08 -4.53
C ALA A 51 -6.57 -7.57 -5.11
N ALA A 52 -5.74 -6.66 -5.64
CA ALA A 52 -4.40 -6.98 -6.15
C ALA A 52 -3.39 -7.28 -5.02
N VAL A 53 -3.50 -6.57 -3.89
CA VAL A 53 -2.72 -6.82 -2.66
C VAL A 53 -3.01 -8.19 -2.09
N ASN A 54 -4.27 -8.62 -2.01
CA ASN A 54 -4.64 -9.94 -1.50
C ASN A 54 -4.21 -11.09 -2.44
N ALA A 55 -3.91 -10.82 -3.70
CA ALA A 55 -3.26 -11.77 -4.61
C ALA A 55 -1.72 -11.82 -4.45
N ALA A 56 -1.09 -10.70 -4.04
CA ALA A 56 0.35 -10.60 -3.80
C ALA A 56 0.80 -11.03 -2.39
N TYR A 57 -0.07 -10.85 -1.38
CA TYR A 57 0.17 -11.06 0.05
C TYR A 57 -1.08 -11.69 0.70
N PRO A 58 -0.99 -12.86 1.35
CA PRO A 58 -2.12 -13.61 1.89
C PRO A 58 -2.63 -13.06 3.25
N VAL A 59 -2.82 -11.74 3.36
CA VAL A 59 -3.24 -11.05 4.58
C VAL A 59 -4.76 -11.14 4.87
N GLY A 60 -5.58 -11.27 3.83
CA GLY A 60 -7.04 -11.28 3.94
C GLY A 60 -7.63 -9.91 4.30
N VAL A 61 -6.96 -8.82 3.90
CA VAL A 61 -7.31 -7.45 4.31
C VAL A 61 -8.49 -6.88 3.51
N LYS A 62 -9.43 -6.23 4.21
CA LYS A 62 -10.62 -5.59 3.65
C LYS A 62 -10.33 -4.16 3.16
N ALA A 63 -11.20 -3.65 2.29
CA ALA A 63 -11.09 -2.30 1.72
C ALA A 63 -11.27 -1.16 2.76
N THR A 64 -11.71 -1.47 3.99
CA THR A 64 -11.68 -0.54 5.13
C THR A 64 -10.27 -0.07 5.51
N ALA A 65 -9.22 -0.83 5.20
CA ALA A 65 -7.83 -0.43 5.47
C ALA A 65 -7.39 0.79 4.65
N LEU A 66 -8.01 1.05 3.49
CA LEU A 66 -7.78 2.24 2.65
C LEU A 66 -8.45 3.51 3.21
N TYR A 67 -9.40 3.34 4.14
CA TYR A 67 -10.01 4.41 4.94
C TYR A 67 -9.28 4.59 6.30
N ASP A 68 -8.82 3.50 6.92
CA ASP A 68 -8.16 3.51 8.23
C ASP A 68 -6.69 3.99 8.17
N HIS A 69 -5.97 3.67 7.09
CA HIS A 69 -4.60 4.16 6.81
C HIS A 69 -4.64 5.33 5.82
N PRO A 70 -3.91 6.44 6.06
CA PRO A 70 -3.86 7.61 5.18
C PRO A 70 -2.91 7.44 3.97
N THR A 71 -1.86 6.61 4.08
CA THR A 71 -0.76 6.50 3.12
C THR A 71 -0.45 5.03 2.74
N PRO A 72 0.17 4.77 1.58
CA PRO A 72 0.65 3.43 1.21
C PRO A 72 1.71 2.91 2.20
N ALA A 73 2.53 3.79 2.79
CA ALA A 73 3.52 3.43 3.80
C ALA A 73 2.91 2.98 5.15
N ALA A 74 1.79 3.57 5.58
CA ALA A 74 1.05 3.12 6.77
C ALA A 74 0.33 1.79 6.52
N PHE A 75 -0.30 1.65 5.36
CA PHE A 75 -0.99 0.43 4.96
C PHE A 75 -0.04 -0.77 4.76
N ALA A 76 1.15 -0.53 4.19
CA ALA A 76 2.18 -1.56 4.01
C ALA A 76 2.77 -2.05 5.34
N ARG A 77 2.83 -1.21 6.38
CA ARG A 77 3.24 -1.62 7.74
C ARG A 77 2.20 -2.53 8.41
N HIS A 78 0.91 -2.34 8.15
CA HIS A 78 -0.13 -3.32 8.52
C HIS A 78 0.13 -4.69 7.86
N ILE A 79 0.30 -4.73 6.53
CA ILE A 79 0.64 -5.95 5.79
C ILE A 79 1.91 -6.62 6.35
N ALA A 80 2.96 -5.86 6.60
CA ALA A 80 4.23 -6.38 7.12
C ALA A 80 4.11 -6.97 8.55
N GLU A 81 3.27 -6.37 9.41
CA GLU A 81 2.94 -6.93 10.73
C GLU A 81 2.08 -8.20 10.65
N SER A 82 1.17 -8.29 9.66
CA SER A 82 0.38 -9.50 9.40
C SER A 82 1.22 -10.66 8.88
N LEU A 83 2.25 -10.38 8.07
CA LEU A 83 3.21 -11.36 7.56
C LEU A 83 4.29 -11.75 8.60
N GLY A 84 4.54 -10.90 9.60
CA GLY A 84 5.67 -11.08 10.54
C GLY A 84 7.02 -10.80 9.89
N ALA A 85 7.09 -9.74 9.06
CA ALA A 85 8.23 -9.33 8.23
C ALA A 85 9.53 -9.13 9.04
N GLY A 1 16.93 3.57 10.70
CA GLY A 1 18.27 3.05 11.05
C GLY A 1 18.30 1.53 11.11
N PRO A 2 19.43 0.91 11.53
CA PRO A 2 19.57 -0.56 11.58
C PRO A 2 18.53 -1.29 12.45
N GLY A 3 18.00 -0.63 13.48
CA GLY A 3 16.94 -1.15 14.35
C GLY A 3 15.53 -1.13 13.74
N SER A 4 15.32 -0.43 12.62
CA SER A 4 14.02 -0.28 11.92
C SER A 4 14.04 -0.65 10.43
N ALA A 5 15.21 -1.02 9.91
CA ALA A 5 15.39 -1.57 8.56
C ALA A 5 15.02 -3.06 8.50
N GLY A 6 14.42 -3.51 7.39
CA GLY A 6 13.98 -4.89 7.20
C GLY A 6 12.88 -5.02 6.12
N ARG A 7 12.14 -6.12 6.17
CA ARG A 7 11.08 -6.48 5.20
C ARG A 7 9.93 -5.48 5.10
N GLN A 8 9.72 -4.65 6.14
CA GLN A 8 8.71 -3.58 6.14
C GLN A 8 8.86 -2.62 4.96
N GLU A 9 10.10 -2.20 4.64
CA GLU A 9 10.36 -1.25 3.55
C GLU A 9 10.28 -1.89 2.16
N GLU A 10 10.58 -3.19 2.05
CA GLU A 10 10.44 -3.96 0.81
C GLU A 10 8.96 -4.17 0.45
N ILE A 11 8.13 -4.48 1.45
CA ILE A 11 6.66 -4.56 1.30
C ILE A 11 6.07 -3.20 0.96
N ALA A 12 6.54 -2.11 1.59
CA ALA A 12 6.09 -0.74 1.28
C ALA A 12 6.45 -0.25 -0.13
N GLU A 13 7.66 -0.57 -0.61
CA GLU A 13 8.06 -0.28 -2.00
C GLU A 13 7.26 -1.11 -3.03
N GLU A 14 6.95 -2.37 -2.75
CA GLU A 14 6.17 -3.21 -3.67
C GLU A 14 4.70 -2.79 -3.73
N VAL A 15 4.12 -2.39 -2.59
CA VAL A 15 2.80 -1.72 -2.51
C VAL A 15 2.78 -0.43 -3.32
N ALA A 16 3.81 0.43 -3.18
CA ALA A 16 3.92 1.68 -3.94
C ALA A 16 4.03 1.43 -5.46
N ARG A 17 4.65 0.32 -5.87
CA ARG A 17 4.73 -0.10 -7.29
C ARG A 17 3.41 -0.64 -7.82
N LEU A 18 2.71 -1.49 -7.06
CA LEU A 18 1.47 -2.12 -7.50
C LEU A 18 0.28 -1.14 -7.49
N LEU A 19 0.23 -0.19 -6.55
CA LEU A 19 -0.79 0.86 -6.52
C LEU A 19 -0.72 1.78 -7.76
N ALA A 20 0.48 2.18 -8.16
CA ALA A 20 0.64 3.11 -9.29
C ALA A 20 0.02 2.54 -10.59
N GLY A 21 0.01 1.21 -10.74
CA GLY A 21 -0.64 0.50 -11.86
C GLY A 21 -2.18 0.44 -11.79
N VAL A 22 -2.77 0.59 -10.59
CA VAL A 22 -4.23 0.69 -10.38
C VAL A 22 -4.72 2.12 -10.64
N LEU A 23 -3.91 3.12 -10.28
CA LEU A 23 -4.18 4.55 -10.50
C LEU A 23 -3.79 5.02 -11.92
N TYR A 24 -3.24 4.12 -12.75
CA TYR A 24 -2.71 4.39 -14.10
C TYR A 24 -1.71 5.57 -14.13
N LEU A 25 -0.88 5.62 -13.08
CA LEU A 25 0.22 6.56 -12.86
C LEU A 25 1.57 5.83 -13.04
N GLU A 26 2.65 6.39 -12.51
CA GLU A 26 4.00 5.81 -12.50
C GLU A 26 4.58 5.84 -11.07
N PRO A 27 5.40 4.84 -10.65
CA PRO A 27 5.96 4.80 -9.30
C PRO A 27 6.99 5.91 -9.01
N ASP A 28 7.48 6.60 -10.05
CA ASP A 28 8.30 7.82 -9.93
C ASP A 28 7.48 9.11 -9.77
N ARG A 29 6.19 9.09 -10.15
CA ARG A 29 5.21 10.19 -9.98
C ARG A 29 4.46 10.11 -8.65
N LEU A 30 4.21 8.89 -8.18
CA LEU A 30 3.78 8.57 -6.81
C LEU A 30 4.92 8.82 -5.79
N ASP A 31 4.57 9.18 -4.55
CA ASP A 31 5.45 9.15 -3.39
C ASP A 31 4.83 8.32 -2.24
N PRO A 32 5.59 7.44 -1.54
CA PRO A 32 5.03 6.48 -0.58
C PRO A 32 4.57 7.11 0.75
N GLU A 33 5.06 8.31 1.07
CA GLU A 33 4.73 9.06 2.31
C GLU A 33 3.63 10.13 2.11
N GLU A 34 3.14 10.31 0.88
CA GLU A 34 1.99 11.15 0.55
C GLU A 34 0.67 10.37 0.63
N THR A 35 -0.44 11.09 0.83
CA THR A 35 -1.76 10.48 1.06
C THR A 35 -2.35 9.79 -0.18
N PHE A 36 -3.19 8.78 0.02
CA PHE A 36 -3.96 8.16 -1.05
C PHE A 36 -4.78 9.18 -1.85
N LEU A 37 -5.30 10.24 -1.20
CA LEU A 37 -6.08 11.30 -1.83
C LEU A 37 -5.25 12.13 -2.84
N THR A 38 -4.01 12.50 -2.50
CA THR A 38 -3.14 13.29 -3.41
C THR A 38 -2.48 12.41 -4.48
N LEU A 39 -2.35 11.10 -4.24
CA LEU A 39 -1.95 10.09 -5.22
C LEU A 39 -3.05 9.82 -6.28
N GLY A 40 -4.31 10.20 -6.01
CA GLY A 40 -5.43 10.09 -6.94
C GLY A 40 -6.39 8.91 -6.70
N VAL A 41 -6.37 8.31 -5.50
CA VAL A 41 -7.29 7.24 -5.09
C VAL A 41 -8.70 7.80 -4.84
N ASP A 42 -9.70 7.03 -5.28
CA ASP A 42 -11.10 7.08 -4.82
C ASP A 42 -11.53 5.65 -4.44
N SER A 43 -12.65 5.48 -3.75
CA SER A 43 -13.06 4.21 -3.11
C SER A 43 -13.05 2.99 -4.06
N ILE A 44 -13.41 3.16 -5.34
CA ILE A 44 -13.37 2.10 -6.34
C ILE A 44 -11.93 1.67 -6.65
N LEU A 45 -11.01 2.63 -6.83
CA LEU A 45 -9.58 2.36 -7.04
C LEU A 45 -8.93 1.77 -5.78
N GLY A 46 -9.42 2.15 -4.60
CA GLY A 46 -9.08 1.52 -3.33
C GLY A 46 -9.41 0.02 -3.34
N VAL A 47 -10.66 -0.36 -3.58
CA VAL A 47 -11.11 -1.76 -3.63
C VAL A 47 -10.32 -2.58 -4.68
N GLU A 48 -10.06 -2.00 -5.86
CA GLU A 48 -9.26 -2.63 -6.92
C GLU A 48 -7.80 -2.90 -6.51
N PHE A 49 -7.15 -1.94 -5.84
CA PHE A 49 -5.80 -2.12 -5.29
C PHE A 49 -5.78 -3.17 -4.17
N VAL A 50 -6.80 -3.19 -3.32
CA VAL A 50 -6.91 -4.17 -2.22
C VAL A 50 -7.12 -5.59 -2.75
N ALA A 51 -7.89 -5.75 -3.83
CA ALA A 51 -8.00 -7.02 -4.55
C ALA A 51 -6.67 -7.48 -5.18
N ALA A 52 -5.85 -6.55 -5.68
CA ALA A 52 -4.51 -6.83 -6.21
C ALA A 52 -3.48 -7.17 -5.10
N VAL A 53 -3.59 -6.50 -3.93
CA VAL A 53 -2.78 -6.81 -2.74
C VAL A 53 -3.04 -8.21 -2.23
N ASN A 54 -4.30 -8.64 -2.12
CA ASN A 54 -4.63 -9.99 -1.63
C ASN A 54 -4.22 -11.11 -2.61
N ALA A 55 -3.91 -10.79 -3.86
CA ALA A 55 -3.30 -11.73 -4.82
C ALA A 55 -1.75 -11.82 -4.68
N ALA A 56 -1.11 -10.80 -4.09
CA ALA A 56 0.35 -10.73 -3.88
C ALA A 56 0.79 -11.05 -2.42
N TYR A 57 -0.12 -10.89 -1.45
CA TYR A 57 0.09 -11.00 -0.02
C TYR A 57 -1.11 -11.71 0.63
N PRO A 58 -0.96 -12.87 1.29
CA PRO A 58 -2.04 -13.69 1.83
C PRO A 58 -2.59 -13.17 3.18
N VAL A 59 -2.80 -11.86 3.29
CA VAL A 59 -3.23 -11.17 4.52
C VAL A 59 -4.73 -11.24 4.79
N GLY A 60 -5.55 -11.35 3.74
CA GLY A 60 -7.02 -11.33 3.84
C GLY A 60 -7.59 -9.95 4.20
N VAL A 61 -6.91 -8.86 3.81
CA VAL A 61 -7.22 -7.48 4.22
C VAL A 61 -8.42 -6.93 3.46
N LYS A 62 -9.33 -6.25 4.18
CA LYS A 62 -10.55 -5.62 3.65
C LYS A 62 -10.30 -4.17 3.21
N ALA A 63 -11.18 -3.64 2.38
CA ALA A 63 -11.09 -2.26 1.86
C ALA A 63 -11.27 -1.17 2.93
N THR A 64 -11.64 -1.51 4.17
CA THR A 64 -11.57 -0.63 5.35
C THR A 64 -10.15 -0.16 5.69
N ALA A 65 -9.11 -0.92 5.31
CA ALA A 65 -7.72 -0.52 5.52
C ALA A 65 -7.30 0.71 4.68
N LEU A 66 -7.98 0.97 3.55
CA LEU A 66 -7.79 2.18 2.71
C LEU A 66 -8.48 3.43 3.32
N TYR A 67 -9.40 3.22 4.27
CA TYR A 67 -9.99 4.27 5.10
C TYR A 67 -9.21 4.46 6.42
N ASP A 68 -8.70 3.38 7.03
CA ASP A 68 -7.98 3.42 8.31
C ASP A 68 -6.53 3.90 8.20
N HIS A 69 -5.84 3.64 7.08
CA HIS A 69 -4.48 4.12 6.77
C HIS A 69 -4.53 5.29 5.77
N PRO A 70 -3.79 6.39 6.01
CA PRO A 70 -3.77 7.56 5.12
C PRO A 70 -2.84 7.40 3.90
N THR A 71 -1.80 6.57 3.97
CA THR A 71 -0.71 6.44 2.98
C THR A 71 -0.45 4.99 2.59
N PRO A 72 0.14 4.72 1.40
CA PRO A 72 0.57 3.36 1.03
C PRO A 72 1.63 2.78 1.98
N ALA A 73 2.50 3.62 2.56
CA ALA A 73 3.50 3.19 3.55
C ALA A 73 2.85 2.76 4.89
N ALA A 74 1.83 3.48 5.37
CA ALA A 74 1.09 3.11 6.58
C ALA A 74 0.30 1.81 6.36
N PHE A 75 -0.38 1.70 5.22
CA PHE A 75 -1.10 0.48 4.82
C PHE A 75 -0.17 -0.74 4.69
N ALA A 76 1.01 -0.56 4.11
CA ALA A 76 2.03 -1.61 4.02
C ALA A 76 2.58 -2.07 5.38
N ARG A 77 2.55 -1.22 6.41
CA ARG A 77 2.98 -1.59 7.78
C ARG A 77 2.03 -2.62 8.42
N HIS A 78 0.73 -2.55 8.12
CA HIS A 78 -0.24 -3.58 8.50
C HIS A 78 0.08 -4.93 7.83
N ILE A 79 0.31 -4.92 6.51
CA ILE A 79 0.74 -6.13 5.76
C ILE A 79 2.02 -6.73 6.35
N ALA A 80 3.02 -5.90 6.63
CA ALA A 80 4.31 -6.33 7.19
C ALA A 80 4.17 -6.92 8.61
N GLU A 81 3.29 -6.38 9.45
CA GLU A 81 2.96 -6.96 10.76
C GLU A 81 2.15 -8.26 10.65
N SER A 82 1.34 -8.41 9.61
CA SER A 82 0.57 -9.64 9.31
C SER A 82 1.46 -10.79 8.81
N LEU A 83 2.49 -10.48 8.02
CA LEU A 83 3.51 -11.43 7.56
C LEU A 83 4.62 -11.71 8.59
N GLY A 84 4.80 -10.81 9.58
CA GLY A 84 5.84 -10.93 10.60
C GLY A 84 7.23 -10.53 10.10
N ALA A 85 7.31 -9.37 9.43
CA ALA A 85 8.50 -8.78 8.82
C ALA A 85 9.72 -8.72 9.75
N GLY A 1 12.72 2.34 18.39
CA GLY A 1 13.06 1.02 17.81
C GLY A 1 14.51 0.96 17.36
N PRO A 2 15.05 -0.25 17.08
CA PRO A 2 16.47 -0.44 16.71
C PRO A 2 16.81 0.02 15.28
N GLY A 3 15.81 0.14 14.40
CA GLY A 3 15.96 0.60 13.01
C GLY A 3 14.69 0.44 12.18
N SER A 4 14.71 0.97 10.95
CA SER A 4 13.59 0.92 9.98
C SER A 4 13.84 0.01 8.76
N ALA A 5 15.00 -0.64 8.71
CA ALA A 5 15.40 -1.54 7.63
C ALA A 5 14.83 -2.97 7.79
N GLY A 6 14.53 -3.65 6.69
CA GLY A 6 14.01 -5.02 6.65
C GLY A 6 12.89 -5.18 5.62
N ARG A 7 12.06 -6.21 5.82
CA ARG A 7 10.92 -6.58 4.96
C ARG A 7 9.86 -5.48 4.81
N GLN A 8 9.74 -4.56 5.77
CA GLN A 8 8.91 -3.35 5.64
C GLN A 8 9.26 -2.53 4.39
N GLU A 9 10.53 -2.46 3.99
CA GLU A 9 10.99 -1.73 2.80
C GLU A 9 10.48 -2.40 1.52
N GLU A 10 10.58 -3.73 1.43
CA GLU A 10 10.19 -4.50 0.24
C GLU A 10 8.67 -4.53 0.06
N ILE A 11 7.92 -4.65 1.18
CA ILE A 11 6.45 -4.60 1.20
C ILE A 11 5.96 -3.20 0.80
N ALA A 12 6.59 -2.13 1.31
CA ALA A 12 6.24 -0.74 0.94
C ALA A 12 6.56 -0.43 -0.54
N GLU A 13 7.68 -0.92 -1.08
CA GLU A 13 8.00 -0.75 -2.51
C GLU A 13 7.09 -1.59 -3.43
N GLU A 14 6.69 -2.80 -3.04
CA GLU A 14 5.71 -3.59 -3.81
C GLU A 14 4.32 -2.92 -3.84
N VAL A 15 3.85 -2.41 -2.70
CA VAL A 15 2.62 -1.59 -2.60
C VAL A 15 2.70 -0.34 -3.49
N ALA A 16 3.79 0.43 -3.40
CA ALA A 16 3.98 1.65 -4.19
C ALA A 16 3.97 1.39 -5.70
N ARG A 17 4.55 0.24 -6.12
CA ARG A 17 4.61 -0.18 -7.54
C ARG A 17 3.27 -0.71 -8.05
N LEU A 18 2.58 -1.57 -7.28
CA LEU A 18 1.31 -2.16 -7.69
C LEU A 18 0.14 -1.14 -7.64
N LEU A 19 0.17 -0.19 -6.69
CA LEU A 19 -0.80 0.90 -6.59
C LEU A 19 -0.71 1.83 -7.80
N ALA A 20 0.50 2.21 -8.22
CA ALA A 20 0.69 3.11 -9.35
C ALA A 20 0.05 2.54 -10.64
N GLY A 21 0.03 1.21 -10.78
CA GLY A 21 -0.64 0.50 -11.88
C GLY A 21 -2.18 0.49 -11.80
N VAL A 22 -2.77 0.67 -10.62
CA VAL A 22 -4.23 0.84 -10.41
C VAL A 22 -4.67 2.29 -10.64
N LEU A 23 -3.86 3.25 -10.19
CA LEU A 23 -4.10 4.69 -10.35
C LEU A 23 -3.67 5.24 -11.73
N TYR A 24 -3.15 4.36 -12.60
CA TYR A 24 -2.63 4.66 -13.95
C TYR A 24 -1.54 5.76 -13.97
N LEU A 25 -0.70 5.74 -12.92
CA LEU A 25 0.48 6.60 -12.71
C LEU A 25 1.77 5.76 -12.91
N GLU A 26 2.93 6.35 -12.60
CA GLU A 26 4.22 5.64 -12.53
C GLU A 26 4.82 5.74 -11.11
N PRO A 27 5.52 4.70 -10.61
CA PRO A 27 6.07 4.69 -9.25
C PRO A 27 7.21 5.71 -9.05
N ASP A 28 7.78 6.25 -10.12
CA ASP A 28 8.72 7.39 -10.09
C ASP A 28 8.03 8.75 -9.83
N ARG A 29 6.72 8.84 -10.04
CA ARG A 29 5.88 10.04 -9.84
C ARG A 29 5.05 10.00 -8.55
N LEU A 30 4.78 8.80 -8.01
CA LEU A 30 4.23 8.58 -6.67
C LEU A 30 5.31 8.80 -5.59
N ASP A 31 4.89 9.28 -4.41
CA ASP A 31 5.68 9.27 -3.17
C ASP A 31 4.93 8.49 -2.07
N PRO A 32 5.56 7.54 -1.35
CA PRO A 32 4.88 6.69 -0.38
C PRO A 32 4.53 7.41 0.94
N GLU A 33 5.12 8.58 1.19
CA GLU A 33 4.86 9.42 2.38
C GLU A 33 3.65 10.36 2.23
N GLU A 34 3.10 10.49 1.01
CA GLU A 34 1.85 11.23 0.75
C GLU A 34 0.59 10.40 1.01
N THR A 35 -0.54 11.08 1.15
CA THR A 35 -1.85 10.43 1.33
C THR A 35 -2.38 9.79 0.05
N PHE A 36 -3.24 8.78 0.18
CA PHE A 36 -4.01 8.21 -0.93
C PHE A 36 -4.85 9.28 -1.66
N LEU A 37 -5.23 10.36 -0.97
CA LEU A 37 -6.03 11.46 -1.53
C LEU A 37 -5.27 12.26 -2.60
N THR A 38 -4.00 12.61 -2.38
CA THR A 38 -3.21 13.36 -3.39
C THR A 38 -2.56 12.44 -4.43
N LEU A 39 -2.47 11.13 -4.17
CA LEU A 39 -2.14 10.10 -5.15
C LEU A 39 -3.29 9.84 -6.16
N GLY A 40 -4.53 10.24 -5.83
CA GLY A 40 -5.70 10.16 -6.70
C GLY A 40 -6.59 8.93 -6.51
N VAL A 41 -6.55 8.29 -5.33
CA VAL A 41 -7.43 7.17 -4.95
C VAL A 41 -8.87 7.65 -4.73
N ASP A 42 -9.84 6.84 -5.14
CA ASP A 42 -11.27 6.95 -4.81
C ASP A 42 -11.82 5.54 -4.51
N SER A 43 -13.06 5.42 -4.04
CA SER A 43 -13.64 4.17 -3.50
C SER A 43 -13.49 2.95 -4.41
N ILE A 44 -13.61 3.12 -5.74
CA ILE A 44 -13.43 2.05 -6.73
C ILE A 44 -11.96 1.63 -6.83
N LEU A 45 -11.03 2.60 -6.95
CA LEU A 45 -9.59 2.35 -7.07
C LEU A 45 -9.00 1.75 -5.78
N GLY A 46 -9.56 2.08 -4.62
CA GLY A 46 -9.23 1.45 -3.34
C GLY A 46 -9.51 -0.06 -3.37
N VAL A 47 -10.74 -0.47 -3.69
CA VAL A 47 -11.12 -1.90 -3.76
C VAL A 47 -10.32 -2.66 -4.83
N GLU A 48 -10.05 -2.04 -5.98
CA GLU A 48 -9.21 -2.63 -7.04
C GLU A 48 -7.76 -2.89 -6.59
N PHE A 49 -7.14 -1.94 -5.88
CA PHE A 49 -5.80 -2.10 -5.30
C PHE A 49 -5.78 -3.19 -4.21
N VAL A 50 -6.80 -3.23 -3.35
CA VAL A 50 -6.90 -4.21 -2.26
C VAL A 50 -7.09 -5.63 -2.77
N ALA A 51 -7.85 -5.82 -3.85
CA ALA A 51 -7.97 -7.11 -4.54
C ALA A 51 -6.62 -7.59 -5.13
N ALA A 52 -5.80 -6.66 -5.66
CA ALA A 52 -4.47 -6.95 -6.19
C ALA A 52 -3.43 -7.24 -5.08
N VAL A 53 -3.53 -6.55 -3.93
CA VAL A 53 -2.71 -6.81 -2.73
C VAL A 53 -2.94 -8.22 -2.20
N ASN A 54 -4.19 -8.66 -2.08
CA ASN A 54 -4.53 -10.00 -1.58
C ASN A 54 -4.10 -11.14 -2.53
N ALA A 55 -3.77 -10.84 -3.79
CA ALA A 55 -3.13 -11.80 -4.71
C ALA A 55 -1.59 -11.86 -4.54
N ALA A 56 -0.97 -10.80 -4.03
CA ALA A 56 0.48 -10.69 -3.78
C ALA A 56 0.91 -11.04 -2.34
N TYR A 57 -0.01 -10.92 -1.38
CA TYR A 57 0.20 -11.08 0.06
C TYR A 57 -1.03 -11.78 0.69
N PRO A 58 -0.86 -12.92 1.39
CA PRO A 58 -1.94 -13.74 1.97
C PRO A 58 -2.48 -13.16 3.30
N VAL A 59 -2.68 -11.85 3.36
CA VAL A 59 -3.13 -11.11 4.56
C VAL A 59 -4.64 -11.21 4.83
N GLY A 60 -5.46 -11.33 3.79
CA GLY A 60 -6.92 -11.30 3.89
C GLY A 60 -7.47 -9.91 4.26
N VAL A 61 -6.79 -8.84 3.83
CA VAL A 61 -7.11 -7.46 4.21
C VAL A 61 -8.32 -6.91 3.45
N LYS A 62 -9.25 -6.27 4.18
CA LYS A 62 -10.48 -5.68 3.63
C LYS A 62 -10.26 -4.23 3.17
N ALA A 63 -11.16 -3.73 2.32
CA ALA A 63 -11.11 -2.36 1.80
C ALA A 63 -11.31 -1.26 2.87
N THR A 64 -11.69 -1.61 4.10
CA THR A 64 -11.65 -0.72 5.28
C THR A 64 -10.23 -0.28 5.65
N ALA A 65 -9.18 -1.02 5.27
CA ALA A 65 -7.78 -0.62 5.51
C ALA A 65 -7.38 0.64 4.69
N LEU A 66 -8.02 0.89 3.55
CA LEU A 66 -7.82 2.11 2.73
C LEU A 66 -8.51 3.35 3.34
N TYR A 67 -9.42 3.14 4.30
CA TYR A 67 -10.02 4.18 5.13
C TYR A 67 -9.26 4.36 6.47
N ASP A 68 -8.78 3.25 7.06
CA ASP A 68 -8.10 3.25 8.36
C ASP A 68 -6.64 3.76 8.28
N HIS A 69 -5.94 3.51 7.16
CA HIS A 69 -4.59 3.99 6.86
C HIS A 69 -4.64 5.14 5.84
N PRO A 70 -4.04 6.31 6.14
CA PRO A 70 -4.06 7.48 5.25
C PRO A 70 -3.07 7.40 4.07
N THR A 71 -2.00 6.61 4.19
CA THR A 71 -0.89 6.54 3.23
C THR A 71 -0.59 5.08 2.80
N PRO A 72 0.04 4.85 1.63
CA PRO A 72 0.52 3.52 1.24
C PRO A 72 1.59 2.98 2.20
N ALA A 73 2.39 3.85 2.83
CA ALA A 73 3.38 3.45 3.85
C ALA A 73 2.71 2.91 5.13
N ALA A 74 1.63 3.55 5.61
CA ALA A 74 0.87 3.08 6.77
C ALA A 74 0.13 1.77 6.45
N PHE A 75 -0.43 1.63 5.25
CA PHE A 75 -1.04 0.39 4.77
C PHE A 75 -0.02 -0.76 4.61
N ALA A 76 1.17 -0.46 4.10
CA ALA A 76 2.27 -1.44 3.98
C ALA A 76 2.80 -1.91 5.35
N ARG A 77 2.80 -1.04 6.37
CA ARG A 77 3.11 -1.39 7.76
C ARG A 77 2.07 -2.36 8.36
N HIS A 78 0.79 -2.24 8.01
CA HIS A 78 -0.22 -3.24 8.38
C HIS A 78 0.08 -4.62 7.76
N ILE A 79 0.35 -4.69 6.45
CA ILE A 79 0.78 -5.94 5.77
C ILE A 79 2.03 -6.52 6.44
N ALA A 80 3.05 -5.69 6.72
CA ALA A 80 4.28 -6.13 7.37
C ALA A 80 4.08 -6.65 8.80
N GLU A 81 3.15 -6.08 9.56
CA GLU A 81 2.75 -6.60 10.90
C GLU A 81 1.95 -7.91 10.78
N SER A 82 1.19 -8.09 9.70
CA SER A 82 0.44 -9.32 9.42
C SER A 82 1.34 -10.49 8.98
N LEU A 83 2.41 -10.20 8.21
CA LEU A 83 3.45 -11.16 7.83
C LEU A 83 4.53 -11.36 8.91
N GLY A 84 4.69 -10.42 9.84
CA GLY A 84 5.67 -10.46 10.93
C GLY A 84 7.10 -10.11 10.51
N ALA A 85 7.26 -8.99 9.80
CA ALA A 85 8.55 -8.42 9.36
C ALA A 85 9.52 -8.15 10.53
N GLY A 1 10.73 6.64 4.57
CA GLY A 1 10.22 5.25 4.47
C GLY A 1 9.37 4.87 5.68
N PRO A 2 9.28 3.57 6.04
CA PRO A 2 8.45 3.08 7.15
C PRO A 2 9.04 3.37 8.55
N GLY A 3 10.31 3.77 8.65
CA GLY A 3 11.01 4.16 9.88
C GLY A 3 11.86 3.08 10.53
N SER A 4 11.80 1.83 10.05
CA SER A 4 12.60 0.68 10.51
C SER A 4 13.01 -0.22 9.33
N ALA A 5 14.24 -0.73 9.36
CA ALA A 5 14.78 -1.61 8.33
C ALA A 5 14.30 -3.07 8.53
N GLY A 6 13.92 -3.73 7.43
CA GLY A 6 13.40 -5.11 7.41
C GLY A 6 12.40 -5.32 6.27
N ARG A 7 11.46 -6.24 6.46
CA ARG A 7 10.38 -6.56 5.50
C ARG A 7 9.43 -5.40 5.22
N GLN A 8 9.32 -4.45 6.15
CA GLN A 8 8.47 -3.25 6.03
C GLN A 8 8.78 -2.44 4.77
N GLU A 9 10.06 -2.18 4.47
CA GLU A 9 10.45 -1.39 3.29
C GLU A 9 10.35 -2.17 1.98
N GLU A 10 10.47 -3.51 2.01
CA GLU A 10 10.26 -4.37 0.84
C GLU A 10 8.77 -4.41 0.44
N ILE A 11 7.89 -4.53 1.44
CA ILE A 11 6.43 -4.52 1.25
C ILE A 11 5.97 -3.12 0.83
N ALA A 12 6.49 -2.05 1.44
CA ALA A 12 6.14 -0.67 1.09
C ALA A 12 6.52 -0.29 -0.35
N GLU A 13 7.70 -0.71 -0.83
CA GLU A 13 8.10 -0.49 -2.23
C GLU A 13 7.25 -1.30 -3.22
N GLU A 14 6.88 -2.54 -2.89
CA GLU A 14 6.02 -3.35 -3.77
C GLU A 14 4.56 -2.83 -3.81
N VAL A 15 4.03 -2.37 -2.68
CA VAL A 15 2.76 -1.63 -2.60
C VAL A 15 2.78 -0.38 -3.48
N ALA A 16 3.84 0.44 -3.39
CA ALA A 16 3.98 1.65 -4.19
C ALA A 16 4.10 1.36 -5.70
N ARG A 17 4.68 0.21 -6.08
CA ARG A 17 4.75 -0.26 -7.47
C ARG A 17 3.39 -0.74 -7.98
N LEU A 18 2.68 -1.57 -7.21
CA LEU A 18 1.42 -2.19 -7.65
C LEU A 18 0.24 -1.20 -7.61
N LEU A 19 0.22 -0.26 -6.64
CA LEU A 19 -0.80 0.80 -6.55
C LEU A 19 -0.74 1.76 -7.73
N ALA A 20 0.45 2.19 -8.13
CA ALA A 20 0.59 3.18 -9.20
C ALA A 20 -0.10 2.71 -10.50
N GLY A 21 -0.08 1.40 -10.76
CA GLY A 21 -0.76 0.79 -11.92
C GLY A 21 -2.29 0.75 -11.83
N VAL A 22 -2.86 0.81 -10.62
CA VAL A 22 -4.32 0.94 -10.38
C VAL A 22 -4.77 2.40 -10.55
N LEU A 23 -3.89 3.34 -10.19
CA LEU A 23 -4.10 4.79 -10.35
C LEU A 23 -3.68 5.31 -11.75
N TYR A 24 -3.28 4.41 -12.67
CA TYR A 24 -2.81 4.73 -14.02
C TYR A 24 -1.68 5.78 -14.06
N LEU A 25 -0.79 5.70 -13.07
CA LEU A 25 0.37 6.56 -12.84
C LEU A 25 1.68 5.74 -12.86
N GLU A 26 2.82 6.42 -12.87
CA GLU A 26 4.16 5.79 -12.75
C GLU A 26 4.60 5.76 -11.27
N PRO A 27 5.31 4.70 -10.82
CA PRO A 27 5.79 4.60 -9.44
C PRO A 27 6.89 5.63 -9.09
N ASP A 28 7.50 6.26 -10.11
CA ASP A 28 8.42 7.40 -9.95
C ASP A 28 7.67 8.75 -9.76
N ARG A 29 6.41 8.84 -10.23
CA ARG A 29 5.53 10.02 -10.12
C ARG A 29 4.68 9.99 -8.85
N LEU A 30 4.32 8.79 -8.38
CA LEU A 30 3.81 8.55 -7.02
C LEU A 30 4.91 8.76 -5.98
N ASP A 31 4.55 9.24 -4.79
CA ASP A 31 5.40 9.27 -3.60
C ASP A 31 4.77 8.42 -2.47
N PRO A 32 5.49 7.44 -1.88
CA PRO A 32 4.94 6.58 -0.83
C PRO A 32 4.77 7.29 0.52
N GLU A 33 5.38 8.46 0.69
CA GLU A 33 5.29 9.31 1.89
C GLU A 33 4.02 10.17 1.92
N GLU A 34 3.29 10.29 0.81
CA GLU A 34 2.06 11.09 0.69
C GLU A 34 0.76 10.30 0.91
N THR A 35 -0.35 11.01 1.11
CA THR A 35 -1.68 10.45 1.29
C THR A 35 -2.25 9.80 0.03
N PHE A 36 -3.11 8.79 0.20
CA PHE A 36 -3.95 8.23 -0.86
C PHE A 36 -4.79 9.32 -1.59
N LEU A 37 -5.17 10.38 -0.87
CA LEU A 37 -5.97 11.49 -1.39
C LEU A 37 -5.23 12.28 -2.49
N THR A 38 -3.96 12.64 -2.31
CA THR A 38 -3.19 13.40 -3.33
C THR A 38 -2.63 12.50 -4.45
N LEU A 39 -2.44 11.20 -4.16
CA LEU A 39 -2.14 10.15 -5.14
C LEU A 39 -3.30 9.90 -6.12
N GLY A 40 -4.53 10.29 -5.77
CA GLY A 40 -5.73 10.22 -6.64
C GLY A 40 -6.61 9.00 -6.43
N VAL A 41 -6.55 8.37 -5.24
CA VAL A 41 -7.39 7.23 -4.84
C VAL A 41 -8.83 7.72 -4.55
N ASP A 42 -9.81 7.02 -5.13
CA ASP A 42 -11.21 6.99 -4.70
C ASP A 42 -11.62 5.55 -4.35
N SER A 43 -12.83 5.35 -3.81
CA SER A 43 -13.29 4.06 -3.26
C SER A 43 -13.15 2.88 -4.22
N ILE A 44 -13.44 3.07 -5.51
CA ILE A 44 -13.31 2.04 -6.55
C ILE A 44 -11.84 1.64 -6.76
N LEU A 45 -10.94 2.63 -6.84
CA LEU A 45 -9.50 2.40 -7.01
C LEU A 45 -8.88 1.77 -5.75
N GLY A 46 -9.39 2.11 -4.57
CA GLY A 46 -9.07 1.43 -3.32
C GLY A 46 -9.38 -0.08 -3.37
N VAL A 47 -10.63 -0.45 -3.68
CA VAL A 47 -11.06 -1.86 -3.78
C VAL A 47 -10.26 -2.64 -4.83
N GLU A 48 -9.97 -2.04 -5.98
CA GLU A 48 -9.16 -2.64 -7.04
C GLU A 48 -7.72 -2.93 -6.61
N PHE A 49 -7.08 -1.99 -5.91
CA PHE A 49 -5.74 -2.15 -5.35
C PHE A 49 -5.72 -3.24 -4.26
N VAL A 50 -6.71 -3.26 -3.38
CA VAL A 50 -6.82 -4.24 -2.28
C VAL A 50 -7.01 -5.66 -2.81
N ALA A 51 -7.78 -5.83 -3.90
CA ALA A 51 -7.90 -7.11 -4.59
C ALA A 51 -6.57 -7.60 -5.20
N ALA A 52 -5.74 -6.69 -5.73
CA ALA A 52 -4.40 -7.00 -6.24
C ALA A 52 -3.38 -7.29 -5.12
N VAL A 53 -3.49 -6.61 -3.97
CA VAL A 53 -2.69 -6.86 -2.76
C VAL A 53 -2.93 -8.26 -2.20
N ASN A 54 -4.19 -8.69 -2.10
CA ASN A 54 -4.53 -10.03 -1.57
C ASN A 54 -4.08 -11.18 -2.50
N ALA A 55 -3.78 -10.91 -3.77
CA ALA A 55 -3.13 -11.86 -4.69
C ALA A 55 -1.59 -11.91 -4.50
N ALA A 56 -0.96 -10.82 -4.06
CA ALA A 56 0.48 -10.72 -3.81
C ALA A 56 0.89 -11.14 -2.38
N TYR A 57 0.03 -10.90 -1.39
CA TYR A 57 0.25 -11.11 0.04
C TYR A 57 -1.01 -11.72 0.68
N PRO A 58 -0.94 -12.90 1.33
CA PRO A 58 -2.08 -13.65 1.85
C PRO A 58 -2.58 -13.12 3.22
N VAL A 59 -2.79 -11.81 3.34
CA VAL A 59 -3.25 -11.14 4.58
C VAL A 59 -4.75 -11.24 4.82
N GLY A 60 -5.56 -11.37 3.76
CA GLY A 60 -7.02 -11.39 3.84
C GLY A 60 -7.63 -10.02 4.19
N VAL A 61 -6.96 -8.91 3.80
CA VAL A 61 -7.31 -7.55 4.19
C VAL A 61 -8.47 -6.99 3.35
N LYS A 62 -9.45 -6.36 4.00
CA LYS A 62 -10.64 -5.74 3.38
C LYS A 62 -10.39 -4.26 3.08
N ALA A 63 -11.21 -3.70 2.19
CA ALA A 63 -11.08 -2.32 1.69
C ALA A 63 -11.24 -1.21 2.76
N THR A 64 -11.71 -1.54 3.97
CA THR A 64 -11.67 -0.64 5.14
C THR A 64 -10.25 -0.15 5.49
N ALA A 65 -9.20 -0.94 5.20
CA ALA A 65 -7.81 -0.53 5.43
C ALA A 65 -7.38 0.70 4.60
N LEU A 66 -8.03 0.96 3.46
CA LEU A 66 -7.80 2.16 2.62
C LEU A 66 -8.48 3.43 3.17
N TYR A 67 -9.42 3.27 4.11
CA TYR A 67 -10.01 4.36 4.91
C TYR A 67 -9.28 4.51 6.27
N ASP A 68 -8.84 3.41 6.88
CA ASP A 68 -8.18 3.38 8.19
C ASP A 68 -6.72 3.86 8.15
N HIS A 69 -5.98 3.56 7.06
CA HIS A 69 -4.62 4.06 6.81
C HIS A 69 -4.65 5.25 5.82
N PRO A 70 -3.93 6.34 6.11
CA PRO A 70 -3.87 7.53 5.26
C PRO A 70 -2.91 7.39 4.06
N THR A 71 -1.86 6.56 4.16
CA THR A 71 -0.75 6.45 3.20
C THR A 71 -0.47 5.00 2.80
N PRO A 72 0.13 4.73 1.63
CA PRO A 72 0.62 3.40 1.27
C PRO A 72 1.68 2.88 2.24
N ALA A 73 2.50 3.74 2.86
CA ALA A 73 3.50 3.33 3.86
C ALA A 73 2.86 2.89 5.20
N ALA A 74 1.75 3.50 5.63
CA ALA A 74 0.99 3.05 6.80
C ALA A 74 0.28 1.72 6.53
N PHE A 75 -0.37 1.58 5.36
CA PHE A 75 -1.02 0.35 4.92
C PHE A 75 -0.01 -0.82 4.74
N ALA A 76 1.16 -0.55 4.18
CA ALA A 76 2.23 -1.53 4.03
C ALA A 76 2.78 -2.02 5.37
N ARG A 77 2.80 -1.18 6.41
CA ARG A 77 3.17 -1.58 7.78
C ARG A 77 2.14 -2.49 8.43
N HIS A 78 0.84 -2.34 8.15
CA HIS A 78 -0.19 -3.33 8.53
C HIS A 78 0.09 -4.71 7.90
N ILE A 79 0.29 -4.76 6.58
CA ILE A 79 0.70 -6.00 5.88
C ILE A 79 1.98 -6.60 6.47
N ALA A 80 3.00 -5.79 6.74
CA ALA A 80 4.27 -6.24 7.28
C ALA A 80 4.17 -6.77 8.72
N GLU A 81 3.26 -6.27 9.55
CA GLU A 81 2.94 -6.85 10.87
C GLU A 81 2.14 -8.16 10.75
N SER A 82 1.33 -8.30 9.71
CA SER A 82 0.58 -9.54 9.40
C SER A 82 1.51 -10.67 8.87
N LEU A 83 2.51 -10.31 8.07
CA LEU A 83 3.55 -11.21 7.54
C LEU A 83 4.72 -11.44 8.51
N GLY A 84 4.87 -10.61 9.54
CA GLY A 84 5.83 -10.77 10.62
C GLY A 84 7.25 -10.32 10.27
N ALA A 85 7.39 -9.04 9.92
CA ALA A 85 8.68 -8.36 9.68
C ALA A 85 9.67 -8.47 10.87
N GLY A 1 12.61 8.91 16.14
CA GLY A 1 12.35 7.48 16.41
C GLY A 1 13.28 6.55 15.64
N PRO A 2 13.17 5.22 15.84
CA PRO A 2 14.05 4.21 15.24
C PRO A 2 13.74 3.90 13.76
N GLY A 3 12.57 4.30 13.25
CA GLY A 3 12.11 4.03 11.88
C GLY A 3 11.60 2.59 11.66
N SER A 4 11.21 2.30 10.42
CA SER A 4 10.58 1.04 9.99
C SER A 4 11.49 0.22 9.05
N ALA A 5 12.71 -0.09 9.49
CA ALA A 5 13.68 -0.88 8.73
C ALA A 5 13.41 -2.39 8.82
N GLY A 6 13.63 -3.12 7.72
CA GLY A 6 13.39 -4.56 7.56
C GLY A 6 12.50 -4.83 6.34
N ARG A 7 11.72 -5.92 6.40
CA ARG A 7 10.73 -6.29 5.36
C ARG A 7 9.66 -5.21 5.13
N GLN A 8 9.42 -4.37 6.14
CA GLN A 8 8.46 -3.28 6.12
C GLN A 8 8.67 -2.32 4.93
N GLU A 9 9.92 -2.00 4.59
CA GLU A 9 10.24 -1.10 3.47
C GLU A 9 10.21 -1.80 2.10
N GLU A 10 10.50 -3.11 2.05
CA GLU A 10 10.42 -3.91 0.82
C GLU A 10 8.96 -4.15 0.39
N ILE A 11 8.09 -4.39 1.37
CA ILE A 11 6.64 -4.51 1.19
C ILE A 11 6.04 -3.15 0.79
N ALA A 12 6.52 -2.04 1.36
CA ALA A 12 6.11 -0.69 0.97
C ALA A 12 6.53 -0.30 -0.46
N GLU A 13 7.71 -0.72 -0.93
CA GLU A 13 8.13 -0.53 -2.32
C GLU A 13 7.26 -1.33 -3.30
N GLU A 14 6.86 -2.56 -2.98
CA GLU A 14 6.00 -3.37 -3.84
C GLU A 14 4.55 -2.83 -3.87
N VAL A 15 4.03 -2.38 -2.73
CA VAL A 15 2.76 -1.64 -2.64
C VAL A 15 2.78 -0.37 -3.51
N ALA A 16 3.86 0.42 -3.43
CA ALA A 16 4.02 1.65 -4.23
C ALA A 16 4.08 1.36 -5.74
N ARG A 17 4.65 0.21 -6.14
CA ARG A 17 4.68 -0.26 -7.55
C ARG A 17 3.31 -0.74 -8.03
N LEU A 18 2.63 -1.57 -7.25
CA LEU A 18 1.35 -2.18 -7.64
C LEU A 18 0.18 -1.17 -7.59
N LEU A 19 0.20 -0.22 -6.64
CA LEU A 19 -0.80 0.86 -6.59
C LEU A 19 -0.72 1.77 -7.80
N ALA A 20 0.49 2.17 -8.22
CA ALA A 20 0.65 3.07 -9.36
C ALA A 20 0.04 2.50 -10.66
N GLY A 21 0.01 1.16 -10.79
CA GLY A 21 -0.65 0.44 -11.88
C GLY A 21 -2.19 0.40 -11.80
N VAL A 22 -2.78 0.58 -10.61
CA VAL A 22 -4.24 0.70 -10.40
C VAL A 22 -4.69 2.15 -10.64
N LEU A 23 -3.88 3.13 -10.25
CA LEU A 23 -4.15 4.57 -10.46
C LEU A 23 -3.74 5.06 -11.86
N TYR A 24 -3.18 4.19 -12.71
CA TYR A 24 -2.64 4.49 -14.05
C TYR A 24 -1.63 5.65 -14.04
N LEU A 25 -0.78 5.65 -13.00
CA LEU A 25 0.33 6.56 -12.76
C LEU A 25 1.68 5.80 -12.91
N GLU A 26 2.77 6.35 -12.39
CA GLU A 26 4.09 5.70 -12.33
C GLU A 26 4.65 5.74 -10.90
N PRO A 27 5.46 4.74 -10.46
CA PRO A 27 6.04 4.73 -9.11
C PRO A 27 7.08 5.85 -8.89
N ASP A 28 7.56 6.50 -9.95
CA ASP A 28 8.39 7.71 -9.89
C ASP A 28 7.58 9.01 -9.75
N ARG A 29 6.29 9.00 -10.14
CA ARG A 29 5.33 10.10 -9.99
C ARG A 29 4.60 10.07 -8.64
N LEU A 30 4.31 8.86 -8.14
CA LEU A 30 3.85 8.58 -6.77
C LEU A 30 4.95 8.90 -5.74
N ASP A 31 4.53 9.32 -4.53
CA ASP A 31 5.36 9.40 -3.33
C ASP A 31 4.79 8.49 -2.21
N PRO A 32 5.61 7.66 -1.53
CA PRO A 32 5.11 6.74 -0.49
C PRO A 32 4.73 7.44 0.82
N GLU A 33 5.24 8.66 1.04
CA GLU A 33 4.97 9.47 2.24
C GLU A 33 3.71 10.35 2.12
N GLU A 34 3.14 10.51 0.92
CA GLU A 34 1.89 11.25 0.70
C GLU A 34 0.63 10.40 0.93
N THR A 35 -0.51 11.06 1.08
CA THR A 35 -1.81 10.40 1.27
C THR A 35 -2.34 9.77 -0.01
N PHE A 36 -3.18 8.74 0.13
CA PHE A 36 -3.93 8.15 -0.98
C PHE A 36 -4.76 9.21 -1.76
N LEU A 37 -5.20 10.28 -1.09
CA LEU A 37 -6.00 11.37 -1.68
C LEU A 37 -5.23 12.17 -2.75
N THR A 38 -3.98 12.56 -2.51
CA THR A 38 -3.18 13.32 -3.49
C THR A 38 -2.54 12.41 -4.57
N LEU A 39 -2.38 11.12 -4.27
CA LEU A 39 -2.02 10.07 -5.24
C LEU A 39 -3.16 9.78 -6.25
N GLY A 40 -4.40 10.20 -5.97
CA GLY A 40 -5.54 10.10 -6.88
C GLY A 40 -6.48 8.91 -6.63
N VAL A 41 -6.46 8.32 -5.43
CA VAL A 41 -7.37 7.23 -5.02
C VAL A 41 -8.79 7.75 -4.76
N ASP A 42 -9.78 7.08 -5.33
CA ASP A 42 -11.17 7.05 -4.87
C ASP A 42 -11.56 5.62 -4.47
N SER A 43 -12.72 5.44 -3.81
CA SER A 43 -13.11 4.17 -3.17
C SER A 43 -13.08 2.95 -4.10
N ILE A 44 -13.42 3.13 -5.38
CA ILE A 44 -13.39 2.08 -6.40
C ILE A 44 -11.94 1.63 -6.67
N LEU A 45 -11.01 2.57 -6.84
CA LEU A 45 -9.59 2.32 -7.04
C LEU A 45 -8.94 1.72 -5.78
N GLY A 46 -9.43 2.10 -4.60
CA GLY A 46 -9.09 1.47 -3.32
C GLY A 46 -9.42 -0.03 -3.32
N VAL A 47 -10.67 -0.41 -3.60
CA VAL A 47 -11.11 -1.82 -3.67
C VAL A 47 -10.31 -2.61 -4.71
N GLU A 48 -10.02 -2.02 -5.88
CA GLU A 48 -9.20 -2.66 -6.92
C GLU A 48 -7.75 -2.92 -6.49
N PHE A 49 -7.11 -1.96 -5.82
CA PHE A 49 -5.77 -2.13 -5.27
C PHE A 49 -5.73 -3.19 -4.16
N VAL A 50 -6.76 -3.23 -3.31
CA VAL A 50 -6.87 -4.21 -2.22
C VAL A 50 -7.09 -5.64 -2.77
N ALA A 51 -7.87 -5.79 -3.84
CA ALA A 51 -7.99 -7.06 -4.57
C ALA A 51 -6.65 -7.52 -5.19
N ALA A 52 -5.83 -6.59 -5.69
CA ALA A 52 -4.49 -6.88 -6.24
C ALA A 52 -3.46 -7.21 -5.14
N VAL A 53 -3.56 -6.57 -3.98
CA VAL A 53 -2.75 -6.87 -2.78
C VAL A 53 -2.99 -8.29 -2.27
N ASN A 54 -4.25 -8.70 -2.13
CA ASN A 54 -4.60 -10.03 -1.62
C ASN A 54 -4.18 -11.20 -2.58
N ALA A 55 -3.87 -10.89 -3.84
CA ALA A 55 -3.28 -11.83 -4.80
C ALA A 55 -1.75 -11.98 -4.64
N ALA A 56 -1.08 -11.00 -4.02
CA ALA A 56 0.38 -10.98 -3.78
C ALA A 56 0.78 -11.24 -2.31
N TYR A 57 -0.14 -11.00 -1.36
CA TYR A 57 0.05 -11.07 0.09
C TYR A 57 -1.17 -11.77 0.74
N PRO A 58 -1.00 -12.91 1.41
CA PRO A 58 -2.09 -13.73 1.97
C PRO A 58 -2.65 -13.17 3.31
N VAL A 59 -2.87 -11.87 3.38
CA VAL A 59 -3.31 -11.14 4.60
C VAL A 59 -4.81 -11.19 4.87
N GLY A 60 -5.63 -11.33 3.80
CA GLY A 60 -7.09 -11.30 3.90
C GLY A 60 -7.65 -9.89 4.21
N VAL A 61 -6.94 -8.83 3.81
CA VAL A 61 -7.25 -7.44 4.16
C VAL A 61 -8.41 -6.89 3.34
N LYS A 62 -9.32 -6.16 4.00
CA LYS A 62 -10.52 -5.56 3.39
C LYS A 62 -10.31 -4.08 3.07
N ALA A 63 -11.18 -3.51 2.24
CA ALA A 63 -11.09 -2.12 1.78
C ALA A 63 -11.28 -1.06 2.89
N THR A 64 -11.66 -1.46 4.11
CA THR A 64 -11.60 -0.63 5.32
C THR A 64 -10.18 -0.21 5.71
N ALA A 65 -9.14 -0.96 5.31
CA ALA A 65 -7.74 -0.57 5.53
C ALA A 65 -7.31 0.66 4.71
N LEU A 66 -7.96 0.93 3.57
CA LEU A 66 -7.76 2.14 2.76
C LEU A 66 -8.44 3.39 3.35
N TYR A 67 -9.36 3.19 4.30
CA TYR A 67 -9.95 4.23 5.15
C TYR A 67 -9.15 4.39 6.47
N ASP A 68 -8.67 3.30 7.06
CA ASP A 68 -7.96 3.31 8.35
C ASP A 68 -6.50 3.78 8.26
N HIS A 69 -5.82 3.51 7.14
CA HIS A 69 -4.46 3.99 6.84
C HIS A 69 -4.51 5.15 5.83
N PRO A 70 -3.87 6.31 6.11
CA PRO A 70 -3.87 7.47 5.23
C PRO A 70 -2.90 7.38 4.04
N THR A 71 -1.83 6.59 4.15
CA THR A 71 -0.72 6.50 3.18
C THR A 71 -0.44 5.05 2.75
N PRO A 72 0.18 4.81 1.58
CA PRO A 72 0.65 3.48 1.18
C PRO A 72 1.71 2.92 2.13
N ALA A 73 2.55 3.77 2.74
CA ALA A 73 3.54 3.35 3.73
C ALA A 73 2.91 2.88 5.06
N ALA A 74 1.81 3.48 5.51
CA ALA A 74 1.07 3.01 6.69
C ALA A 74 0.35 1.68 6.40
N PHE A 75 -0.31 1.58 5.23
CA PHE A 75 -0.99 0.36 4.79
C PHE A 75 -0.03 -0.83 4.58
N ALA A 76 1.15 -0.58 3.99
CA ALA A 76 2.17 -1.61 3.81
C ALA A 76 2.75 -2.14 5.13
N ARG A 77 2.78 -1.32 6.19
CA ARG A 77 3.23 -1.75 7.52
C ARG A 77 2.20 -2.58 8.27
N HIS A 78 0.90 -2.43 7.98
CA HIS A 78 -0.12 -3.41 8.39
C HIS A 78 0.15 -4.79 7.76
N ILE A 79 0.35 -4.85 6.43
CA ILE A 79 0.75 -6.09 5.74
C ILE A 79 2.02 -6.71 6.35
N ALA A 80 3.05 -5.89 6.59
CA ALA A 80 4.32 -6.38 7.15
C ALA A 80 4.20 -6.92 8.59
N GLU A 81 3.32 -6.35 9.42
CA GLU A 81 3.00 -6.90 10.75
C GLU A 81 2.13 -8.17 10.67
N SER A 82 1.32 -8.31 9.62
CA SER A 82 0.49 -9.50 9.36
C SER A 82 1.31 -10.70 8.87
N LEU A 83 2.34 -10.46 8.04
CA LEU A 83 3.32 -11.48 7.61
C LEU A 83 4.39 -11.77 8.66
N GLY A 84 4.72 -10.80 9.52
CA GLY A 84 5.77 -10.88 10.54
C GLY A 84 7.15 -10.52 9.97
N ALA A 85 7.37 -9.21 9.78
CA ALA A 85 8.62 -8.62 9.26
C ALA A 85 9.91 -9.10 9.94
N GLY A 1 18.85 -4.08 17.59
CA GLY A 1 19.33 -3.40 16.37
C GLY A 1 18.74 -2.00 16.25
N PRO A 2 19.55 -0.92 16.27
CA PRO A 2 19.07 0.47 16.19
C PRO A 2 18.44 0.88 14.85
N GLY A 3 18.80 0.21 13.75
CA GLY A 3 18.28 0.46 12.38
C GLY A 3 16.83 0.01 12.17
N SER A 4 16.19 0.56 11.13
CA SER A 4 14.78 0.29 10.77
C SER A 4 14.62 -0.63 9.55
N ALA A 5 15.71 -1.24 9.06
CA ALA A 5 15.72 -2.11 7.89
C ALA A 5 15.06 -3.47 8.15
N GLY A 6 14.39 -4.03 7.12
CA GLY A 6 13.70 -5.31 7.16
C GLY A 6 12.66 -5.45 6.05
N ARG A 7 11.79 -6.46 6.17
CA ARG A 7 10.74 -6.79 5.15
C ARG A 7 9.70 -5.69 4.95
N GLN A 8 9.56 -4.75 5.89
CA GLN A 8 8.72 -3.55 5.72
C GLN A 8 9.12 -2.75 4.46
N GLU A 9 10.42 -2.68 4.13
CA GLU A 9 10.92 -1.97 2.95
C GLU A 9 10.50 -2.67 1.64
N GLU A 10 10.58 -4.00 1.60
CA GLU A 10 10.22 -4.81 0.42
C GLU A 10 8.71 -4.73 0.15
N ILE A 11 7.90 -4.80 1.21
CA ILE A 11 6.43 -4.72 1.16
C ILE A 11 5.98 -3.31 0.75
N ALA A 12 6.58 -2.25 1.30
CA ALA A 12 6.28 -0.86 0.94
C ALA A 12 6.66 -0.53 -0.51
N GLU A 13 7.81 -1.00 -0.99
CA GLU A 13 8.20 -0.83 -2.40
C GLU A 13 7.26 -1.54 -3.37
N GLU A 14 6.80 -2.76 -3.05
CA GLU A 14 5.90 -3.52 -3.92
C GLU A 14 4.49 -2.92 -3.94
N VAL A 15 3.98 -2.46 -2.80
CA VAL A 15 2.75 -1.67 -2.70
C VAL A 15 2.84 -0.39 -3.55
N ALA A 16 3.94 0.37 -3.44
CA ALA A 16 4.16 1.59 -4.23
C ALA A 16 4.26 1.33 -5.74
N ARG A 17 4.76 0.15 -6.14
CA ARG A 17 4.80 -0.29 -7.55
C ARG A 17 3.41 -0.68 -8.06
N LEU A 18 2.69 -1.52 -7.31
CA LEU A 18 1.41 -2.10 -7.75
C LEU A 18 0.25 -1.10 -7.65
N LEU A 19 0.26 -0.17 -6.68
CA LEU A 19 -0.77 0.87 -6.55
C LEU A 19 -0.73 1.84 -7.72
N ALA A 20 0.46 2.27 -8.14
CA ALA A 20 0.59 3.25 -9.23
C ALA A 20 -0.05 2.72 -10.53
N GLY A 21 -0.02 1.40 -10.74
CA GLY A 21 -0.66 0.72 -11.87
C GLY A 21 -2.20 0.70 -11.81
N VAL A 22 -2.81 0.84 -10.62
CA VAL A 22 -4.27 0.99 -10.42
C VAL A 22 -4.70 2.44 -10.60
N LEU A 23 -3.87 3.39 -10.16
CA LEU A 23 -4.08 4.84 -10.32
C LEU A 23 -3.62 5.39 -11.68
N TYR A 24 -3.18 4.51 -12.60
CA TYR A 24 -2.68 4.82 -13.95
C TYR A 24 -1.54 5.86 -13.97
N LEU A 25 -0.70 5.84 -12.93
CA LEU A 25 0.46 6.69 -12.70
C LEU A 25 1.78 5.90 -12.87
N GLU A 26 2.91 6.61 -12.97
CA GLU A 26 4.24 5.99 -12.91
C GLU A 26 4.69 5.84 -11.44
N PRO A 27 5.34 4.72 -11.05
CA PRO A 27 5.68 4.45 -9.65
C PRO A 27 6.75 5.39 -9.07
N ASP A 28 7.57 6.01 -9.93
CA ASP A 28 8.55 7.06 -9.55
C ASP A 28 7.92 8.46 -9.41
N ARG A 29 6.66 8.64 -9.85
CA ARG A 29 5.87 9.88 -9.69
C ARG A 29 4.94 9.86 -8.47
N LEU A 30 4.64 8.67 -7.95
CA LEU A 30 4.09 8.45 -6.61
C LEU A 30 5.17 8.68 -5.53
N ASP A 31 4.74 9.15 -4.35
CA ASP A 31 5.55 9.23 -3.12
C ASP A 31 4.89 8.45 -1.96
N PRO A 32 5.65 7.70 -1.15
CA PRO A 32 5.08 6.80 -0.13
C PRO A 32 4.54 7.53 1.12
N GLU A 33 5.01 8.76 1.38
CA GLU A 33 4.62 9.58 2.54
C GLU A 33 3.38 10.47 2.28
N GLU A 34 2.96 10.59 1.01
CA GLU A 34 1.77 11.34 0.60
C GLU A 34 0.49 10.48 0.71
N THR A 35 -0.64 11.13 0.94
CA THR A 35 -1.92 10.45 1.21
C THR A 35 -2.54 9.80 -0.03
N PHE A 36 -3.35 8.75 0.17
CA PHE A 36 -4.18 8.17 -0.88
C PHE A 36 -5.06 9.22 -1.60
N LEU A 37 -5.54 10.23 -0.87
CA LEU A 37 -6.36 11.32 -1.41
C LEU A 37 -5.59 12.19 -2.42
N THR A 38 -4.34 12.57 -2.14
CA THR A 38 -3.50 13.36 -3.07
C THR A 38 -2.84 12.52 -4.17
N LEU A 39 -2.68 11.20 -3.94
CA LEU A 39 -2.30 10.21 -4.96
C LEU A 39 -3.41 9.97 -6.01
N GLY A 40 -4.66 10.31 -5.69
CA GLY A 40 -5.82 10.22 -6.61
C GLY A 40 -6.69 8.97 -6.42
N VAL A 41 -6.66 8.35 -5.24
CA VAL A 41 -7.52 7.22 -4.87
C VAL A 41 -8.96 7.67 -4.59
N ASP A 42 -9.92 6.95 -5.17
CA ASP A 42 -11.33 6.89 -4.73
C ASP A 42 -11.69 5.43 -4.37
N SER A 43 -12.87 5.20 -3.80
CA SER A 43 -13.28 3.89 -3.25
C SER A 43 -13.16 2.73 -4.23
N ILE A 44 -13.46 2.94 -5.52
CA ILE A 44 -13.33 1.93 -6.59
C ILE A 44 -11.86 1.54 -6.79
N LEU A 45 -10.96 2.53 -6.87
CA LEU A 45 -9.52 2.32 -7.03
C LEU A 45 -8.90 1.69 -5.77
N GLY A 46 -9.43 2.02 -4.59
CA GLY A 46 -9.10 1.35 -3.33
C GLY A 46 -9.39 -0.15 -3.38
N VAL A 47 -10.64 -0.54 -3.68
CA VAL A 47 -11.06 -1.95 -3.80
C VAL A 47 -10.22 -2.70 -4.85
N GLU A 48 -9.95 -2.10 -6.00
CA GLU A 48 -9.13 -2.69 -7.07
C GLU A 48 -7.68 -2.95 -6.64
N PHE A 49 -7.05 -2.02 -5.93
CA PHE A 49 -5.71 -2.19 -5.39
C PHE A 49 -5.67 -3.26 -4.29
N VAL A 50 -6.67 -3.28 -3.40
CA VAL A 50 -6.76 -4.24 -2.30
C VAL A 50 -6.99 -5.67 -2.80
N ALA A 51 -7.74 -5.85 -3.88
CA ALA A 51 -7.88 -7.14 -4.56
C ALA A 51 -6.54 -7.64 -5.16
N ALA A 52 -5.73 -6.74 -5.72
CA ALA A 52 -4.39 -7.06 -6.25
C ALA A 52 -3.37 -7.34 -5.13
N VAL A 53 -3.47 -6.64 -4.00
CA VAL A 53 -2.67 -6.87 -2.79
C VAL A 53 -2.94 -8.25 -2.20
N ASN A 54 -4.20 -8.67 -2.06
CA ASN A 54 -4.56 -9.99 -1.50
C ASN A 54 -4.17 -11.16 -2.43
N ALA A 55 -3.88 -10.91 -3.71
CA ALA A 55 -3.28 -11.90 -4.63
C ALA A 55 -1.75 -12.01 -4.46
N ALA A 56 -1.08 -10.98 -3.92
CA ALA A 56 0.38 -10.94 -3.69
C ALA A 56 0.79 -11.23 -2.24
N TYR A 57 -0.12 -11.00 -1.28
CA TYR A 57 0.10 -11.07 0.17
C TYR A 57 -1.12 -11.72 0.85
N PRO A 58 -0.96 -12.85 1.56
CA PRO A 58 -2.07 -13.63 2.13
C PRO A 58 -2.61 -13.06 3.46
N VAL A 59 -2.79 -11.74 3.53
CA VAL A 59 -3.23 -11.01 4.73
C VAL A 59 -4.74 -11.07 4.99
N GLY A 60 -5.56 -11.24 3.94
CA GLY A 60 -7.02 -11.25 4.01
C GLY A 60 -7.63 -9.87 4.30
N VAL A 61 -6.94 -8.78 3.93
CA VAL A 61 -7.28 -7.41 4.31
C VAL A 61 -8.42 -6.84 3.46
N LYS A 62 -9.38 -6.17 4.11
CA LYS A 62 -10.57 -5.57 3.49
C LYS A 62 -10.31 -4.14 3.02
N ALA A 63 -11.18 -3.62 2.14
CA ALA A 63 -11.07 -2.27 1.57
C ALA A 63 -11.25 -1.13 2.60
N THR A 64 -11.67 -1.43 3.84
CA THR A 64 -11.66 -0.50 4.98
C THR A 64 -10.25 -0.07 5.40
N ALA A 65 -9.20 -0.84 5.10
CA ALA A 65 -7.83 -0.45 5.39
C ALA A 65 -7.35 0.77 4.58
N LEU A 66 -7.93 1.03 3.40
CA LEU A 66 -7.68 2.21 2.55
C LEU A 66 -8.39 3.48 3.08
N TYR A 67 -9.34 3.31 4.00
CA TYR A 67 -10.00 4.37 4.75
C TYR A 67 -9.35 4.58 6.14
N ASP A 68 -8.90 3.50 6.79
CA ASP A 68 -8.28 3.52 8.12
C ASP A 68 -6.81 4.00 8.11
N HIS A 69 -6.03 3.63 7.08
CA HIS A 69 -4.68 4.13 6.83
C HIS A 69 -4.73 5.32 5.85
N PRO A 70 -3.98 6.41 6.11
CA PRO A 70 -3.94 7.59 5.25
C PRO A 70 -3.00 7.46 4.04
N THR A 71 -1.96 6.62 4.14
CA THR A 71 -0.83 6.55 3.18
C THR A 71 -0.52 5.11 2.76
N PRO A 72 0.10 4.89 1.58
CA PRO A 72 0.58 3.56 1.18
C PRO A 72 1.66 3.02 2.12
N ALA A 73 2.48 3.87 2.74
CA ALA A 73 3.46 3.45 3.75
C ALA A 73 2.79 2.88 5.02
N ALA A 74 1.75 3.55 5.54
CA ALA A 74 1.03 3.08 6.74
C ALA A 74 0.31 1.75 6.48
N PHE A 75 -0.33 1.62 5.31
CA PHE A 75 -0.97 0.39 4.85
C PHE A 75 0.04 -0.76 4.61
N ALA A 76 1.20 -0.47 4.03
CA ALA A 76 2.27 -1.46 3.84
C ALA A 76 2.88 -1.95 5.16
N ARG A 77 3.00 -1.08 6.17
CA ARG A 77 3.43 -1.49 7.52
C ARG A 77 2.38 -2.35 8.24
N HIS A 78 1.09 -2.15 8.00
CA HIS A 78 0.03 -3.08 8.43
C HIS A 78 0.25 -4.48 7.82
N ILE A 79 0.35 -4.59 6.48
CA ILE A 79 0.68 -5.87 5.80
C ILE A 79 1.96 -6.50 6.40
N ALA A 80 3.00 -5.71 6.62
CA ALA A 80 4.28 -6.19 7.16
C ALA A 80 4.19 -6.69 8.62
N GLU A 81 3.31 -6.12 9.45
CA GLU A 81 3.01 -6.66 10.78
C GLU A 81 2.21 -7.97 10.72
N SER A 82 1.32 -8.13 9.72
CA SER A 82 0.61 -9.40 9.46
C SER A 82 1.54 -10.50 8.94
N LEU A 83 2.57 -10.14 8.16
CA LEU A 83 3.63 -11.05 7.68
C LEU A 83 4.76 -11.29 8.70
N GLY A 84 4.88 -10.44 9.72
CA GLY A 84 5.84 -10.57 10.82
C GLY A 84 7.25 -10.03 10.53
N ALA A 85 7.33 -8.90 9.81
CA ALA A 85 8.58 -8.20 9.47
C ALA A 85 9.38 -7.74 10.72
N GLY A 1 15.26 4.03 8.25
CA GLY A 1 16.73 4.22 8.17
C GLY A 1 17.49 2.91 8.44
N PRO A 2 18.83 2.92 8.41
CA PRO A 2 19.65 1.71 8.54
C PRO A 2 19.47 0.96 9.87
N GLY A 3 19.19 1.68 10.97
CA GLY A 3 18.90 1.11 12.30
C GLY A 3 17.49 0.51 12.46
N SER A 4 16.60 0.70 11.48
CA SER A 4 15.20 0.25 11.47
C SER A 4 14.80 -0.52 10.20
N ALA A 5 15.78 -0.89 9.36
CA ALA A 5 15.59 -1.61 8.10
C ALA A 5 15.04 -3.03 8.30
N GLY A 6 14.27 -3.51 7.32
CA GLY A 6 13.65 -4.84 7.29
C GLY A 6 12.57 -4.96 6.20
N ARG A 7 11.75 -6.02 6.28
CA ARG A 7 10.71 -6.33 5.28
C ARG A 7 9.63 -5.24 5.14
N GLN A 8 9.44 -4.38 6.14
CA GLN A 8 8.55 -3.21 6.05
C GLN A 8 8.84 -2.33 4.83
N GLU A 9 10.12 -2.14 4.49
CA GLU A 9 10.54 -1.34 3.33
C GLU A 9 10.30 -2.07 2.00
N GLU A 10 10.54 -3.38 1.95
CA GLU A 10 10.32 -4.20 0.74
C GLU A 10 8.83 -4.35 0.40
N ILE A 11 7.99 -4.51 1.43
CA ILE A 11 6.53 -4.56 1.33
C ILE A 11 5.98 -3.18 0.90
N ALA A 12 6.48 -2.08 1.46
CA ALA A 12 6.10 -0.72 1.06
C ALA A 12 6.51 -0.38 -0.39
N GLU A 13 7.69 -0.82 -0.83
CA GLU A 13 8.14 -0.63 -2.23
C GLU A 13 7.28 -1.42 -3.22
N GLU A 14 6.88 -2.65 -2.91
CA GLU A 14 6.02 -3.46 -3.79
C GLU A 14 4.58 -2.92 -3.82
N VAL A 15 4.05 -2.46 -2.69
CA VAL A 15 2.77 -1.72 -2.61
C VAL A 15 2.82 -0.46 -3.48
N ALA A 16 3.87 0.35 -3.38
CA ALA A 16 4.03 1.57 -4.17
C ALA A 16 4.14 1.29 -5.68
N ARG A 17 4.73 0.15 -6.07
CA ARG A 17 4.78 -0.31 -7.46
C ARG A 17 3.42 -0.78 -7.98
N LEU A 18 2.70 -1.60 -7.21
CA LEU A 18 1.44 -2.21 -7.65
C LEU A 18 0.27 -1.21 -7.60
N LEU A 19 0.26 -0.27 -6.64
CA LEU A 19 -0.76 0.78 -6.55
C LEU A 19 -0.69 1.74 -7.73
N ALA A 20 0.52 2.17 -8.12
CA ALA A 20 0.67 3.16 -9.18
C ALA A 20 -0.01 2.68 -10.49
N GLY A 21 0.01 1.36 -10.75
CA GLY A 21 -0.67 0.73 -11.90
C GLY A 21 -2.20 0.73 -11.82
N VAL A 22 -2.78 0.79 -10.61
CA VAL A 22 -4.24 0.94 -10.41
C VAL A 22 -4.66 2.40 -10.62
N LEU A 23 -3.83 3.35 -10.19
CA LEU A 23 -4.04 4.80 -10.36
C LEU A 23 -3.61 5.33 -11.74
N TYR A 24 -3.20 4.44 -12.65
CA TYR A 24 -2.71 4.72 -14.01
C TYR A 24 -1.54 5.72 -14.04
N LEU A 25 -0.70 5.68 -13.00
CA LEU A 25 0.44 6.56 -12.74
C LEU A 25 1.77 5.77 -12.81
N GLU A 26 2.89 6.48 -12.78
CA GLU A 26 4.24 5.89 -12.71
C GLU A 26 4.73 5.82 -11.25
N PRO A 27 5.44 4.75 -10.83
CA PRO A 27 5.91 4.59 -9.45
C PRO A 27 6.99 5.62 -9.05
N ASP A 28 7.59 6.32 -10.01
CA ASP A 28 8.50 7.46 -9.80
C ASP A 28 7.75 8.81 -9.60
N ARG A 29 6.48 8.89 -10.04
CA ARG A 29 5.59 10.06 -9.89
C ARG A 29 4.73 9.98 -8.63
N LEU A 30 4.37 8.77 -8.19
CA LEU A 30 3.90 8.47 -6.84
C LEU A 30 5.02 8.66 -5.80
N ASP A 31 4.66 9.10 -4.59
CA ASP A 31 5.52 9.09 -3.40
C ASP A 31 4.87 8.27 -2.26
N PRO A 32 5.58 7.32 -1.60
CA PRO A 32 4.99 6.48 -0.55
C PRO A 32 4.55 7.26 0.71
N GLU A 33 5.19 8.40 0.96
CA GLU A 33 4.94 9.25 2.13
C GLU A 33 3.71 10.18 1.96
N GLU A 34 3.18 10.32 0.74
CA GLU A 34 2.00 11.14 0.44
C GLU A 34 0.68 10.35 0.55
N THR A 35 -0.42 11.05 0.81
CA THR A 35 -1.73 10.44 1.10
C THR A 35 -2.38 9.81 -0.14
N PHE A 36 -3.24 8.81 0.08
CA PHE A 36 -4.10 8.22 -0.95
C PHE A 36 -4.94 9.29 -1.67
N LEU A 37 -5.38 10.33 -0.96
CA LEU A 37 -6.15 11.45 -1.51
C LEU A 37 -5.37 12.27 -2.55
N THR A 38 -4.11 12.61 -2.29
CA THR A 38 -3.28 13.37 -3.24
C THR A 38 -2.68 12.50 -4.35
N LEU A 39 -2.54 11.19 -4.11
CA LEU A 39 -2.22 10.16 -5.12
C LEU A 39 -3.38 9.94 -6.13
N GLY A 40 -4.61 10.33 -5.78
CA GLY A 40 -5.79 10.29 -6.67
C GLY A 40 -6.72 9.08 -6.45
N VAL A 41 -6.64 8.43 -5.29
CA VAL A 41 -7.50 7.29 -4.90
C VAL A 41 -8.92 7.78 -4.57
N ASP A 42 -9.94 6.99 -4.94
CA ASP A 42 -11.24 6.96 -4.28
C ASP A 42 -11.65 5.49 -4.04
N SER A 43 -12.82 5.24 -3.45
CA SER A 43 -13.29 3.92 -3.04
C SER A 43 -13.19 2.83 -4.12
N ILE A 44 -13.37 3.16 -5.41
CA ILE A 44 -13.30 2.19 -6.51
C ILE A 44 -11.85 1.75 -6.74
N LEU A 45 -10.91 2.71 -6.82
CA LEU A 45 -9.49 2.42 -7.00
C LEU A 45 -8.88 1.78 -5.74
N GLY A 46 -9.40 2.11 -4.55
CA GLY A 46 -9.08 1.45 -3.29
C GLY A 46 -9.39 -0.05 -3.33
N VAL A 47 -10.64 -0.42 -3.63
CA VAL A 47 -11.07 -1.84 -3.72
C VAL A 47 -10.26 -2.60 -4.79
N GLU A 48 -9.99 -1.99 -5.95
CA GLU A 48 -9.19 -2.60 -7.02
C GLU A 48 -7.74 -2.90 -6.59
N PHE A 49 -7.08 -1.96 -5.90
CA PHE A 49 -5.76 -2.16 -5.35
C PHE A 49 -5.74 -3.24 -4.26
N VAL A 50 -6.74 -3.26 -3.38
CA VAL A 50 -6.83 -4.23 -2.28
C VAL A 50 -7.05 -5.66 -2.81
N ALA A 51 -7.82 -5.82 -3.89
CA ALA A 51 -7.96 -7.10 -4.60
C ALA A 51 -6.62 -7.57 -5.23
N ALA A 52 -5.80 -6.64 -5.74
CA ALA A 52 -4.48 -6.94 -6.30
C ALA A 52 -3.44 -7.26 -5.20
N VAL A 53 -3.53 -6.60 -4.03
CA VAL A 53 -2.72 -6.89 -2.84
C VAL A 53 -2.98 -8.30 -2.31
N ASN A 54 -4.25 -8.70 -2.16
CA ASN A 54 -4.60 -10.03 -1.62
C ASN A 54 -4.20 -11.20 -2.56
N ALA A 55 -3.90 -10.91 -3.84
CA ALA A 55 -3.30 -11.87 -4.78
C ALA A 55 -1.77 -12.04 -4.60
N ALA A 56 -1.08 -11.04 -4.02
CA ALA A 56 0.37 -11.02 -3.80
C ALA A 56 0.77 -11.24 -2.33
N TYR A 57 -0.13 -10.97 -1.39
CA TYR A 57 0.06 -11.02 0.06
C TYR A 57 -1.14 -11.73 0.73
N PRO A 58 -0.94 -12.87 1.42
CA PRO A 58 -2.01 -13.71 1.97
C PRO A 58 -2.59 -13.18 3.31
N VAL A 59 -2.76 -11.86 3.42
CA VAL A 59 -3.17 -11.17 4.67
C VAL A 59 -4.68 -11.19 4.92
N GLY A 60 -5.50 -11.34 3.87
CA GLY A 60 -6.97 -11.33 3.96
C GLY A 60 -7.56 -9.95 4.28
N VAL A 61 -6.91 -8.88 3.85
CA VAL A 61 -7.22 -7.49 4.23
C VAL A 61 -8.40 -6.93 3.43
N LYS A 62 -9.33 -6.27 4.13
CA LYS A 62 -10.54 -5.64 3.56
C LYS A 62 -10.27 -4.20 3.11
N ALA A 63 -11.15 -3.67 2.27
CA ALA A 63 -11.06 -2.30 1.73
C ALA A 63 -11.23 -1.20 2.79
N THR A 64 -11.63 -1.54 4.03
CA THR A 64 -11.60 -0.64 5.20
C THR A 64 -10.17 -0.18 5.57
N ALA A 65 -9.12 -0.93 5.20
CA ALA A 65 -7.73 -0.54 5.42
C ALA A 65 -7.32 0.72 4.60
N LEU A 66 -7.96 0.96 3.46
CA LEU A 66 -7.77 2.17 2.63
C LEU A 66 -8.48 3.41 3.20
N TYR A 67 -9.39 3.21 4.15
CA TYR A 67 -10.01 4.26 4.98
C TYR A 67 -9.26 4.45 6.31
N ASP A 68 -8.74 3.36 6.90
CA ASP A 68 -8.05 3.38 8.20
C ASP A 68 -6.61 3.89 8.13
N HIS A 69 -5.90 3.64 7.02
CA HIS A 69 -4.56 4.15 6.74
C HIS A 69 -4.59 5.34 5.76
N PRO A 70 -3.85 6.43 6.03
CA PRO A 70 -3.80 7.61 5.16
C PRO A 70 -2.89 7.47 3.93
N THR A 71 -1.85 6.62 4.01
CA THR A 71 -0.77 6.50 3.00
C THR A 71 -0.52 5.04 2.62
N PRO A 72 0.07 4.76 1.43
CA PRO A 72 0.53 3.41 1.07
C PRO A 72 1.61 2.88 2.02
N ALA A 73 2.46 3.75 2.60
CA ALA A 73 3.46 3.37 3.60
C ALA A 73 2.81 2.89 4.91
N ALA A 74 1.78 3.58 5.41
CA ALA A 74 1.05 3.18 6.61
C ALA A 74 0.27 1.87 6.37
N PHE A 75 -0.36 1.71 5.20
CA PHE A 75 -1.03 0.48 4.80
C PHE A 75 -0.05 -0.72 4.68
N ALA A 76 1.15 -0.49 4.16
CA ALA A 76 2.20 -1.51 4.06
C ALA A 76 2.73 -2.00 5.42
N ARG A 77 2.71 -1.15 6.46
CA ARG A 77 3.05 -1.54 7.84
C ARG A 77 2.06 -2.55 8.42
N HIS A 78 0.76 -2.43 8.10
CA HIS A 78 -0.25 -3.44 8.47
C HIS A 78 0.07 -4.80 7.80
N ILE A 79 0.29 -4.83 6.48
CA ILE A 79 0.73 -6.04 5.75
C ILE A 79 1.99 -6.64 6.39
N ALA A 80 3.01 -5.83 6.66
CA ALA A 80 4.27 -6.28 7.25
C ALA A 80 4.10 -6.86 8.66
N GLU A 81 3.22 -6.30 9.48
CA GLU A 81 2.90 -6.87 10.80
C GLU A 81 2.12 -8.20 10.69
N SER A 82 1.32 -8.37 9.63
CA SER A 82 0.63 -9.64 9.32
C SER A 82 1.60 -10.73 8.84
N LEU A 83 2.60 -10.36 8.04
CA LEU A 83 3.72 -11.22 7.59
C LEU A 83 4.79 -11.44 8.68
N GLY A 84 4.83 -10.61 9.71
CA GLY A 84 5.73 -10.68 10.87
C GLY A 84 7.06 -9.92 10.74
N ALA A 85 7.22 -9.10 9.67
CA ALA A 85 8.37 -8.25 9.35
C ALA A 85 9.76 -8.86 9.68
N GLY A 1 23.39 -1.42 14.80
CA GLY A 1 22.22 -1.44 13.90
C GLY A 1 22.65 -1.18 12.46
N PRO A 2 22.41 -2.10 11.51
CA PRO A 2 22.84 -1.96 10.11
C PRO A 2 22.21 -0.80 9.33
N GLY A 3 20.98 -0.39 9.69
CA GLY A 3 20.23 0.71 9.07
C GLY A 3 18.74 0.68 9.42
N SER A 4 17.92 1.39 8.63
CA SER A 4 16.45 1.45 8.79
C SER A 4 15.71 0.46 7.87
N ALA A 5 16.46 -0.40 7.17
CA ALA A 5 15.93 -1.38 6.22
C ALA A 5 15.34 -2.63 6.91
N GLY A 6 14.43 -3.30 6.21
CA GLY A 6 13.72 -4.51 6.67
C GLY A 6 12.60 -4.91 5.70
N ARG A 7 11.92 -6.03 5.97
CA ARG A 7 10.84 -6.57 5.12
C ARG A 7 9.69 -5.58 4.92
N GLN A 8 9.37 -4.76 5.93
CA GLN A 8 8.33 -3.73 5.82
C GLN A 8 8.66 -2.60 4.84
N GLU A 9 9.94 -2.34 4.55
CA GLU A 9 10.36 -1.43 3.47
C GLU A 9 10.22 -2.06 2.09
N GLU A 10 10.53 -3.35 1.95
CA GLU A 10 10.36 -4.08 0.68
C GLU A 10 8.87 -4.27 0.33
N ILE A 11 8.03 -4.48 1.35
CA ILE A 11 6.56 -4.55 1.22
C ILE A 11 5.99 -3.16 0.84
N ALA A 12 6.51 -2.07 1.41
CA ALA A 12 6.12 -0.71 1.05
C ALA A 12 6.53 -0.33 -0.38
N GLU A 13 7.71 -0.76 -0.84
CA GLU A 13 8.15 -0.58 -2.23
C GLU A 13 7.28 -1.37 -3.22
N GLU A 14 6.85 -2.60 -2.88
CA GLU A 14 5.97 -3.39 -3.76
C GLU A 14 4.53 -2.83 -3.81
N VAL A 15 4.01 -2.35 -2.69
CA VAL A 15 2.75 -1.57 -2.63
C VAL A 15 2.83 -0.32 -3.50
N ALA A 16 3.90 0.46 -3.39
CA ALA A 16 4.12 1.65 -4.21
C ALA A 16 4.23 1.35 -5.73
N ARG A 17 4.77 0.18 -6.09
CA ARG A 17 4.82 -0.30 -7.49
C ARG A 17 3.43 -0.72 -8.00
N LEU A 18 2.69 -1.52 -7.22
CA LEU A 18 1.43 -2.11 -7.67
C LEU A 18 0.26 -1.11 -7.62
N LEU A 19 0.26 -0.16 -6.67
CA LEU A 19 -0.75 0.89 -6.58
C LEU A 19 -0.71 1.84 -7.79
N ALA A 20 0.49 2.25 -8.22
CA ALA A 20 0.62 3.19 -9.33
C ALA A 20 -0.02 2.64 -10.63
N GLY A 21 -0.03 1.31 -10.80
CA GLY A 21 -0.70 0.63 -11.92
C GLY A 21 -2.24 0.62 -11.84
N VAL A 22 -2.82 0.74 -10.64
CA VAL A 22 -4.29 0.87 -10.43
C VAL A 22 -4.75 2.31 -10.66
N LEU A 23 -3.93 3.29 -10.26
CA LEU A 23 -4.18 4.73 -10.44
C LEU A 23 -3.78 5.26 -11.83
N TYR A 24 -3.30 4.38 -12.72
CA TYR A 24 -2.81 4.67 -14.07
C TYR A 24 -1.70 5.74 -14.10
N LEU A 25 -0.87 5.73 -13.05
CA LEU A 25 0.28 6.61 -12.81
C LEU A 25 1.59 5.83 -13.03
N GLU A 26 2.73 6.42 -12.71
CA GLU A 26 4.06 5.79 -12.74
C GLU A 26 4.66 5.76 -11.32
N PRO A 27 5.42 4.72 -10.93
CA PRO A 27 5.84 4.51 -9.54
C PRO A 27 6.88 5.51 -9.02
N ASP A 28 7.56 6.24 -9.91
CA ASP A 28 8.45 7.36 -9.58
C ASP A 28 7.72 8.73 -9.50
N ARG A 29 6.47 8.82 -10.00
CA ARG A 29 5.58 9.99 -9.89
C ARG A 29 4.69 9.94 -8.64
N LEU A 30 4.43 8.74 -8.13
CA LEU A 30 3.94 8.49 -6.77
C LEU A 30 5.04 8.77 -5.72
N ASP A 31 4.65 9.21 -4.52
CA ASP A 31 5.50 9.30 -3.32
C ASP A 31 4.88 8.49 -2.15
N PRO A 32 5.65 7.71 -1.37
CA PRO A 32 5.12 6.83 -0.33
C PRO A 32 4.68 7.56 0.95
N GLU A 33 5.19 8.77 1.19
CA GLU A 33 4.88 9.60 2.36
C GLU A 33 3.60 10.45 2.19
N GLU A 34 3.09 10.56 0.96
CA GLU A 34 1.87 11.31 0.60
C GLU A 34 0.61 10.44 0.71
N THR A 35 -0.55 11.07 0.90
CA THR A 35 -1.82 10.37 1.14
C THR A 35 -2.38 9.70 -0.12
N PHE A 36 -3.19 8.66 0.08
CA PHE A 36 -3.95 8.01 -1.00
C PHE A 36 -4.80 9.03 -1.79
N LEU A 37 -5.37 10.03 -1.13
CA LEU A 37 -6.20 11.07 -1.75
C LEU A 37 -5.40 11.95 -2.74
N THR A 38 -4.20 12.39 -2.38
CA THR A 38 -3.35 13.21 -3.28
C THR A 38 -2.62 12.38 -4.35
N LEU A 39 -2.45 11.07 -4.11
CA LEU A 39 -2.02 10.08 -5.12
C LEU A 39 -3.09 9.81 -6.19
N GLY A 40 -4.37 10.14 -5.93
CA GLY A 40 -5.48 10.01 -6.87
C GLY A 40 -6.45 8.85 -6.62
N VAL A 41 -6.43 8.25 -5.41
CA VAL A 41 -7.35 7.19 -5.00
C VAL A 41 -8.75 7.73 -4.72
N ASP A 42 -9.76 7.07 -5.28
CA ASP A 42 -11.15 7.07 -4.82
C ASP A 42 -11.57 5.64 -4.41
N SER A 43 -12.73 5.47 -3.78
CA SER A 43 -13.17 4.19 -3.18
C SER A 43 -13.12 2.99 -4.14
N ILE A 44 -13.46 3.17 -5.43
CA ILE A 44 -13.40 2.13 -6.46
C ILE A 44 -11.94 1.69 -6.71
N LEU A 45 -11.02 2.66 -6.83
CA LEU A 45 -9.59 2.40 -7.01
C LEU A 45 -8.96 1.78 -5.75
N GLY A 46 -9.48 2.12 -4.57
CA GLY A 46 -9.14 1.46 -3.30
C GLY A 46 -9.44 -0.03 -3.34
N VAL A 47 -10.69 -0.42 -3.63
CA VAL A 47 -11.11 -1.83 -3.73
C VAL A 47 -10.29 -2.60 -4.78
N GLU A 48 -10.02 -2.01 -5.94
CA GLU A 48 -9.20 -2.59 -7.01
C GLU A 48 -7.75 -2.88 -6.58
N PHE A 49 -7.12 -1.94 -5.87
CA PHE A 49 -5.78 -2.12 -5.33
C PHE A 49 -5.74 -3.19 -4.23
N VAL A 50 -6.73 -3.21 -3.35
CA VAL A 50 -6.82 -4.18 -2.24
C VAL A 50 -7.06 -5.61 -2.77
N ALA A 51 -7.83 -5.77 -3.84
CA ALA A 51 -7.99 -7.05 -4.53
C ALA A 51 -6.65 -7.57 -5.13
N ALA A 52 -5.82 -6.68 -5.67
CA ALA A 52 -4.47 -7.02 -6.17
C ALA A 52 -3.48 -7.31 -5.02
N VAL A 53 -3.57 -6.60 -3.91
CA VAL A 53 -2.76 -6.83 -2.70
C VAL A 53 -3.05 -8.21 -2.10
N ASN A 54 -4.31 -8.65 -2.02
CA ASN A 54 -4.67 -9.98 -1.52
C ASN A 54 -4.17 -11.12 -2.42
N ALA A 55 -3.86 -10.85 -3.69
CA ALA A 55 -3.18 -11.80 -4.58
C ALA A 55 -1.64 -11.79 -4.42
N ALA A 56 -1.05 -10.65 -4.07
CA ALA A 56 0.39 -10.49 -3.81
C ALA A 56 0.83 -10.95 -2.40
N TYR A 57 -0.05 -10.80 -1.40
CA TYR A 57 0.20 -11.05 0.02
C TYR A 57 -1.04 -11.69 0.67
N PRO A 58 -0.92 -12.86 1.33
CA PRO A 58 -2.04 -13.63 1.89
C PRO A 58 -2.56 -13.10 3.23
N VAL A 59 -2.74 -11.77 3.35
CA VAL A 59 -3.18 -11.08 4.58
C VAL A 59 -4.69 -11.18 4.84
N GLY A 60 -5.50 -11.33 3.79
CA GLY A 60 -6.96 -11.36 3.89
C GLY A 60 -7.60 -9.99 4.20
N VAL A 61 -6.90 -8.90 3.86
CA VAL A 61 -7.27 -7.53 4.27
C VAL A 61 -8.42 -6.97 3.44
N LYS A 62 -9.37 -6.30 4.10
CA LYS A 62 -10.56 -5.68 3.49
C LYS A 62 -10.30 -4.21 3.10
N ALA A 63 -11.17 -3.67 2.25
CA ALA A 63 -11.07 -2.29 1.75
C ALA A 63 -11.25 -1.20 2.83
N THR A 64 -11.67 -1.56 4.05
CA THR A 64 -11.63 -0.68 5.22
C THR A 64 -10.22 -0.23 5.61
N ALA A 65 -9.17 -0.97 5.25
CA ALA A 65 -7.79 -0.57 5.50
C ALA A 65 -7.36 0.68 4.67
N LEU A 66 -7.98 0.94 3.52
CA LEU A 66 -7.77 2.15 2.70
C LEU A 66 -8.48 3.39 3.29
N TYR A 67 -9.43 3.18 4.21
CA TYR A 67 -10.04 4.22 5.04
C TYR A 67 -9.29 4.41 6.38
N ASP A 68 -8.77 3.32 6.97
CA ASP A 68 -8.08 3.33 8.27
C ASP A 68 -6.62 3.82 8.19
N HIS A 69 -5.92 3.56 7.08
CA HIS A 69 -4.56 4.05 6.80
C HIS A 69 -4.60 5.20 5.78
N PRO A 70 -3.95 6.34 6.06
CA PRO A 70 -3.92 7.50 5.16
C PRO A 70 -2.94 7.37 3.98
N THR A 71 -1.88 6.56 4.11
CA THR A 71 -0.75 6.48 3.15
C THR A 71 -0.47 5.03 2.74
N PRO A 72 0.16 4.80 1.56
CA PRO A 72 0.65 3.47 1.16
C PRO A 72 1.70 2.93 2.14
N ALA A 73 2.53 3.80 2.75
CA ALA A 73 3.52 3.40 3.75
C ALA A 73 2.86 2.88 5.05
N ALA A 74 1.81 3.53 5.55
CA ALA A 74 1.09 3.08 6.74
C ALA A 74 0.36 1.73 6.49
N PHE A 75 -0.29 1.60 5.34
CA PHE A 75 -0.96 0.36 4.92
C PHE A 75 0.01 -0.81 4.71
N ALA A 76 1.17 -0.56 4.10
CA ALA A 76 2.22 -1.57 3.92
C ALA A 76 2.83 -2.08 5.25
N ARG A 77 2.87 -1.23 6.29
CA ARG A 77 3.33 -1.63 7.63
C ARG A 77 2.30 -2.49 8.36
N HIS A 78 0.99 -2.30 8.11
CA HIS A 78 -0.04 -3.27 8.53
C HIS A 78 0.16 -4.65 7.87
N ILE A 79 0.34 -4.68 6.55
CA ILE A 79 0.69 -5.92 5.80
C ILE A 79 1.94 -6.59 6.39
N ALA A 80 3.00 -5.82 6.62
CA ALA A 80 4.25 -6.36 7.15
C ALA A 80 4.11 -6.92 8.58
N GLU A 81 3.32 -6.28 9.45
CA GLU A 81 3.01 -6.82 10.79
C GLU A 81 2.15 -8.09 10.71
N SER A 82 1.30 -8.23 9.69
CA SER A 82 0.53 -9.46 9.40
C SER A 82 1.42 -10.60 8.88
N LEU A 83 2.47 -10.28 8.12
CA LEU A 83 3.43 -11.27 7.58
C LEU A 83 4.52 -11.68 8.57
N GLY A 84 4.96 -10.78 9.47
CA GLY A 84 5.90 -11.11 10.56
C GLY A 84 6.99 -10.08 10.90
N ALA A 85 6.95 -8.87 10.32
CA ALA A 85 7.95 -7.81 10.48
C ALA A 85 7.34 -6.47 10.94
N GLY A 1 19.34 6.51 12.87
CA GLY A 1 18.01 6.33 12.22
C GLY A 1 17.02 5.61 13.14
N PRO A 2 15.85 5.20 12.60
CA PRO A 2 14.76 4.60 13.41
C PRO A 2 15.07 3.20 13.97
N GLY A 3 15.97 2.44 13.34
CA GLY A 3 16.34 1.07 13.74
C GLY A 3 15.34 -0.02 13.31
N SER A 4 14.35 0.33 12.48
CA SER A 4 13.24 -0.56 12.06
C SER A 4 13.42 -1.17 10.66
N ALA A 5 14.60 -1.01 10.05
CA ALA A 5 14.90 -1.49 8.70
C ALA A 5 14.78 -3.03 8.58
N GLY A 6 14.23 -3.50 7.46
CA GLY A 6 13.91 -4.91 7.21
C GLY A 6 12.84 -5.08 6.13
N ARG A 7 12.09 -6.18 6.18
CA ARG A 7 11.06 -6.54 5.18
C ARG A 7 9.96 -5.49 4.99
N GLN A 8 9.73 -4.62 5.98
CA GLN A 8 8.77 -3.50 5.91
C GLN A 8 8.98 -2.60 4.68
N GLU A 9 10.24 -2.28 4.33
CA GLU A 9 10.53 -1.37 3.21
C GLU A 9 10.37 -2.04 1.85
N GLU A 10 10.61 -3.36 1.76
CA GLU A 10 10.39 -4.15 0.55
C GLU A 10 8.88 -4.31 0.26
N ILE A 11 8.08 -4.52 1.31
CA ILE A 11 6.62 -4.56 1.22
C ILE A 11 6.05 -3.19 0.83
N ALA A 12 6.57 -2.10 1.42
CA ALA A 12 6.17 -0.73 1.09
C ALA A 12 6.53 -0.34 -0.36
N GLU A 13 7.71 -0.72 -0.86
CA GLU A 13 8.08 -0.48 -2.27
C GLU A 13 7.21 -1.29 -3.26
N GLU A 14 6.86 -2.54 -2.95
CA GLU A 14 6.01 -3.35 -3.83
C GLU A 14 4.56 -2.87 -3.84
N VAL A 15 4.02 -2.43 -2.70
CA VAL A 15 2.74 -1.71 -2.59
C VAL A 15 2.76 -0.44 -3.44
N ALA A 16 3.82 0.38 -3.33
CA ALA A 16 3.96 1.62 -4.09
C ALA A 16 4.05 1.37 -5.62
N ARG A 17 4.62 0.24 -6.05
CA ARG A 17 4.66 -0.18 -7.46
C ARG A 17 3.30 -0.65 -7.96
N LEU A 18 2.63 -1.53 -7.20
CA LEU A 18 1.37 -2.14 -7.63
C LEU A 18 0.19 -1.13 -7.56
N LEU A 19 0.19 -0.22 -6.59
CA LEU A 19 -0.81 0.86 -6.51
C LEU A 19 -0.70 1.82 -7.70
N ALA A 20 0.51 2.23 -8.08
CA ALA A 20 0.69 3.17 -9.18
C ALA A 20 0.06 2.62 -10.48
N GLY A 21 0.08 1.30 -10.68
CA GLY A 21 -0.57 0.62 -11.81
C GLY A 21 -2.10 0.60 -11.76
N VAL A 22 -2.72 0.73 -10.57
CA VAL A 22 -4.18 0.88 -10.38
C VAL A 22 -4.63 2.32 -10.61
N LEU A 23 -3.82 3.29 -10.18
CA LEU A 23 -4.08 4.73 -10.34
C LEU A 23 -3.65 5.26 -11.73
N TYR A 24 -3.10 4.39 -12.59
CA TYR A 24 -2.54 4.70 -13.92
C TYR A 24 -1.42 5.78 -13.89
N LEU A 25 -0.65 5.78 -12.78
CA LEU A 25 0.55 6.55 -12.54
C LEU A 25 1.82 5.75 -12.89
N GLU A 26 2.96 6.42 -12.84
CA GLU A 26 4.28 5.76 -12.70
C GLU A 26 4.65 5.70 -11.21
N PRO A 27 5.41 4.70 -10.73
CA PRO A 27 5.94 4.67 -9.37
C PRO A 27 6.95 5.82 -9.10
N ASP A 28 7.45 6.50 -10.15
CA ASP A 28 8.22 7.75 -10.08
C ASP A 28 7.36 9.02 -9.93
N ARG A 29 6.06 8.98 -10.26
CA ARG A 29 5.09 10.08 -10.03
C ARG A 29 4.54 10.05 -8.60
N LEU A 30 4.27 8.85 -8.10
CA LEU A 30 3.86 8.56 -6.73
C LEU A 30 5.02 8.77 -5.73
N ASP A 31 4.69 9.16 -4.49
CA ASP A 31 5.56 9.10 -3.32
C ASP A 31 4.89 8.29 -2.18
N PRO A 32 5.61 7.39 -1.48
CA PRO A 32 5.02 6.49 -0.49
C PRO A 32 4.61 7.18 0.82
N GLU A 33 5.17 8.36 1.12
CA GLU A 33 4.88 9.14 2.33
C GLU A 33 3.68 10.10 2.16
N GLU A 34 3.18 10.27 0.94
CA GLU A 34 2.01 11.10 0.61
C GLU A 34 0.70 10.30 0.67
N THR A 35 -0.43 11.01 0.88
CA THR A 35 -1.73 10.38 1.16
C THR A 35 -2.37 9.77 -0.08
N PHE A 36 -3.22 8.76 0.12
CA PHE A 36 -4.06 8.18 -0.92
C PHE A 36 -4.91 9.24 -1.65
N LEU A 37 -5.33 10.30 -0.95
CA LEU A 37 -6.11 11.41 -1.51
C LEU A 37 -5.30 12.22 -2.56
N THR A 38 -4.05 12.58 -2.27
CA THR A 38 -3.20 13.35 -3.21
C THR A 38 -2.56 12.47 -4.29
N LEU A 39 -2.42 11.16 -4.03
CA LEU A 39 -2.07 10.14 -5.05
C LEU A 39 -3.20 9.91 -6.08
N GLY A 40 -4.45 10.28 -5.77
CA GLY A 40 -5.60 10.21 -6.68
C GLY A 40 -6.51 8.98 -6.49
N VAL A 41 -6.47 8.33 -5.31
CA VAL A 41 -7.36 7.22 -4.94
C VAL A 41 -8.79 7.73 -4.73
N ASP A 42 -9.77 6.94 -5.18
CA ASP A 42 -11.19 6.98 -4.79
C ASP A 42 -11.64 5.54 -4.47
N SER A 43 -12.81 5.35 -3.86
CA SER A 43 -13.22 4.06 -3.27
C SER A 43 -13.14 2.86 -4.23
N ILE A 44 -13.44 3.04 -5.52
CA ILE A 44 -13.33 1.99 -6.55
C ILE A 44 -11.87 1.59 -6.79
N LEU A 45 -10.96 2.57 -6.90
CA LEU A 45 -9.53 2.34 -7.07
C LEU A 45 -8.92 1.72 -5.80
N GLY A 46 -9.43 2.07 -4.63
CA GLY A 46 -9.10 1.43 -3.35
C GLY A 46 -9.42 -0.07 -3.38
N VAL A 47 -10.67 -0.44 -3.67
CA VAL A 47 -11.10 -1.87 -3.76
C VAL A 47 -10.29 -2.66 -4.80
N GLU A 48 -10.02 -2.06 -5.97
CA GLU A 48 -9.19 -2.67 -7.01
C GLU A 48 -7.73 -2.95 -6.58
N PHE A 49 -7.09 -1.99 -5.89
CA PHE A 49 -5.76 -2.15 -5.33
C PHE A 49 -5.73 -3.22 -4.23
N VAL A 50 -6.74 -3.25 -3.37
CA VAL A 50 -6.85 -4.23 -2.27
C VAL A 50 -7.06 -5.66 -2.80
N ALA A 51 -7.83 -5.83 -3.88
CA ALA A 51 -7.95 -7.11 -4.58
C ALA A 51 -6.60 -7.57 -5.21
N ALA A 52 -5.80 -6.64 -5.74
CA ALA A 52 -4.46 -6.93 -6.28
C ALA A 52 -3.41 -7.22 -5.18
N VAL A 53 -3.55 -6.58 -4.01
CA VAL A 53 -2.73 -6.87 -2.80
C VAL A 53 -2.99 -8.28 -2.28
N ASN A 54 -4.25 -8.68 -2.12
CA ASN A 54 -4.59 -10.00 -1.59
C ASN A 54 -4.20 -11.17 -2.52
N ALA A 55 -3.94 -10.90 -3.80
CA ALA A 55 -3.35 -11.85 -4.74
C ALA A 55 -1.83 -12.05 -4.58
N ALA A 56 -1.12 -11.08 -3.96
CA ALA A 56 0.32 -11.10 -3.72
C ALA A 56 0.71 -11.29 -2.24
N TYR A 57 -0.20 -10.98 -1.31
CA TYR A 57 -0.01 -10.98 0.15
C TYR A 57 -1.21 -11.68 0.83
N PRO A 58 -1.02 -12.83 1.49
CA PRO A 58 -2.09 -13.67 2.04
C PRO A 58 -2.67 -13.16 3.38
N VAL A 59 -2.80 -11.83 3.51
CA VAL A 59 -3.23 -11.14 4.76
C VAL A 59 -4.75 -11.17 4.99
N GLY A 60 -5.55 -11.31 3.93
CA GLY A 60 -7.01 -11.31 3.99
C GLY A 60 -7.62 -9.94 4.32
N VAL A 61 -6.95 -8.85 3.89
CA VAL A 61 -7.28 -7.47 4.27
C VAL A 61 -8.45 -6.91 3.46
N LYS A 62 -9.40 -6.26 4.14
CA LYS A 62 -10.60 -5.64 3.56
C LYS A 62 -10.33 -4.19 3.10
N ALA A 63 -11.21 -3.67 2.24
CA ALA A 63 -11.11 -2.31 1.70
C ALA A 63 -11.30 -1.19 2.75
N THR A 64 -11.71 -1.52 3.97
CA THR A 64 -11.68 -0.62 5.15
C THR A 64 -10.26 -0.16 5.52
N ALA A 65 -9.20 -0.90 5.17
CA ALA A 65 -7.81 -0.50 5.42
C ALA A 65 -7.41 0.75 4.60
N LEU A 66 -8.04 0.99 3.45
CA LEU A 66 -7.84 2.19 2.61
C LEU A 66 -8.55 3.44 3.17
N TYR A 67 -9.47 3.24 4.12
CA TYR A 67 -10.09 4.29 4.93
C TYR A 67 -9.34 4.50 6.26
N ASP A 68 -8.85 3.42 6.87
CA ASP A 68 -8.17 3.43 8.18
C ASP A 68 -6.72 3.93 8.13
N HIS A 69 -5.98 3.64 7.04
CA HIS A 69 -4.63 4.12 6.78
C HIS A 69 -4.65 5.31 5.81
N PRO A 70 -3.88 6.39 6.06
CA PRO A 70 -3.81 7.57 5.21
C PRO A 70 -2.89 7.42 4.00
N THR A 71 -1.85 6.59 4.08
CA THR A 71 -0.74 6.48 3.10
C THR A 71 -0.46 5.01 2.71
N PRO A 72 0.15 4.74 1.54
CA PRO A 72 0.59 3.40 1.17
C PRO A 72 1.67 2.85 2.13
N ALA A 73 2.51 3.71 2.72
CA ALA A 73 3.51 3.29 3.72
C ALA A 73 2.88 2.87 5.07
N ALA A 74 1.79 3.49 5.51
CA ALA A 74 1.04 3.07 6.69
C ALA A 74 0.30 1.74 6.44
N PHE A 75 -0.35 1.62 5.27
CA PHE A 75 -1.01 0.38 4.84
C PHE A 75 -0.03 -0.79 4.67
N ALA A 76 1.17 -0.54 4.12
CA ALA A 76 2.21 -1.55 3.98
C ALA A 76 2.77 -2.05 5.33
N ARG A 77 2.82 -1.18 6.36
CA ARG A 77 3.21 -1.57 7.73
C ARG A 77 2.16 -2.46 8.40
N HIS A 78 0.86 -2.32 8.09
CA HIS A 78 -0.16 -3.29 8.46
C HIS A 78 0.10 -4.67 7.82
N ILE A 79 0.30 -4.72 6.50
CA ILE A 79 0.70 -5.97 5.79
C ILE A 79 1.96 -6.59 6.41
N ALA A 80 2.99 -5.79 6.67
CA ALA A 80 4.27 -6.26 7.22
C ALA A 80 4.15 -6.81 8.66
N GLU A 81 3.26 -6.24 9.49
CA GLU A 81 2.93 -6.80 10.81
C GLU A 81 2.14 -8.12 10.71
N SER A 82 1.29 -8.28 9.67
CA SER A 82 0.58 -9.54 9.38
C SER A 82 1.53 -10.64 8.86
N LEU A 83 2.56 -10.26 8.09
CA LEU A 83 3.61 -11.16 7.57
C LEU A 83 4.74 -11.46 8.59
N GLY A 84 4.86 -10.66 9.64
CA GLY A 84 5.90 -10.80 10.68
C GLY A 84 7.28 -10.33 10.23
N ALA A 85 7.36 -9.18 9.55
CA ALA A 85 8.58 -8.54 9.06
C ALA A 85 9.61 -8.26 10.18
N GLY A 1 8.49 1.32 17.33
CA GLY A 1 9.15 2.22 16.36
C GLY A 1 8.37 2.34 15.06
N PRO A 2 8.65 3.36 14.23
CA PRO A 2 7.92 3.65 12.99
C PRO A 2 8.29 2.73 11.80
N GLY A 3 9.43 2.03 11.88
CA GLY A 3 9.93 1.10 10.86
C GLY A 3 11.21 0.36 11.29
N SER A 4 11.64 -0.59 10.46
CA SER A 4 12.83 -1.43 10.66
C SER A 4 13.32 -1.93 9.28
N ALA A 5 14.53 -2.49 9.23
CA ALA A 5 15.15 -2.99 8.00
C ALA A 5 14.46 -4.26 7.45
N GLY A 6 14.51 -4.46 6.13
CA GLY A 6 14.00 -5.64 5.44
C GLY A 6 12.51 -5.49 5.09
N ARG A 7 11.69 -6.37 5.65
CA ARG A 7 10.28 -6.59 5.21
C ARG A 7 9.42 -5.31 5.21
N GLN A 8 9.56 -4.44 6.21
CA GLN A 8 8.80 -3.17 6.27
C GLN A 8 9.17 -2.18 5.15
N GLU A 9 10.37 -2.30 4.56
CA GLU A 9 10.81 -1.54 3.38
C GLU A 9 10.39 -2.24 2.08
N GLU A 10 10.57 -3.57 2.01
CA GLU A 10 10.32 -4.39 0.81
C GLU A 10 8.85 -4.39 0.41
N ILE A 11 7.97 -4.55 1.40
CA ILE A 11 6.52 -4.55 1.22
C ILE A 11 6.01 -3.13 0.88
N ALA A 12 6.60 -2.07 1.46
CA ALA A 12 6.24 -0.69 1.15
C ALA A 12 6.62 -0.26 -0.28
N GLU A 13 7.78 -0.67 -0.78
CA GLU A 13 8.17 -0.41 -2.18
C GLU A 13 7.31 -1.22 -3.17
N GLU A 14 6.99 -2.48 -2.88
CA GLU A 14 6.16 -3.32 -3.76
C GLU A 14 4.71 -2.85 -3.81
N VAL A 15 4.15 -2.43 -2.68
CA VAL A 15 2.84 -1.76 -2.59
C VAL A 15 2.81 -0.48 -3.41
N ALA A 16 3.80 0.41 -3.25
CA ALA A 16 3.90 1.66 -4.02
C ALA A 16 4.02 1.41 -5.54
N ARG A 17 4.66 0.30 -5.94
CA ARG A 17 4.80 -0.15 -7.33
C ARG A 17 3.48 -0.70 -7.90
N LEU A 18 2.79 -1.56 -7.16
CA LEU A 18 1.56 -2.21 -7.64
C LEU A 18 0.35 -1.24 -7.60
N LEU A 19 0.31 -0.33 -6.64
CA LEU A 19 -0.73 0.71 -6.54
C LEU A 19 -0.67 1.68 -7.72
N ALA A 20 0.53 2.13 -8.10
CA ALA A 20 0.67 3.11 -9.18
C ALA A 20 0.04 2.60 -10.49
N GLY A 21 0.07 1.29 -10.73
CA GLY A 21 -0.59 0.62 -11.87
C GLY A 21 -2.12 0.58 -11.81
N VAL A 22 -2.72 0.69 -10.62
CA VAL A 22 -4.20 0.81 -10.43
C VAL A 22 -4.65 2.26 -10.64
N LEU A 23 -3.83 3.23 -10.19
CA LEU A 23 -4.09 4.67 -10.33
C LEU A 23 -3.67 5.24 -11.70
N TYR A 24 -3.18 4.38 -12.62
CA TYR A 24 -2.65 4.73 -13.94
C TYR A 24 -1.58 5.85 -13.87
N LEU A 25 -0.71 5.75 -12.87
CA LEU A 25 0.38 6.66 -12.54
C LEU A 25 1.74 5.94 -12.63
N GLU A 26 2.84 6.69 -12.53
CA GLU A 26 4.19 6.15 -12.47
C GLU A 26 4.68 6.02 -11.01
N PRO A 27 5.35 4.92 -10.62
CA PRO A 27 5.88 4.75 -9.26
C PRO A 27 7.03 5.71 -8.91
N ASP A 28 7.60 6.39 -9.91
CA ASP A 28 8.58 7.48 -9.75
C ASP A 28 7.93 8.87 -9.56
N ARG A 29 6.63 9.01 -9.92
CA ARG A 29 5.81 10.22 -9.69
C ARG A 29 4.94 10.13 -8.44
N LEU A 30 4.54 8.92 -8.04
CA LEU A 30 4.02 8.60 -6.71
C LEU A 30 5.12 8.75 -5.64
N ASP A 31 4.80 9.35 -4.49
CA ASP A 31 5.60 9.27 -3.27
C ASP A 31 4.95 8.31 -2.25
N PRO A 32 5.72 7.46 -1.53
CA PRO A 32 5.16 6.51 -0.56
C PRO A 32 4.64 7.19 0.73
N GLU A 33 5.06 8.43 0.98
CA GLU A 33 4.64 9.26 2.12
C GLU A 33 3.49 10.25 1.80
N GLU A 34 3.06 10.33 0.53
CA GLU A 34 1.85 11.07 0.13
C GLU A 34 0.58 10.26 0.43
N THR A 35 -0.53 10.95 0.70
CA THR A 35 -1.81 10.33 1.04
C THR A 35 -2.49 9.70 -0.17
N PHE A 36 -3.33 8.68 0.06
CA PHE A 36 -4.21 8.12 -0.96
C PHE A 36 -5.10 9.19 -1.62
N LEU A 37 -5.46 10.24 -0.89
CA LEU A 37 -6.25 11.38 -1.40
C LEU A 37 -5.50 12.19 -2.49
N THR A 38 -4.22 12.52 -2.30
CA THR A 38 -3.44 13.28 -3.30
C THR A 38 -2.88 12.38 -4.42
N LEU A 39 -2.72 11.08 -4.16
CA LEU A 39 -2.46 10.03 -5.16
C LEU A 39 -3.64 9.83 -6.15
N GLY A 40 -4.86 10.24 -5.79
CA GLY A 40 -6.06 10.19 -6.64
C GLY A 40 -6.95 8.96 -6.43
N VAL A 41 -6.82 8.28 -5.28
CA VAL A 41 -7.64 7.12 -4.88
C VAL A 41 -9.07 7.57 -4.51
N ASP A 42 -10.07 6.77 -4.84
CA ASP A 42 -11.42 6.82 -4.25
C ASP A 42 -11.94 5.39 -4.01
N SER A 43 -13.21 5.25 -3.62
CA SER A 43 -13.86 3.99 -3.27
C SER A 43 -13.83 2.90 -4.37
N ILE A 44 -13.62 3.27 -5.64
CA ILE A 44 -13.48 2.30 -6.74
C ILE A 44 -12.03 1.80 -6.85
N LEU A 45 -11.06 2.73 -6.96
CA LEU A 45 -9.64 2.40 -7.14
C LEU A 45 -9.02 1.74 -5.90
N GLY A 46 -9.53 2.06 -4.70
CA GLY A 46 -9.14 1.41 -3.45
C GLY A 46 -9.44 -0.10 -3.47
N VAL A 47 -10.69 -0.48 -3.78
CA VAL A 47 -11.11 -1.89 -3.86
C VAL A 47 -10.30 -2.68 -4.91
N GLU A 48 -10.02 -2.09 -6.06
CA GLU A 48 -9.20 -2.69 -7.12
C GLU A 48 -7.77 -2.98 -6.69
N PHE A 49 -7.13 -2.04 -5.98
CA PHE A 49 -5.77 -2.22 -5.44
C PHE A 49 -5.74 -3.27 -4.31
N VAL A 50 -6.75 -3.27 -3.44
CA VAL A 50 -6.85 -4.21 -2.32
C VAL A 50 -7.07 -5.64 -2.80
N ALA A 51 -7.84 -5.83 -3.88
CA ALA A 51 -7.99 -7.13 -4.54
C ALA A 51 -6.66 -7.65 -5.15
N ALA A 52 -5.83 -6.76 -5.72
CA ALA A 52 -4.50 -7.10 -6.24
C ALA A 52 -3.48 -7.39 -5.10
N VAL A 53 -3.58 -6.67 -3.98
CA VAL A 53 -2.78 -6.89 -2.77
C VAL A 53 -3.07 -8.27 -2.17
N ASN A 54 -4.34 -8.68 -2.06
CA ASN A 54 -4.69 -10.01 -1.52
C ASN A 54 -4.27 -11.18 -2.45
N ALA A 55 -3.97 -10.91 -3.73
CA ALA A 55 -3.35 -11.89 -4.64
C ALA A 55 -1.81 -11.97 -4.47
N ALA A 56 -1.16 -10.89 -4.00
CA ALA A 56 0.29 -10.82 -3.76
C ALA A 56 0.71 -11.13 -2.31
N TYR A 57 -0.20 -10.95 -1.34
CA TYR A 57 0.01 -11.05 0.10
C TYR A 57 -1.20 -11.72 0.77
N PRO A 58 -1.02 -12.86 1.48
CA PRO A 58 -2.11 -13.67 2.04
C PRO A 58 -2.69 -13.12 3.36
N VAL A 59 -2.85 -11.80 3.46
CA VAL A 59 -3.27 -11.09 4.68
C VAL A 59 -4.78 -11.13 4.95
N GLY A 60 -5.61 -11.27 3.92
CA GLY A 60 -7.07 -11.26 4.03
C GLY A 60 -7.66 -9.88 4.38
N VAL A 61 -7.00 -8.80 3.96
CA VAL A 61 -7.32 -7.41 4.32
C VAL A 61 -8.44 -6.82 3.45
N LYS A 62 -9.34 -6.05 4.08
CA LYS A 62 -10.53 -5.45 3.45
C LYS A 62 -10.24 -4.04 2.95
N ALA A 63 -11.12 -3.52 2.10
CA ALA A 63 -11.04 -2.15 1.57
C ALA A 63 -11.20 -1.05 2.65
N THR A 64 -11.54 -1.43 3.89
CA THR A 64 -11.52 -0.50 5.05
C THR A 64 -10.12 -0.01 5.40
N ALA A 65 -9.06 -0.79 5.09
CA ALA A 65 -7.67 -0.40 5.36
C ALA A 65 -7.21 0.82 4.52
N LEU A 66 -7.88 1.11 3.40
CA LEU A 66 -7.60 2.24 2.51
C LEU A 66 -8.17 3.58 3.02
N TYR A 67 -9.10 3.54 3.99
CA TYR A 67 -9.50 4.72 4.77
C TYR A 67 -8.82 4.76 6.15
N ASP A 68 -8.59 3.60 6.78
CA ASP A 68 -8.01 3.50 8.12
C ASP A 68 -6.50 3.85 8.14
N HIS A 69 -5.78 3.59 7.05
CA HIS A 69 -4.41 4.06 6.81
C HIS A 69 -4.44 5.21 5.79
N PRO A 70 -3.70 6.32 6.03
CA PRO A 70 -3.67 7.48 5.14
C PRO A 70 -2.77 7.31 3.89
N THR A 71 -1.72 6.49 3.98
CA THR A 71 -0.64 6.38 2.97
C THR A 71 -0.36 4.92 2.58
N PRO A 72 0.22 4.65 1.39
CA PRO A 72 0.67 3.31 1.00
C PRO A 72 1.75 2.76 1.95
N ALA A 73 2.61 3.61 2.54
CA ALA A 73 3.61 3.19 3.53
C ALA A 73 2.98 2.75 4.86
N ALA A 74 1.94 3.44 5.35
CA ALA A 74 1.21 3.03 6.56
C ALA A 74 0.45 1.71 6.35
N PHE A 75 -0.23 1.57 5.21
CA PHE A 75 -0.94 0.34 4.83
C PHE A 75 0.03 -0.84 4.64
N ALA A 76 1.19 -0.62 4.02
CA ALA A 76 2.22 -1.65 3.85
C ALA A 76 2.83 -2.12 5.18
N ARG A 77 2.93 -1.24 6.19
CA ARG A 77 3.36 -1.61 7.54
C ARG A 77 2.34 -2.46 8.30
N HIS A 78 1.03 -2.31 8.02
CA HIS A 78 0.03 -3.28 8.48
C HIS A 78 0.26 -4.67 7.84
N ILE A 79 0.40 -4.74 6.51
CA ILE A 79 0.75 -6.00 5.80
C ILE A 79 2.04 -6.63 6.37
N ALA A 80 3.07 -5.83 6.65
CA ALA A 80 4.34 -6.30 7.23
C ALA A 80 4.20 -6.84 8.66
N GLU A 81 3.26 -6.33 9.47
CA GLU A 81 2.92 -6.93 10.77
C GLU A 81 2.14 -8.26 10.64
N SER A 82 1.28 -8.38 9.62
CA SER A 82 0.56 -9.63 9.31
C SER A 82 1.47 -10.73 8.76
N LEU A 83 2.49 -10.37 7.96
CA LEU A 83 3.53 -11.29 7.48
C LEU A 83 4.62 -11.59 8.52
N GLY A 84 4.80 -10.71 9.51
CA GLY A 84 5.79 -10.85 10.58
C GLY A 84 7.18 -10.38 10.17
N ALA A 85 7.36 -9.06 10.03
CA ALA A 85 8.67 -8.41 9.93
C ALA A 85 9.49 -8.53 11.22
#